data_3F0W
# 
_entry.id   3F0W 
# 
_audit_conform.dict_name       mmcif_pdbx.dic 
_audit_conform.dict_version    5.380 
_audit_conform.dict_location   http://mmcif.pdb.org/dictionaries/ascii/mmcif_pdbx.dic 
# 
loop_
_database_2.database_id 
_database_2.database_code 
_database_2.pdbx_database_accession 
_database_2.pdbx_DOI 
PDB   3F0W         pdb_00003f0w 10.2210/pdb3f0w/pdb 
RCSB  RCSB050006   ?            ?                   
WWPDB D_1000050006 ?            ?                   
# 
_pdbx_database_status.status_code                     REL 
_pdbx_database_status.entry_id                        3F0W 
_pdbx_database_status.recvd_initial_deposition_date   2008-10-27 
_pdbx_database_status.deposit_site                    RCSB 
_pdbx_database_status.process_site                    PDBJ 
_pdbx_database_status.status_code_sf                  REL 
_pdbx_database_status.status_code_mr                  ? 
_pdbx_database_status.SG_entry                        Y 
_pdbx_database_status.pdb_format_compatible           Y 
_pdbx_database_status.status_code_cs                  ? 
_pdbx_database_status.status_code_nmr_data            ? 
_pdbx_database_status.methods_development_category    ? 
# 
loop_
_audit_author.name 
_audit_author.pdbx_ordinal 
'Lehtio, L.'                           1  
'Moche, M.'                            2  
'Andersson, J.'                        3  
'Arrowsmith, C.H.'                     4  
'Berglund, H.'                         5  
'Bountra, C.'                          6  
'D Busam, R.'                          7  
'Collins, R.'                          8  
'Dahlgren, L.G.'                       9  
'Edwards, A.M.'                        10 
'Flodin, S.'                           11 
'Flores, A.'                           12 
'Graslund, S.'                         13 
'Hammarstrom, M.'                      14 
'Johansson, A.'                        15 
'Johansson, I.'                        16 
'Karlberg, T.'                         17 
'Kotenyova, T.'                        18 
'Nilsson, M.E.'                        19 
'Nyman, T.'                            20 
'Persson, C.'                          21 
'Sagemark, J.'                         22 
'Schueler, H.'                         23 
'Thorsell, A.G.'                       24 
'Tresaugues, L.'                       25 
'Van Den Berg, S.'                     26 
'Weigelt, J.'                          27 
'Welin, M.'                            28 
'Wikstrom, M.'                         29 
'Wisniewska, M.'                       30 
'Nordlund, P.'                         31 
'Structural Genomics Consortium (SGC)' 32 
# 
_citation.id                        primary 
_citation.title                     'Human NUMB-like protein, phosphotyrosine interaction domain' 
_citation.journal_abbrev            'To be Published' 
_citation.journal_volume            ? 
_citation.page_first                ? 
_citation.page_last                 ? 
_citation.year                      ? 
_citation.journal_id_ASTM           ? 
_citation.country                   ? 
_citation.journal_id_ISSN           ? 
_citation.journal_id_CSD            0353 
_citation.book_publisher            ? 
_citation.pdbx_database_id_PubMed   ? 
_citation.pdbx_database_id_DOI      ? 
# 
loop_
_citation_author.citation_id 
_citation_author.name 
_citation_author.ordinal 
_citation_author.identifier_ORCID 
primary 'Lehtio, L.'       1  ? 
primary 'Moche, M.'        2  ? 
primary 'Andersson, J.'    3  ? 
primary 'Arrowsmith, C.H.' 4  ? 
primary 'Berglund, H.'     5  ? 
primary 'Bountra, C.'      6  ? 
primary 'D Busam, R.'      7  ? 
primary 'Collins, R.'      8  ? 
primary 'Dahlgren, L.G.'   9  ? 
primary 'Edwards, A.M.'    10 ? 
primary 'Flodin, S.'       11 ? 
primary 'Flores, A.'       12 ? 
primary 'Graslund, S.'     13 ? 
primary 'Hammarstrom, M.'  14 ? 
primary 'Johansson, A.'    15 ? 
primary 'Johansson, I.'    16 ? 
primary 'Karlberg, T.'     17 ? 
primary 'Kotenyova, T.'    18 ? 
primary 'Nilsson, M.E.'    19 ? 
primary 'Nyman, T.'        20 ? 
primary 'Persson, C.'      21 ? 
primary 'Sagemark, J.'     22 ? 
primary 'Schueler, H.'     23 ? 
primary 'Thorsell, A.G.'   24 ? 
primary 'Tresaugues, L.'   25 ? 
primary 'Van Den Berg, S.' 26 ? 
primary 'Weigelt, J.'      27 ? 
primary 'Welin, M.'        28 ? 
primary 'Wikstrom, M.'     29 ? 
primary 'Wisniewska, M.'   30 ? 
primary 'Nordlund, P.'     31 ? 
# 
_cell.entry_id           3F0W 
_cell.length_a           55.150 
_cell.length_b           55.150 
_cell.length_c           99.350 
_cell.angle_alpha        90.00 
_cell.angle_beta         90.00 
_cell.angle_gamma        120.00 
_cell.Z_PDB              6 
_cell.pdbx_unique_axis   ? 
_cell.length_a_esd       ? 
_cell.length_b_esd       ? 
_cell.length_c_esd       ? 
_cell.angle_alpha_esd    ? 
_cell.angle_beta_esd     ? 
_cell.angle_gamma_esd    ? 
# 
_symmetry.entry_id                         3F0W 
_symmetry.space_group_name_H-M             'P 32 2 1' 
_symmetry.pdbx_full_space_group_name_H-M   ? 
_symmetry.cell_setting                     ? 
_symmetry.Int_Tables_number                154 
_symmetry.space_group_name_Hall            ? 
# 
loop_
_entity.id 
_entity.type 
_entity.src_method 
_entity.pdbx_description 
_entity.formula_weight 
_entity.pdbx_number_of_molecules 
_entity.pdbx_ec 
_entity.pdbx_mutation 
_entity.pdbx_fragment 
_entity.details 
1 polymer     man 'Numb-like protein' 19176.936 1 ? ? 'phosphotyrosine interaction domain, UNP residues 60-204' ? 
2 non-polymer syn 'SULFATE ION'       96.063    1 ? ? ?                                                         ? 
3 non-polymer syn 'CHLORIDE ION'      35.453    2 ? ? ?                                                         ? 
# 
_entity_name_com.entity_id   1 
_entity_name_com.name        Numb-R 
# 
_entity_poly.entity_id                      1 
_entity_poly.type                           'polypeptide(L)' 
_entity_poly.nstd_linkage                   no 
_entity_poly.nstd_monomer                   no 
_entity_poly.pdbx_seq_one_letter_code       
;MHHHHHHSSGVDLGTENLYFQSMASRPHQWQADEDAVRKGTCSFPVRYLGHVEVEESRGMHVCEDAVKKLKAMGRKSVKS
VLWVSADGLRVVDDKTKDLLVDQTIEKVSFCAPDRNLDKAFSYICRDGTTRRWICHCFLALKDSGERLSHAVGCAFAACL
ERKQRREK
;
_entity_poly.pdbx_seq_one_letter_code_can   
;MHHHHHHSSGVDLGTENLYFQSMASRPHQWQADEDAVRKGTCSFPVRYLGHVEVEESRGMHVCEDAVKKLKAMGRKSVKS
VLWVSADGLRVVDDKTKDLLVDQTIEKVSFCAPDRNLDKAFSYICRDGTTRRWICHCFLALKDSGERLSHAVGCAFAACL
ERKQRREK
;
_entity_poly.pdbx_strand_id                 A 
_entity_poly.pdbx_target_identifier         ? 
# 
loop_
_entity_poly_seq.entity_id 
_entity_poly_seq.num 
_entity_poly_seq.mon_id 
_entity_poly_seq.hetero 
1 1   MET n 
1 2   HIS n 
1 3   HIS n 
1 4   HIS n 
1 5   HIS n 
1 6   HIS n 
1 7   HIS n 
1 8   SER n 
1 9   SER n 
1 10  GLY n 
1 11  VAL n 
1 12  ASP n 
1 13  LEU n 
1 14  GLY n 
1 15  THR n 
1 16  GLU n 
1 17  ASN n 
1 18  LEU n 
1 19  TYR n 
1 20  PHE n 
1 21  GLN n 
1 22  SER n 
1 23  MET n 
1 24  ALA n 
1 25  SER n 
1 26  ARG n 
1 27  PRO n 
1 28  HIS n 
1 29  GLN n 
1 30  TRP n 
1 31  GLN n 
1 32  ALA n 
1 33  ASP n 
1 34  GLU n 
1 35  ASP n 
1 36  ALA n 
1 37  VAL n 
1 38  ARG n 
1 39  LYS n 
1 40  GLY n 
1 41  THR n 
1 42  CYS n 
1 43  SER n 
1 44  PHE n 
1 45  PRO n 
1 46  VAL n 
1 47  ARG n 
1 48  TYR n 
1 49  LEU n 
1 50  GLY n 
1 51  HIS n 
1 52  VAL n 
1 53  GLU n 
1 54  VAL n 
1 55  GLU n 
1 56  GLU n 
1 57  SER n 
1 58  ARG n 
1 59  GLY n 
1 60  MET n 
1 61  HIS n 
1 62  VAL n 
1 63  CYS n 
1 64  GLU n 
1 65  ASP n 
1 66  ALA n 
1 67  VAL n 
1 68  LYS n 
1 69  LYS n 
1 70  LEU n 
1 71  LYS n 
1 72  ALA n 
1 73  MET n 
1 74  GLY n 
1 75  ARG n 
1 76  LYS n 
1 77  SER n 
1 78  VAL n 
1 79  LYS n 
1 80  SER n 
1 81  VAL n 
1 82  LEU n 
1 83  TRP n 
1 84  VAL n 
1 85  SER n 
1 86  ALA n 
1 87  ASP n 
1 88  GLY n 
1 89  LEU n 
1 90  ARG n 
1 91  VAL n 
1 92  VAL n 
1 93  ASP n 
1 94  ASP n 
1 95  LYS n 
1 96  THR n 
1 97  LYS n 
1 98  ASP n 
1 99  LEU n 
1 100 LEU n 
1 101 VAL n 
1 102 ASP n 
1 103 GLN n 
1 104 THR n 
1 105 ILE n 
1 106 GLU n 
1 107 LYS n 
1 108 VAL n 
1 109 SER n 
1 110 PHE n 
1 111 CYS n 
1 112 ALA n 
1 113 PRO n 
1 114 ASP n 
1 115 ARG n 
1 116 ASN n 
1 117 LEU n 
1 118 ASP n 
1 119 LYS n 
1 120 ALA n 
1 121 PHE n 
1 122 SER n 
1 123 TYR n 
1 124 ILE n 
1 125 CYS n 
1 126 ARG n 
1 127 ASP n 
1 128 GLY n 
1 129 THR n 
1 130 THR n 
1 131 ARG n 
1 132 ARG n 
1 133 TRP n 
1 134 ILE n 
1 135 CYS n 
1 136 HIS n 
1 137 CYS n 
1 138 PHE n 
1 139 LEU n 
1 140 ALA n 
1 141 LEU n 
1 142 LYS n 
1 143 ASP n 
1 144 SER n 
1 145 GLY n 
1 146 GLU n 
1 147 ARG n 
1 148 LEU n 
1 149 SER n 
1 150 HIS n 
1 151 ALA n 
1 152 VAL n 
1 153 GLY n 
1 154 CYS n 
1 155 ALA n 
1 156 PHE n 
1 157 ALA n 
1 158 ALA n 
1 159 CYS n 
1 160 LEU n 
1 161 GLU n 
1 162 ARG n 
1 163 LYS n 
1 164 GLN n 
1 165 ARG n 
1 166 ARG n 
1 167 GLU n 
1 168 LYS n 
# 
_entity_src_gen.entity_id                          1 
_entity_src_gen.pdbx_src_id                        1 
_entity_src_gen.pdbx_alt_source_flag               sample 
_entity_src_gen.pdbx_seq_type                      ? 
_entity_src_gen.pdbx_beg_seq_num                   ? 
_entity_src_gen.pdbx_end_seq_num                   ? 
_entity_src_gen.gene_src_common_name               Human 
_entity_src_gen.gene_src_genus                     ? 
_entity_src_gen.pdbx_gene_src_gene                 NUMBL 
_entity_src_gen.gene_src_species                   ? 
_entity_src_gen.gene_src_strain                    ? 
_entity_src_gen.gene_src_tissue                    ? 
_entity_src_gen.gene_src_tissue_fraction           ? 
_entity_src_gen.gene_src_details                   ? 
_entity_src_gen.pdbx_gene_src_fragment             ? 
_entity_src_gen.pdbx_gene_src_scientific_name      'Homo sapiens' 
_entity_src_gen.pdbx_gene_src_ncbi_taxonomy_id     9606 
_entity_src_gen.pdbx_gene_src_variant              ? 
_entity_src_gen.pdbx_gene_src_cell_line            ? 
_entity_src_gen.pdbx_gene_src_atcc                 ? 
_entity_src_gen.pdbx_gene_src_organ                ? 
_entity_src_gen.pdbx_gene_src_organelle            ? 
_entity_src_gen.pdbx_gene_src_cell                 ? 
_entity_src_gen.pdbx_gene_src_cellular_location    ? 
_entity_src_gen.host_org_common_name               ? 
_entity_src_gen.pdbx_host_org_scientific_name      'Escherichia coli' 
_entity_src_gen.pdbx_host_org_ncbi_taxonomy_id     562 
_entity_src_gen.host_org_genus                     ? 
_entity_src_gen.pdbx_host_org_gene                 ? 
_entity_src_gen.pdbx_host_org_organ                ? 
_entity_src_gen.host_org_species                   ? 
_entity_src_gen.pdbx_host_org_tissue               ? 
_entity_src_gen.pdbx_host_org_tissue_fraction      ? 
_entity_src_gen.pdbx_host_org_strain               'BL21(DE3) R3 pRARE' 
_entity_src_gen.pdbx_host_org_variant              ? 
_entity_src_gen.pdbx_host_org_cell_line            ? 
_entity_src_gen.pdbx_host_org_atcc                 ? 
_entity_src_gen.pdbx_host_org_culture_collection   ? 
_entity_src_gen.pdbx_host_org_cell                 ? 
_entity_src_gen.pdbx_host_org_organelle            ? 
_entity_src_gen.pdbx_host_org_cellular_location    ? 
_entity_src_gen.pdbx_host_org_vector_type          plasmid 
_entity_src_gen.pdbx_host_org_vector               ? 
_entity_src_gen.host_org_details                   ? 
_entity_src_gen.expression_system_id               ? 
_entity_src_gen.plasmid_name                       pNIC-Bsa4 
_entity_src_gen.plasmid_details                    ? 
_entity_src_gen.pdbx_description                   ? 
# 
_struct_ref.id                         1 
_struct_ref.db_name                    UNP 
_struct_ref.db_code                    NUMBL_HUMAN 
_struct_ref.pdbx_db_accession          Q9Y6R0 
_struct_ref.entity_id                  1 
_struct_ref.pdbx_seq_one_letter_code   
;ASRPHQWQADEDAVRKGTCSFPVRYLGHVEVEESRGMHVCEDAVKKLKAMGRKSVKSVLWVSADGLRVVDDKTKDLLVDQ
TIEKVSFCAPDRNLDKAFSYICRDGTTRRWICHCFLALKDSGERLSHAVGCAFAACLERKQRREK
;
_struct_ref.pdbx_align_begin           60 
_struct_ref.pdbx_db_isoform            ? 
# 
_struct_ref_seq.align_id                      1 
_struct_ref_seq.ref_id                        1 
_struct_ref_seq.pdbx_PDB_id_code              3F0W 
_struct_ref_seq.pdbx_strand_id                A 
_struct_ref_seq.seq_align_beg                 24 
_struct_ref_seq.pdbx_seq_align_beg_ins_code   ? 
_struct_ref_seq.seq_align_end                 168 
_struct_ref_seq.pdbx_seq_align_end_ins_code   ? 
_struct_ref_seq.pdbx_db_accession             Q9Y6R0 
_struct_ref_seq.db_align_beg                  60 
_struct_ref_seq.pdbx_db_align_beg_ins_code    ? 
_struct_ref_seq.db_align_end                  204 
_struct_ref_seq.pdbx_db_align_end_ins_code    ? 
_struct_ref_seq.pdbx_auth_seq_align_beg       60 
_struct_ref_seq.pdbx_auth_seq_align_end       204 
# 
loop_
_struct_ref_seq_dif.align_id 
_struct_ref_seq_dif.pdbx_pdb_id_code 
_struct_ref_seq_dif.mon_id 
_struct_ref_seq_dif.pdbx_pdb_strand_id 
_struct_ref_seq_dif.seq_num 
_struct_ref_seq_dif.pdbx_pdb_ins_code 
_struct_ref_seq_dif.pdbx_seq_db_name 
_struct_ref_seq_dif.pdbx_seq_db_accession_code 
_struct_ref_seq_dif.db_mon_id 
_struct_ref_seq_dif.pdbx_seq_db_seq_num 
_struct_ref_seq_dif.details 
_struct_ref_seq_dif.pdbx_auth_seq_num 
_struct_ref_seq_dif.pdbx_ordinal 
1 3F0W MET A 1  ? UNP Q9Y6R0 ? ? 'initiating methionine' 37 1  
1 3F0W HIS A 2  ? UNP Q9Y6R0 ? ? 'expression tag'        38 2  
1 3F0W HIS A 3  ? UNP Q9Y6R0 ? ? 'expression tag'        39 3  
1 3F0W HIS A 4  ? UNP Q9Y6R0 ? ? 'expression tag'        40 4  
1 3F0W HIS A 5  ? UNP Q9Y6R0 ? ? 'expression tag'        41 5  
1 3F0W HIS A 6  ? UNP Q9Y6R0 ? ? 'expression tag'        42 6  
1 3F0W HIS A 7  ? UNP Q9Y6R0 ? ? 'expression tag'        43 7  
1 3F0W SER A 8  ? UNP Q9Y6R0 ? ? 'expression tag'        44 8  
1 3F0W SER A 9  ? UNP Q9Y6R0 ? ? 'expression tag'        45 9  
1 3F0W GLY A 10 ? UNP Q9Y6R0 ? ? 'expression tag'        46 10 
1 3F0W VAL A 11 ? UNP Q9Y6R0 ? ? 'expression tag'        47 11 
1 3F0W ASP A 12 ? UNP Q9Y6R0 ? ? 'expression tag'        48 12 
1 3F0W LEU A 13 ? UNP Q9Y6R0 ? ? 'expression tag'        49 13 
1 3F0W GLY A 14 ? UNP Q9Y6R0 ? ? 'expression tag'        50 14 
1 3F0W THR A 15 ? UNP Q9Y6R0 ? ? 'expression tag'        51 15 
1 3F0W GLU A 16 ? UNP Q9Y6R0 ? ? 'expression tag'        52 16 
1 3F0W ASN A 17 ? UNP Q9Y6R0 ? ? 'expression tag'        53 17 
1 3F0W LEU A 18 ? UNP Q9Y6R0 ? ? 'expression tag'        54 18 
1 3F0W TYR A 19 ? UNP Q9Y6R0 ? ? 'expression tag'        55 19 
1 3F0W PHE A 20 ? UNP Q9Y6R0 ? ? 'expression tag'        56 20 
1 3F0W GLN A 21 ? UNP Q9Y6R0 ? ? 'expression tag'        57 21 
1 3F0W SER A 22 ? UNP Q9Y6R0 ? ? 'expression tag'        58 22 
1 3F0W MET A 23 ? UNP Q9Y6R0 ? ? 'expression tag'        59 23 
# 
loop_
_chem_comp.id 
_chem_comp.type 
_chem_comp.mon_nstd_flag 
_chem_comp.name 
_chem_comp.pdbx_synonyms 
_chem_comp.formula 
_chem_comp.formula_weight 
ALA 'L-peptide linking' y ALANINE         ? 'C3 H7 N O2'     89.093  
ARG 'L-peptide linking' y ARGININE        ? 'C6 H15 N4 O2 1' 175.209 
ASN 'L-peptide linking' y ASPARAGINE      ? 'C4 H8 N2 O3'    132.118 
ASP 'L-peptide linking' y 'ASPARTIC ACID' ? 'C4 H7 N O4'     133.103 
CL  non-polymer         . 'CHLORIDE ION'  ? 'Cl -1'          35.453  
CYS 'L-peptide linking' y CYSTEINE        ? 'C3 H7 N O2 S'   121.158 
GLN 'L-peptide linking' y GLUTAMINE       ? 'C5 H10 N2 O3'   146.144 
GLU 'L-peptide linking' y 'GLUTAMIC ACID' ? 'C5 H9 N O4'     147.129 
GLY 'peptide linking'   y GLYCINE         ? 'C2 H5 N O2'     75.067  
HIS 'L-peptide linking' y HISTIDINE       ? 'C6 H10 N3 O2 1' 156.162 
ILE 'L-peptide linking' y ISOLEUCINE      ? 'C6 H13 N O2'    131.173 
LEU 'L-peptide linking' y LEUCINE         ? 'C6 H13 N O2'    131.173 
LYS 'L-peptide linking' y LYSINE          ? 'C6 H15 N2 O2 1' 147.195 
MET 'L-peptide linking' y METHIONINE      ? 'C5 H11 N O2 S'  149.211 
PHE 'L-peptide linking' y PHENYLALANINE   ? 'C9 H11 N O2'    165.189 
PRO 'L-peptide linking' y PROLINE         ? 'C5 H9 N O2'     115.130 
SER 'L-peptide linking' y SERINE          ? 'C3 H7 N O3'     105.093 
SO4 non-polymer         . 'SULFATE ION'   ? 'O4 S -2'        96.063  
THR 'L-peptide linking' y THREONINE       ? 'C4 H9 N O3'     119.119 
TRP 'L-peptide linking' y TRYPTOPHAN      ? 'C11 H12 N2 O2'  204.225 
TYR 'L-peptide linking' y TYROSINE        ? 'C9 H11 N O3'    181.189 
VAL 'L-peptide linking' y VALINE          ? 'C5 H11 N O2'    117.146 
# 
_exptl.entry_id          3F0W 
_exptl.method            'X-RAY DIFFRACTION' 
_exptl.crystals_number   1 
# 
_exptl_crystal.id                    1 
_exptl_crystal.density_meas          ? 
_exptl_crystal.density_Matthews      2.27 
_exptl_crystal.density_percent_sol   45.92 
_exptl_crystal.description           ? 
_exptl_crystal.F_000                 ? 
_exptl_crystal.preparation           ? 
# 
_exptl_crystal_grow.crystal_id      1 
_exptl_crystal_grow.method          'VAPOR DIFFUSION, HANGING DROP' 
_exptl_crystal_grow.temp            277 
_exptl_crystal_grow.temp_details    ? 
_exptl_crystal_grow.pH              4.7 
_exptl_crystal_grow.pdbx_details    
'24 % PEG 8000, 0.1M Lithium sulphate, 0.1M Sodium Acetate, pH 4.7, VAPOR DIFFUSION, HANGING DROP, temperature 277K' 
_exptl_crystal_grow.pdbx_pH_range   . 
# 
_diffrn.id                     1 
_diffrn.ambient_temp           100 
_diffrn.ambient_temp_details   ? 
_diffrn.crystal_id             1 
# 
_diffrn_detector.diffrn_id              1 
_diffrn_detector.detector               CCD 
_diffrn_detector.type                   'ADSC QUANTUM 315' 
_diffrn_detector.pdbx_collection_date   2008-04-22 
_diffrn_detector.details                mirrors 
# 
_diffrn_radiation.diffrn_id                        1 
_diffrn_radiation.wavelength_id                    1 
_diffrn_radiation.pdbx_monochromatic_or_laue_m_l   M 
_diffrn_radiation.monochromator                    'Si 111 CHANNEL' 
_diffrn_radiation.pdbx_diffrn_protocol             'SINGLE WAVELENGTH' 
_diffrn_radiation.pdbx_scattering_type             x-ray 
# 
_diffrn_radiation_wavelength.id           1 
_diffrn_radiation_wavelength.wavelength   1.000 
_diffrn_radiation_wavelength.wt           1.0 
# 
_diffrn_source.diffrn_id                   1 
_diffrn_source.source                      SYNCHROTRON 
_diffrn_source.type                        'ESRF BEAMLINE ID23-1' 
_diffrn_source.pdbx_synchrotron_site       ESRF 
_diffrn_source.pdbx_synchrotron_beamline   ID23-1 
_diffrn_source.pdbx_wavelength             ? 
_diffrn_source.pdbx_wavelength_list        1.000 
# 
_reflns.entry_id                     3F0W 
_reflns.observed_criterion_sigma_I   0 
_reflns.observed_criterion_sigma_F   0 
_reflns.d_resolution_low             20 
_reflns.d_resolution_high            2.7 
_reflns.number_obs                   5126 
_reflns.number_all                   5126 
_reflns.percent_possible_obs         99.1 
_reflns.pdbx_Rmerge_I_obs            0.066 
_reflns.pdbx_Rsym_value              ? 
_reflns.pdbx_netI_over_sigmaI        19.28 
_reflns.B_iso_Wilson_estimate        ? 
_reflns.pdbx_redundancy              6.9 
_reflns.R_free_details               ? 
_reflns.limit_h_max                  ? 
_reflns.limit_h_min                  ? 
_reflns.limit_k_max                  ? 
_reflns.limit_k_min                  ? 
_reflns.limit_l_max                  ? 
_reflns.limit_l_min                  ? 
_reflns.observed_criterion_F_max     ? 
_reflns.observed_criterion_F_min     ? 
_reflns.pdbx_chi_squared             ? 
_reflns.pdbx_scaling_rejects         ? 
_reflns.pdbx_ordinal                 1 
_reflns.pdbx_diffrn_id               1 
# 
_reflns_shell.d_res_high             2.7 
_reflns_shell.d_res_low              2.77 
_reflns_shell.percent_possible_all   98.7 
_reflns_shell.Rmerge_I_obs           0.565 
_reflns_shell.pdbx_Rsym_value        ? 
_reflns_shell.meanI_over_sigI_obs    4.03 
_reflns_shell.pdbx_redundancy        7.2 
_reflns_shell.percent_possible_obs   ? 
_reflns_shell.number_unique_all      381 
_reflns_shell.number_measured_all    ? 
_reflns_shell.number_measured_obs    ? 
_reflns_shell.number_unique_obs      ? 
_reflns_shell.pdbx_chi_squared       ? 
_reflns_shell.pdbx_ordinal           1 
_reflns_shell.pdbx_diffrn_id         1 
# 
_refine.entry_id                                 3F0W 
_refine.ls_number_reflns_obs                     4591 
_refine.ls_number_reflns_all                     4591 
_refine.pdbx_ls_sigma_I                          ? 
_refine.pdbx_ls_sigma_F                          0 
_refine.pdbx_data_cutoff_high_absF               ? 
_refine.pdbx_data_cutoff_low_absF                ? 
_refine.pdbx_data_cutoff_high_rms_absF           ? 
_refine.ls_d_res_low                             18.46 
_refine.ls_d_res_high                            2.70 
_refine.ls_percent_reflns_obs                    100.00 
_refine.ls_R_factor_obs                          0.24223 
_refine.ls_R_factor_all                          0.24223 
_refine.ls_R_factor_R_work                       0.23771 
_refine.ls_R_factor_R_free                       0.28115 
_refine.ls_R_factor_R_free_error                 ? 
_refine.ls_R_factor_R_free_error_details         ? 
_refine.ls_percent_reflns_R_free                 10.0 
_refine.ls_number_reflns_R_free                  510 
_refine.ls_number_parameters                     ? 
_refine.ls_number_restraints                     ? 
_refine.occupancy_min                            ? 
_refine.occupancy_max                            ? 
_refine.correlation_coeff_Fo_to_Fc               0.926 
_refine.correlation_coeff_Fo_to_Fc_free          0.903 
_refine.B_iso_mean                               16.449 
_refine.aniso_B[1][1]                            -0.45 
_refine.aniso_B[2][2]                            -0.45 
_refine.aniso_B[3][3]                            0.67 
_refine.aniso_B[1][2]                            -0.22 
_refine.aniso_B[1][3]                            0.00 
_refine.aniso_B[2][3]                            0.00 
_refine.solvent_model_details                    MASK 
_refine.solvent_model_param_ksol                 ? 
_refine.solvent_model_param_bsol                 ? 
_refine.pdbx_solvent_vdw_probe_radii             1.20 
_refine.pdbx_solvent_ion_probe_radii             0.80 
_refine.pdbx_solvent_shrinkage_radii             0.80 
_refine.pdbx_ls_cross_valid_method               THROUGHOUT 
_refine.details                                  'HYDROGENS HAVE BEEN ADDED IN THE RIDING POSITIONS' 
_refine.pdbx_starting_model                      'PDB ENTRY 1WJ1' 
_refine.pdbx_method_to_determine_struct          'MOLECULAR REPLACEMENT' 
_refine.pdbx_isotropic_thermal_model             isotropic 
_refine.pdbx_stereochemistry_target_values       'MAXIMUM LIKELIHOOD' 
_refine.pdbx_stereochem_target_val_spec_case     ? 
_refine.pdbx_R_Free_selection_details            RANDOM 
_refine.pdbx_overall_ESU_R                       ? 
_refine.pdbx_overall_ESU_R_Free                  0.401 
_refine.overall_SU_ML                            0.345 
_refine.overall_SU_B                             38.630 
_refine.ls_redundancy_reflns_obs                 ? 
_refine.B_iso_min                                ? 
_refine.B_iso_max                                ? 
_refine.overall_SU_R_Cruickshank_DPI             ? 
_refine.overall_SU_R_free                        ? 
_refine.ls_wR_factor_R_free                      ? 
_refine.ls_wR_factor_R_work                      ? 
_refine.overall_FOM_free_R_set                   ? 
_refine.overall_FOM_work_R_set                   ? 
_refine.pdbx_refine_id                           'X-RAY DIFFRACTION' 
_refine.pdbx_overall_phase_error                 ? 
_refine.pdbx_TLS_residual_ADP_flag               'LIKELY RESIDUAL' 
_refine.pdbx_diffrn_id                           1 
_refine.pdbx_overall_SU_R_free_Cruickshank_DPI   ? 
_refine.pdbx_overall_SU_R_Blow_DPI               ? 
_refine.pdbx_overall_SU_R_free_Blow_DPI          ? 
# 
_refine_hist.pdbx_refine_id                   'X-RAY DIFFRACTION' 
_refine_hist.cycle_id                         LAST 
_refine_hist.pdbx_number_atoms_protein        1188 
_refine_hist.pdbx_number_atoms_nucleic_acid   0 
_refine_hist.pdbx_number_atoms_ligand         7 
_refine_hist.number_atoms_solvent             0 
_refine_hist.number_atoms_total               1195 
_refine_hist.d_res_high                       2.70 
_refine_hist.d_res_low                        18.46 
# 
loop_
_refine_ls_restr.type 
_refine_ls_restr.dev_ideal 
_refine_ls_restr.dev_ideal_target 
_refine_ls_restr.weight 
_refine_ls_restr.number 
_refine_ls_restr.pdbx_refine_id 
_refine_ls_restr.pdbx_restraint_function 
r_bond_refined_d             0.006  0.021  ? 1213 'X-RAY DIFFRACTION' ? 
r_bond_other_d               0.001  0.020  ? 833  'X-RAY DIFFRACTION' ? 
r_angle_refined_deg          0.923  1.943  ? 1634 'X-RAY DIFFRACTION' ? 
r_angle_other_deg            0.773  3.000  ? 2012 'X-RAY DIFFRACTION' ? 
r_dihedral_angle_1_deg       5.479  5.000  ? 151  'X-RAY DIFFRACTION' ? 
r_dihedral_angle_2_deg       30.663 23.036 ? 56   'X-RAY DIFFRACTION' ? 
r_dihedral_angle_3_deg       13.961 15.000 ? 210  'X-RAY DIFFRACTION' ? 
r_dihedral_angle_4_deg       14.151 15.000 ? 11   'X-RAY DIFFRACTION' ? 
r_chiral_restr               0.055  0.200  ? 179  'X-RAY DIFFRACTION' ? 
r_gen_planes_refined         0.003  0.020  ? 1353 'X-RAY DIFFRACTION' ? 
r_gen_planes_other           0.001  0.020  ? 259  'X-RAY DIFFRACTION' ? 
r_nbd_refined                ?      ?      ? ?    'X-RAY DIFFRACTION' ? 
r_nbd_other                  ?      ?      ? ?    'X-RAY DIFFRACTION' ? 
r_nbtor_refined              ?      ?      ? ?    'X-RAY DIFFRACTION' ? 
r_nbtor_other                ?      ?      ? ?    'X-RAY DIFFRACTION' ? 
r_xyhbond_nbd_refined        ?      ?      ? ?    'X-RAY DIFFRACTION' ? 
r_xyhbond_nbd_other          ?      ?      ? ?    'X-RAY DIFFRACTION' ? 
r_metal_ion_refined          ?      ?      ? ?    'X-RAY DIFFRACTION' ? 
r_metal_ion_other            ?      ?      ? ?    'X-RAY DIFFRACTION' ? 
r_symmetry_vdw_refined       ?      ?      ? ?    'X-RAY DIFFRACTION' ? 
r_symmetry_vdw_other         ?      ?      ? ?    'X-RAY DIFFRACTION' ? 
r_symmetry_hbond_refined     ?      ?      ? ?    'X-RAY DIFFRACTION' ? 
r_symmetry_hbond_other       ?      ?      ? ?    'X-RAY DIFFRACTION' ? 
r_symmetry_metal_ion_refined ?      ?      ? ?    'X-RAY DIFFRACTION' ? 
r_symmetry_metal_ion_other   ?      ?      ? ?    'X-RAY DIFFRACTION' ? 
r_mcbond_it                  0.230  1.500  ? 757  'X-RAY DIFFRACTION' ? 
r_mcbond_other               0.029  1.500  ? 311  'X-RAY DIFFRACTION' ? 
r_mcangle_it                 0.445  2.000  ? 1205 'X-RAY DIFFRACTION' ? 
r_scbond_it                  0.591  3.000  ? 456  'X-RAY DIFFRACTION' ? 
r_scangle_it                 1.034  4.500  ? 429  'X-RAY DIFFRACTION' ? 
r_rigid_bond_restr           ?      ?      ? ?    'X-RAY DIFFRACTION' ? 
r_sphericity_free            ?      ?      ? ?    'X-RAY DIFFRACTION' ? 
r_sphericity_bonded          ?      ?      ? ?    'X-RAY DIFFRACTION' ? 
# 
_refine_ls_shell.pdbx_total_number_of_bins_used   20 
_refine_ls_shell.d_res_high                       2.701 
_refine_ls_shell.d_res_low                        2.769 
_refine_ls_shell.number_reflns_R_work             334 
_refine_ls_shell.R_factor_R_work                  0.346 
_refine_ls_shell.percent_reflns_obs               100.00 
_refine_ls_shell.R_factor_R_free                  0.374 
_refine_ls_shell.R_factor_R_free_error            ? 
_refine_ls_shell.percent_reflns_R_free            ? 
_refine_ls_shell.number_reflns_R_free             37 
_refine_ls_shell.number_reflns_all                ? 
_refine_ls_shell.R_factor_all                     ? 
_refine_ls_shell.number_reflns_obs                ? 
_refine_ls_shell.redundancy_reflns_obs            ? 
_refine_ls_shell.pdbx_refine_id                   'X-RAY DIFFRACTION' 
# 
_struct.entry_id                  3F0W 
_struct.title                     'Human NUMB-like protein, phosphotyrosine interaction domain' 
_struct.pdbx_model_details        ? 
_struct.pdbx_CASP_flag            ? 
_struct.pdbx_model_type_details   ? 
# 
_struct_keywords.entry_id        3F0W 
_struct_keywords.pdbx_keywords   'SIGNALING PROTEIN' 
_struct_keywords.text            
'PH domain-like, PID domain, Phosphoprotein, Signaling Protein, Structural Genomics, Structural Genomics Consortium, SGC' 
# 
loop_
_struct_asym.id 
_struct_asym.pdbx_blank_PDB_chainid_flag 
_struct_asym.pdbx_modified 
_struct_asym.entity_id 
_struct_asym.details 
A N N 1 ? 
B N N 2 ? 
C N N 3 ? 
D N N 3 ? 
# 
_struct_biol.id        1 
_struct_biol.details   
'Asymmetric unit contains a biological monomer. Strong interactions generated by symmetry are formed by the expression tag.' 
# 
loop_
_struct_conf.conf_type_id 
_struct_conf.id 
_struct_conf.pdbx_PDB_helix_id 
_struct_conf.beg_label_comp_id 
_struct_conf.beg_label_asym_id 
_struct_conf.beg_label_seq_id 
_struct_conf.pdbx_beg_PDB_ins_code 
_struct_conf.end_label_comp_id 
_struct_conf.end_label_asym_id 
_struct_conf.end_label_seq_id 
_struct_conf.pdbx_end_PDB_ins_code 
_struct_conf.beg_auth_comp_id 
_struct_conf.beg_auth_asym_id 
_struct_conf.beg_auth_seq_id 
_struct_conf.end_auth_comp_id 
_struct_conf.end_auth_asym_id 
_struct_conf.end_auth_seq_id 
_struct_conf.pdbx_PDB_helix_class 
_struct_conf.details 
_struct_conf.pdbx_PDB_helix_length 
HELX_P HELX_P1 1 ASN A 17  ? SER A 25  ? ASN A 53  SER A 61  1 ? 9  
HELX_P HELX_P2 2 TRP A 30  ? LYS A 39  ? TRP A 66  LYS A 75  1 ? 10 
HELX_P HELX_P3 3 GLY A 59  ? ALA A 72  ? GLY A 95  ALA A 108 1 ? 14 
HELX_P HELX_P4 4 SER A 144 ? ARG A 166 ? SER A 180 ARG A 202 1 ? 23 
# 
_struct_conf_type.id          HELX_P 
_struct_conf_type.criteria    ? 
_struct_conf_type.reference   ? 
# 
_struct_sheet.id               A 
_struct_sheet.type             ? 
_struct_sheet.number_strands   7 
_struct_sheet.details          ? 
# 
loop_
_struct_sheet_order.sheet_id 
_struct_sheet_order.range_id_1 
_struct_sheet_order.range_id_2 
_struct_sheet_order.offset 
_struct_sheet_order.sense 
A 1 2 ? anti-parallel 
A 2 3 ? anti-parallel 
A 3 4 ? anti-parallel 
A 4 5 ? anti-parallel 
A 5 6 ? anti-parallel 
A 6 7 ? anti-parallel 
# 
loop_
_struct_sheet_range.sheet_id 
_struct_sheet_range.id 
_struct_sheet_range.beg_label_comp_id 
_struct_sheet_range.beg_label_asym_id 
_struct_sheet_range.beg_label_seq_id 
_struct_sheet_range.pdbx_beg_PDB_ins_code 
_struct_sheet_range.end_label_comp_id 
_struct_sheet_range.end_label_asym_id 
_struct_sheet_range.end_label_seq_id 
_struct_sheet_range.pdbx_end_PDB_ins_code 
_struct_sheet_range.beg_auth_comp_id 
_struct_sheet_range.beg_auth_asym_id 
_struct_sheet_range.beg_auth_seq_id 
_struct_sheet_range.end_auth_comp_id 
_struct_sheet_range.end_auth_asym_id 
_struct_sheet_range.end_auth_seq_id 
A 1 LEU A 99  ? THR A 104 ? LEU A 135 THR A 140 
A 2 GLY A 88  ? ASP A 93  ? GLY A 124 ASP A 129 
A 3 VAL A 78  ? VAL A 84  ? VAL A 114 VAL A 120 
A 4 CYS A 42  ? VAL A 54  ? CYS A 78  VAL A 90  
A 5 ARG A 132 ? ALA A 140 ? ARG A 168 ALA A 176 
A 6 ALA A 120 ? ASP A 127 ? ALA A 156 ASP A 163 
A 7 VAL A 108 ? PRO A 113 ? VAL A 144 PRO A 149 
# 
loop_
_pdbx_struct_sheet_hbond.sheet_id 
_pdbx_struct_sheet_hbond.range_id_1 
_pdbx_struct_sheet_hbond.range_id_2 
_pdbx_struct_sheet_hbond.range_1_label_atom_id 
_pdbx_struct_sheet_hbond.range_1_label_comp_id 
_pdbx_struct_sheet_hbond.range_1_label_asym_id 
_pdbx_struct_sheet_hbond.range_1_label_seq_id 
_pdbx_struct_sheet_hbond.range_1_PDB_ins_code 
_pdbx_struct_sheet_hbond.range_1_auth_atom_id 
_pdbx_struct_sheet_hbond.range_1_auth_comp_id 
_pdbx_struct_sheet_hbond.range_1_auth_asym_id 
_pdbx_struct_sheet_hbond.range_1_auth_seq_id 
_pdbx_struct_sheet_hbond.range_2_label_atom_id 
_pdbx_struct_sheet_hbond.range_2_label_comp_id 
_pdbx_struct_sheet_hbond.range_2_label_asym_id 
_pdbx_struct_sheet_hbond.range_2_label_seq_id 
_pdbx_struct_sheet_hbond.range_2_PDB_ins_code 
_pdbx_struct_sheet_hbond.range_2_auth_atom_id 
_pdbx_struct_sheet_hbond.range_2_auth_comp_id 
_pdbx_struct_sheet_hbond.range_2_auth_asym_id 
_pdbx_struct_sheet_hbond.range_2_auth_seq_id 
A 1 2 O GLN A 103 ? O GLN A 139 N LEU A 89  ? N LEU A 125 
A 2 3 O ARG A 90  ? O ARG A 126 N TRP A 83  ? N TRP A 119 
A 3 4 O VAL A 84  ? O VAL A 120 N CYS A 42  ? N CYS A 78  
A 4 5 N VAL A 52  ? N VAL A 88  O CYS A 135 ? O CYS A 171 
A 5 6 O ILE A 134 ? O ILE A 170 N CYS A 125 ? N CYS A 161 
A 6 7 O ILE A 124 ? O ILE A 160 N PHE A 110 ? N PHE A 146 
# 
loop_
_struct_site.id 
_struct_site.pdbx_evidence_code 
_struct_site.pdbx_auth_asym_id 
_struct_site.pdbx_auth_comp_id 
_struct_site.pdbx_auth_seq_id 
_struct_site.pdbx_auth_ins_code 
_struct_site.pdbx_num_residues 
_struct_site.details 
AC1 Software A SO4 3 ? 4 'BINDING SITE FOR RESIDUE SO4 A 3' 
AC2 Software A CL  1 ? 3 'BINDING SITE FOR RESIDUE CL A 1'  
AC3 Software A CL  2 ? 2 'BINDING SITE FOR RESIDUE CL A 2'  
# 
loop_
_struct_site_gen.id 
_struct_site_gen.site_id 
_struct_site_gen.pdbx_num_res 
_struct_site_gen.label_comp_id 
_struct_site_gen.label_asym_id 
_struct_site_gen.label_seq_id 
_struct_site_gen.pdbx_auth_ins_code 
_struct_site_gen.auth_comp_id 
_struct_site_gen.auth_asym_id 
_struct_site_gen.auth_seq_id 
_struct_site_gen.label_atom_id 
_struct_site_gen.label_alt_id 
_struct_site_gen.symmetry 
_struct_site_gen.details 
1 AC1 4 ARG A 58  ? ARG A 94  . ? 1_555 ? 
2 AC1 4 GLY A 59  ? GLY A 95  . ? 1_555 ? 
3 AC1 4 MET A 60  ? MET A 96  . ? 1_555 ? 
4 AC1 4 HIS A 61  ? HIS A 97  . ? 1_555 ? 
5 AC2 3 ARG A 38  ? ARG A 74  . ? 1_555 ? 
6 AC2 3 ARG A 162 ? ARG A 198 . ? 1_555 ? 
7 AC2 3 ARG A 165 ? ARG A 201 . ? 1_555 ? 
8 AC3 2 GLU A 16  ? GLU A 52  . ? 1_555 ? 
9 AC3 2 ARG A 58  ? ARG A 94  . ? 1_555 ? 
# 
_atom_sites.entry_id                    3F0W 
_atom_sites.fract_transf_matrix[1][1]   -0.00886557 
_atom_sites.fract_transf_matrix[1][2]   -0.00589654 
_atom_sites.fract_transf_matrix[1][3]   -0.01802781 
_atom_sites.fract_transf_matrix[2][1]   0.01184887 
_atom_sites.fract_transf_matrix[2][2]   -0.00759337 
_atom_sites.fract_transf_matrix[2][3]   -0.01550171 
_atom_sites.fract_transf_matrix[3][1]   -0.00120594 
_atom_sites.fract_transf_matrix[3][2]   -0.00930703 
_atom_sites.fract_transf_matrix[3][3]   0.00363719 
_atom_sites.fract_transf_vector[1]      -0.425037 
_atom_sites.fract_transf_vector[2]      0.065618 
_atom_sites.fract_transf_vector[3]      -0.205786 
# 
loop_
_atom_type.symbol 
C  
CL 
N  
O  
S  
# 
loop_
_atom_site.group_PDB 
_atom_site.id 
_atom_site.type_symbol 
_atom_site.label_atom_id 
_atom_site.label_alt_id 
_atom_site.label_comp_id 
_atom_site.label_asym_id 
_atom_site.label_entity_id 
_atom_site.label_seq_id 
_atom_site.pdbx_PDB_ins_code 
_atom_site.Cartn_x 
_atom_site.Cartn_y 
_atom_site.Cartn_z 
_atom_site.occupancy 
_atom_site.B_iso_or_equiv 
_atom_site.pdbx_formal_charge 
_atom_site.auth_seq_id 
_atom_site.auth_comp_id 
_atom_site.auth_asym_id 
_atom_site.auth_atom_id 
_atom_site.pdbx_PDB_model_num 
ATOM   1    N  N   . ASP A 1 12  ? 0.203   10.980  -12.928 1.00 9.36  ? 48  ASP A N   1 
ATOM   2    C  CA  . ASP A 1 12  ? -0.288  12.385  -13.036 1.00 9.31  ? 48  ASP A CA  1 
ATOM   3    C  C   . ASP A 1 12  ? 0.501   13.329  -12.135 1.00 9.20  ? 48  ASP A C   1 
ATOM   4    O  O   . ASP A 1 12  ? 1.317   12.895  -11.320 1.00 9.28  ? 48  ASP A O   1 
ATOM   5    C  CB  . ASP A 1 12  ? -1.773  12.457  -12.665 1.00 9.34  ? 48  ASP A CB  1 
ATOM   6    N  N   . LEU A 1 13  ? 0.261   14.624  -12.311 1.00 9.05  ? 49  LEU A N   1 
ATOM   7    C  CA  . LEU A 1 13  ? 0.743   15.641  -11.384 1.00 8.83  ? 49  LEU A CA  1 
ATOM   8    C  C   . LEU A 1 13  ? -0.376  15.881  -10.382 1.00 8.58  ? 49  LEU A C   1 
ATOM   9    O  O   . LEU A 1 13  ? -1.538  16.018  -10.760 1.00 8.89  ? 49  LEU A O   1 
ATOM   10   C  CB  . LEU A 1 13  ? 1.091   16.927  -12.131 1.00 8.85  ? 49  LEU A CB  1 
ATOM   11   N  N   . GLY A 1 14  ? -0.027  15.917  -9.104  1.00 8.26  ? 50  GLY A N   1 
ATOM   12   C  CA  . GLY A 1 14  ? -1.015  15.958  -8.026  1.00 7.86  ? 50  GLY A CA  1 
ATOM   13   C  C   . GLY A 1 14  ? -0.330  15.517  -6.750  1.00 7.60  ? 50  GLY A C   1 
ATOM   14   O  O   . GLY A 1 14  ? 0.331   14.477  -6.725  1.00 7.36  ? 50  GLY A O   1 
ATOM   15   N  N   . THR A 1 15  ? -0.473  16.316  -5.698  1.00 7.42  ? 51  THR A N   1 
ATOM   16   C  CA  . THR A 1 15  ? 0.328   16.151  -4.494  1.00 7.38  ? 51  THR A CA  1 
ATOM   17   C  C   . THR A 1 15  ? -0.489  16.396  -3.237  1.00 7.55  ? 51  THR A C   1 
ATOM   18   O  O   . THR A 1 15  ? -1.023  17.483  -3.033  1.00 7.68  ? 51  THR A O   1 
ATOM   19   C  CB  . THR A 1 15  ? 1.512   17.127  -4.485  1.00 7.22  ? 51  THR A CB  1 
ATOM   20   O  OG1 . THR A 1 15  ? 2.210   17.041  -5.732  1.00 7.91  ? 51  THR A OG1 1 
ATOM   21   C  CG2 . THR A 1 15  ? 2.467   16.808  -3.355  1.00 6.70  ? 51  THR A CG2 1 
ATOM   22   N  N   . GLU A 1 16  ? -0.568  15.369  -2.399  1.00 7.77  ? 52  GLU A N   1 
ATOM   23   C  CA  . GLU A 1 16  ? -1.172  15.473  -1.084  1.00 8.02  ? 52  GLU A CA  1 
ATOM   24   C  C   . GLU A 1 16  ? -0.102  15.897  -0.098  1.00 7.89  ? 52  GLU A C   1 
ATOM   25   O  O   . GLU A 1 16  ? 1.017   15.391  -0.138  1.00 7.84  ? 52  GLU A O   1 
ATOM   26   C  CB  . GLU A 1 16  ? -1.772  14.119  -0.673  1.00 8.26  ? 52  GLU A CB  1 
ATOM   27   C  CG  . GLU A 1 16  ? -2.101  13.956  0.813   1.00 9.19  ? 52  GLU A CG  1 
ATOM   28   C  CD  . GLU A 1 16  ? -3.207  14.879  1.292   1.00 10.35 ? 52  GLU A CD  1 
ATOM   29   O  OE1 . GLU A 1 16  ? -3.901  15.489  0.447   1.00 11.16 ? 52  GLU A OE1 1 
ATOM   30   O  OE2 . GLU A 1 16  ? -3.391  14.984  2.524   1.00 11.12 ? 52  GLU A OE2 1 
ATOM   31   N  N   . ASN A 1 17  ? -0.450  16.829  0.782   1.00 7.96  ? 53  ASN A N   1 
ATOM   32   C  CA  . ASN A 1 17  ? 0.421   17.202  1.890   1.00 8.13  ? 53  ASN A CA  1 
ATOM   33   C  C   . ASN A 1 17  ? 0.438   16.075  2.931   1.00 8.33  ? 53  ASN A C   1 
ATOM   34   O  O   . ASN A 1 17  ? -0.529  15.903  3.672   1.00 8.01  ? 53  ASN A O   1 
ATOM   35   C  CB  . ASN A 1 17  ? -0.060  18.515  2.520   1.00 7.94  ? 53  ASN A CB  1 
ATOM   36   C  CG  . ASN A 1 17  ? 0.925   19.085  3.529   1.00 7.46  ? 53  ASN A CG  1 
ATOM   37   O  OD1 . ASN A 1 17  ? 1.707   18.361  4.134   1.00 6.42  ? 53  ASN A OD1 1 
ATOM   38   N  ND2 . ASN A 1 17  ? 0.878   20.396  3.714   1.00 7.22  ? 53  ASN A ND2 1 
ATOM   39   N  N   . LEU A 1 18  ? 1.540   15.317  2.976   1.00 8.57  ? 54  LEU A N   1 
ATOM   40   C  CA  . LEU A 1 18  ? 1.661   14.166  3.887   1.00 8.90  ? 54  LEU A CA  1 
ATOM   41   C  C   . LEU A 1 18  ? 1.578   14.563  5.357   1.00 8.95  ? 54  LEU A C   1 
ATOM   42   O  O   . LEU A 1 18  ? 1.040   13.817  6.174   1.00 8.95  ? 54  LEU A O   1 
ATOM   43   C  CB  . LEU A 1 18  ? 2.981   13.411  3.680   1.00 9.00  ? 54  LEU A CB  1 
ATOM   44   C  CG  . LEU A 1 18  ? 3.273   12.710  2.354   1.00 9.12  ? 54  LEU A CG  1 
ATOM   45   C  CD1 . LEU A 1 18  ? 4.576   11.917  2.479   1.00 8.54  ? 54  LEU A CD1 1 
ATOM   46   C  CD2 . LEU A 1 18  ? 2.127   11.807  1.938   1.00 9.65  ? 54  LEU A CD2 1 
ATOM   47   N  N   . TYR A 1 19  ? 2.138   15.717  5.699   1.00 9.05  ? 55  TYR A N   1 
ATOM   48   C  CA  . TYR A 1 19  ? 2.053   16.208  7.070   1.00 9.21  ? 55  TYR A CA  1 
ATOM   49   C  C   . TYR A 1 19  ? 0.594   16.438  7.488   1.00 9.13  ? 55  TYR A C   1 
ATOM   50   O  O   . TYR A 1 19  ? 0.189   16.028  8.578   1.00 9.34  ? 55  TYR A O   1 
ATOM   51   C  CB  . TYR A 1 19  ? 2.871   17.486  7.260   1.00 9.14  ? 55  TYR A CB  1 
ATOM   52   C  CG  . TYR A 1 19  ? 2.664   18.112  8.612   1.00 9.89  ? 55  TYR A CG  1 
ATOM   53   C  CD1 . TYR A 1 19  ? 1.817   19.209  8.770   1.00 10.41 ? 55  TYR A CD1 1 
ATOM   54   C  CD2 . TYR A 1 19  ? 3.285   17.590  9.746   1.00 10.63 ? 55  TYR A CD2 1 
ATOM   55   C  CE1 . TYR A 1 19  ? 1.611   19.785  10.020  1.00 10.89 ? 55  TYR A CE1 1 
ATOM   56   C  CE2 . TYR A 1 19  ? 3.083   18.160  11.002  1.00 11.13 ? 55  TYR A CE2 1 
ATOM   57   C  CZ  . TYR A 1 19  ? 2.243   19.257  11.129  1.00 11.40 ? 55  TYR A CZ  1 
ATOM   58   O  OH  . TYR A 1 19  ? 2.031   19.834  12.361  1.00 12.88 ? 55  TYR A OH  1 
ATOM   59   N  N   . PHE A 1 20  ? -0.188  17.079  6.625   1.00 8.94  ? 56  PHE A N   1 
ATOM   60   C  CA  . PHE A 1 20  ? -1.588  17.375  6.939   1.00 8.84  ? 56  PHE A CA  1 
ATOM   61   C  C   . PHE A 1 20  ? -2.387  16.104  7.245   1.00 8.82  ? 56  PHE A C   1 
ATOM   62   O  O   . PHE A 1 20  ? -3.122  16.052  8.237   1.00 8.75  ? 56  PHE A O   1 
ATOM   63   C  CB  . PHE A 1 20  ? -2.261  18.149  5.796   1.00 8.71  ? 56  PHE A CB  1 
ATOM   64   C  CG  . PHE A 1 20  ? -3.708  18.475  6.053   1.00 8.43  ? 56  PHE A CG  1 
ATOM   65   C  CD1 . PHE A 1 20  ? -4.076  19.724  6.526   1.00 8.00  ? 56  PHE A CD1 1 
ATOM   66   C  CD2 . PHE A 1 20  ? -4.706  17.526  5.830   1.00 8.98  ? 56  PHE A CD2 1 
ATOM   67   C  CE1 . PHE A 1 20  ? -5.409  20.038  6.765   1.00 7.80  ? 56  PHE A CE1 1 
ATOM   68   C  CE2 . PHE A 1 20  ? -6.047  17.825  6.074   1.00 8.80  ? 56  PHE A CE2 1 
ATOM   69   C  CZ  . PHE A 1 20  ? -6.397  19.087  6.541   1.00 8.62  ? 56  PHE A CZ  1 
ATOM   70   N  N   . GLN A 1 21  ? -2.260  15.094  6.391   1.00 8.86  ? 57  GLN A N   1 
ATOM   71   C  CA  . GLN A 1 21  ? -3.038  13.861  6.567   1.00 9.04  ? 57  GLN A CA  1 
ATOM   72   C  C   . GLN A 1 21  ? -2.517  12.983  7.709   1.00 9.03  ? 57  GLN A C   1 
ATOM   73   O  O   . GLN A 1 21  ? -3.257  12.158  8.246   1.00 9.21  ? 57  GLN A O   1 
ATOM   74   C  CB  . GLN A 1 21  ? -3.159  13.059  5.266   1.00 8.86  ? 57  GLN A CB  1 
ATOM   75   C  CG  . GLN A 1 21  ? -1.864  12.720  4.596   1.00 9.21  ? 57  GLN A CG  1 
ATOM   76   C  CD  . GLN A 1 21  ? -2.038  11.707  3.481   1.00 9.86  ? 57  GLN A CD  1 
ATOM   77   O  OE1 . GLN A 1 21  ? -3.123  11.564  2.907   1.00 9.33  ? 57  GLN A OE1 1 
ATOM   78   N  NE2 . GLN A 1 21  ? -0.959  11.000  3.161   1.00 10.39 ? 57  GLN A NE2 1 
ATOM   79   N  N   . SER A 1 22  ? -1.259  13.166  8.085   1.00 8.99  ? 58  SER A N   1 
ATOM   80   C  CA  . SER A 1 22  ? -0.735  12.512  9.266   1.00 9.12  ? 58  SER A CA  1 
ATOM   81   C  C   . SER A 1 22  ? -1.446  13.018  10.518  1.00 9.16  ? 58  SER A C   1 
ATOM   82   O  O   . SER A 1 22  ? -1.816  12.222  11.398  1.00 9.30  ? 58  SER A O   1 
ATOM   83   C  CB  . SER A 1 22  ? 0.771   12.726  9.377   1.00 9.18  ? 58  SER A CB  1 
ATOM   84   O  OG  . SER A 1 22  ? 1.443   11.843  8.501   1.00 9.91  ? 58  SER A OG  1 
ATOM   85   N  N   . MET A 1 23  ? -1.654  14.331  10.588  1.00 9.00  ? 59  MET A N   1 
ATOM   86   C  CA  . MET A 1 23  ? -2.333  14.941  11.733  1.00 8.90  ? 59  MET A CA  1 
ATOM   87   C  C   . MET A 1 23  ? -3.831  14.624  11.784  1.00 8.65  ? 59  MET A C   1 
ATOM   88   O  O   . MET A 1 23  ? -4.428  14.663  12.854  1.00 8.74  ? 59  MET A O   1 
ATOM   89   C  CB  . MET A 1 23  ? -2.126  16.460  11.745  1.00 9.02  ? 59  MET A CB  1 
ATOM   90   C  CG  . MET A 1 23  ? -0.668  16.936  11.819  1.00 9.36  ? 59  MET A CG  1 
ATOM   91   S  SD  . MET A 1 23  ? 0.382   15.985  12.936  1.00 10.60 ? 59  MET A SD  1 
ATOM   92   C  CE  . MET A 1 23  ? 1.422   17.253  13.662  1.00 9.75  ? 59  MET A CE  1 
ATOM   93   N  N   . ALA A 1 24  ? -4.433  14.309  10.639  1.00 8.48  ? 60  ALA A N   1 
ATOM   94   C  CA  . ALA A 1 24  ? -5.861  13.978  10.580  1.00 8.38  ? 60  ALA A CA  1 
ATOM   95   C  C   . ALA A 1 24  ? -6.165  12.549  11.072  1.00 8.38  ? 60  ALA A C   1 
ATOM   96   O  O   . ALA A 1 24  ? -7.149  12.324  11.785  1.00 8.21  ? 60  ALA A O   1 
ATOM   97   C  CB  . ALA A 1 24  ? -6.389  14.176  9.158   1.00 8.22  ? 60  ALA A CB  1 
ATOM   98   N  N   . SER A 1 25  ? -5.298  11.604  10.698  1.00 8.33  ? 61  SER A N   1 
ATOM   99   C  CA  . SER A 1 25  ? -5.491  10.173  10.955  1.00 8.16  ? 61  SER A CA  1 
ATOM   100  C  C   . SER A 1 25  ? -5.100  9.788   12.380  1.00 8.02  ? 61  SER A C   1 
ATOM   101  O  O   . SER A 1 25  ? -4.096  9.116   12.592  1.00 7.90  ? 61  SER A O   1 
ATOM   102  C  CB  . SER A 1 25  ? -4.640  9.359   9.970   1.00 8.27  ? 61  SER A CB  1 
ATOM   103  O  OG  . SER A 1 25  ? -4.614  9.941   8.674   1.00 8.40  ? 61  SER A OG  1 
ATOM   104  N  N   . ARG A 1 26  ? -5.902  10.181  13.360  1.00 8.20  ? 62  ARG A N   1 
ATOM   105  C  CA  . ARG A 1 26  ? -5.498  10.030  14.760  1.00 8.31  ? 62  ARG A CA  1 
ATOM   106  C  C   . ARG A 1 26  ? -6.393  9.147   15.641  1.00 8.22  ? 62  ARG A C   1 
ATOM   107  O  O   . ARG A 1 26  ? -6.594  9.459   16.812  1.00 8.32  ? 62  ARG A O   1 
ATOM   108  C  CB  . ARG A 1 26  ? -5.304  11.420  15.400  1.00 8.50  ? 62  ARG A CB  1 
ATOM   109  C  CG  . ARG A 1 26  ? -6.479  12.396  15.274  1.00 8.49  ? 62  ARG A CG  1 
ATOM   110  C  CD  . ARG A 1 26  ? -5.997  13.824  15.495  1.00 8.74  ? 62  ARG A CD  1 
ATOM   111  N  NE  . ARG A 1 26  ? -7.075  14.813  15.458  1.00 8.97  ? 62  ARG A NE  1 
ATOM   112  C  CZ  . ARG A 1 26  ? -7.775  15.234  16.514  1.00 9.16  ? 62  ARG A CZ  1 
ATOM   113  N  NH1 . ARG A 1 26  ? -7.540  14.756  17.735  1.00 9.08  ? 62  ARG A NH1 1 
ATOM   114  N  NH2 . ARG A 1 26  ? -8.728  16.146  16.349  1.00 9.46  ? 62  ARG A NH2 1 
ATOM   115  N  N   . PRO A 1 27  ? -6.917  8.032   15.098  1.00 8.18  ? 63  PRO A N   1 
ATOM   116  C  CA  . PRO A 1 27  ? -7.482  7.054   16.031  1.00 8.25  ? 63  PRO A CA  1 
ATOM   117  C  C   . PRO A 1 27  ? -6.392  6.452   16.922  1.00 8.39  ? 63  PRO A C   1 
ATOM   118  O  O   . PRO A 1 27  ? -5.343  6.062   16.411  1.00 8.19  ? 63  PRO A O   1 
ATOM   119  C  CB  . PRO A 1 27  ? -8.072  5.979   15.109  1.00 8.25  ? 63  PRO A CB  1 
ATOM   120  C  CG  . PRO A 1 27  ? -8.232  6.632   13.790  1.00 8.16  ? 63  PRO A CG  1 
ATOM   121  C  CD  . PRO A 1 27  ? -7.159  7.655   13.694  1.00 8.11  ? 63  PRO A CD  1 
ATOM   122  N  N   . HIS A 1 28  ? -6.633  6.363   18.232  1.00 8.77  ? 64  HIS A N   1 
ATOM   123  C  CA  . HIS A 1 28  ? -5.609  5.847   19.157  1.00 9.10  ? 64  HIS A CA  1 
ATOM   124  C  C   . HIS A 1 28  ? -5.421  4.321   19.083  1.00 9.25  ? 64  HIS A C   1 
ATOM   125  O  O   . HIS A 1 28  ? -5.318  3.641   20.105  1.00 9.51  ? 64  HIS A O   1 
ATOM   126  C  CB  . HIS A 1 28  ? -5.826  6.341   20.604  1.00 9.12  ? 64  HIS A CB  1 
ATOM   127  C  CG  . HIS A 1 28  ? -7.118  5.910   21.236  1.00 9.89  ? 64  HIS A CG  1 
ATOM   128  N  ND1 . HIS A 1 28  ? -7.445  4.588   21.456  1.00 10.89 ? 64  HIS A ND1 1 
ATOM   129  C  CD2 . HIS A 1 28  ? -8.132  6.639   21.767  1.00 10.80 ? 64  HIS A CD2 1 
ATOM   130  C  CE1 . HIS A 1 28  ? -8.619  4.520   22.062  1.00 10.99 ? 64  HIS A CE1 1 
ATOM   131  N  NE2 . HIS A 1 28  ? -9.056  5.751   22.264  1.00 10.81 ? 64  HIS A NE2 1 
ATOM   132  N  N   . GLN A 1 29  ? -5.400  3.807   17.854  1.00 9.27  ? 65  GLN A N   1 
ATOM   133  C  CA  . GLN A 1 29  ? -4.942  2.458   17.533  1.00 9.36  ? 65  GLN A CA  1 
ATOM   134  C  C   . GLN A 1 29  ? -3.749  2.524   16.572  1.00 9.35  ? 65  GLN A C   1 
ATOM   135  O  O   . GLN A 1 29  ? -2.898  1.633   16.569  1.00 9.57  ? 65  GLN A O   1 
ATOM   136  C  CB  . GLN A 1 29  ? -6.065  1.650   16.871  1.00 9.37  ? 65  GLN A CB  1 
ATOM   137  C  CG  . GLN A 1 29  ? -7.268  1.363   17.763  1.00 9.69  ? 65  GLN A CG  1 
ATOM   138  C  CD  . GLN A 1 29  ? -8.217  2.544   17.918  1.00 10.05 ? 65  GLN A CD  1 
ATOM   139  O  OE1 . GLN A 1 29  ? -8.307  3.413   17.049  1.00 10.04 ? 65  GLN A OE1 1 
ATOM   140  N  NE2 . GLN A 1 29  ? -8.944  2.570   19.031  1.00 10.74 ? 65  GLN A NE2 1 
ATOM   141  N  N   . TRP A 1 30  ? -3.705  3.580   15.761  1.00 9.21  ? 66  TRP A N   1 
ATOM   142  C  CA  . TRP A 1 30  ? -2.708  3.750   14.710  1.00 9.19  ? 66  TRP A CA  1 
ATOM   143  C  C   . TRP A 1 30  ? -1.441  4.434   15.231  1.00 9.24  ? 66  TRP A C   1 
ATOM   144  O  O   . TRP A 1 30  ? -0.474  4.617   14.488  1.00 9.38  ? 66  TRP A O   1 
ATOM   145  C  CB  . TRP A 1 30  ? -3.295  4.602   13.577  1.00 9.24  ? 66  TRP A CB  1 
ATOM   146  C  CG  . TRP A 1 30  ? -4.562  4.062   12.937  1.00 9.21  ? 66  TRP A CG  1 
ATOM   147  C  CD1 . TRP A 1 30  ? -5.339  3.022   13.372  1.00 8.95  ? 66  TRP A CD1 1 
ATOM   148  C  CD2 . TRP A 1 30  ? -5.208  4.575   11.763  1.00 8.87  ? 66  TRP A CD2 1 
ATOM   149  N  NE1 . TRP A 1 30  ? -6.413  2.848   12.533  1.00 8.85  ? 66  TRP A NE1 1 
ATOM   150  C  CE2 . TRP A 1 30  ? -6.357  3.785   11.538  1.00 8.77  ? 66  TRP A CE2 1 
ATOM   151  C  CE3 . TRP A 1 30  ? -4.922  5.617   10.875  1.00 8.84  ? 66  TRP A CE3 1 
ATOM   152  C  CZ2 . TRP A 1 30  ? -7.217  4.003   10.462  1.00 8.83  ? 66  TRP A CZ2 1 
ATOM   153  C  CZ3 . TRP A 1 30  ? -5.781  5.836   9.809   1.00 9.06  ? 66  TRP A CZ3 1 
ATOM   154  C  CH2 . TRP A 1 30  ? -6.912  5.033   9.613   1.00 9.20  ? 66  TRP A CH2 1 
ATOM   155  N  N   . GLN A 1 31  ? -1.462  4.846   16.494  1.00 9.26  ? 67  GLN A N   1 
ATOM   156  C  CA  . GLN A 1 31  ? -0.281  5.421   17.145  1.00 9.24  ? 67  GLN A CA  1 
ATOM   157  C  C   . GLN A 1 31  ? 0.905   4.454   17.106  1.00 9.24  ? 67  GLN A C   1 
ATOM   158  O  O   . GLN A 1 31  ? 2.046   4.872   16.892  1.00 9.24  ? 67  GLN A O   1 
ATOM   159  C  CB  . GLN A 1 31  ? -0.598  5.805   18.596  1.00 9.31  ? 67  GLN A CB  1 
ATOM   160  C  CG  . GLN A 1 31  ? -1.371  4.739   19.390  1.00 9.21  ? 67  GLN A CG  1 
ATOM   161  C  CD  . GLN A 1 31  ? -1.038  4.754   20.866  1.00 9.21  ? 67  GLN A CD  1 
ATOM   162  O  OE1 . GLN A 1 31  ? -1.061  5.803   21.511  1.00 9.29  ? 67  GLN A OE1 1 
ATOM   163  N  NE2 . GLN A 1 31  ? -0.727  3.585   21.412  1.00 9.28  ? 67  GLN A NE2 1 
ATOM   164  N  N   . ALA A 1 32  ? 0.622   3.164   17.298  1.00 9.15  ? 68  ALA A N   1 
ATOM   165  C  CA  . ALA A 1 32  ? 1.644   2.117   17.278  1.00 9.04  ? 68  ALA A CA  1 
ATOM   166  C  C   . ALA A 1 32  ? 2.174   1.833   15.865  1.00 8.98  ? 68  ALA A C   1 
ATOM   167  O  O   . ALA A 1 32  ? 3.322   1.422   15.703  1.00 9.05  ? 68  ALA A O   1 
ATOM   168  C  CB  . ALA A 1 32  ? 1.091   0.842   17.889  1.00 8.89  ? 68  ALA A CB  1 
ATOM   169  N  N   . ASP A 1 33  ? 1.341   2.048   14.852  1.00 8.85  ? 69  ASP A N   1 
ATOM   170  C  CA  . ASP A 1 33  ? 1.705   1.712   13.477  1.00 8.86  ? 69  ASP A CA  1 
ATOM   171  C  C   . ASP A 1 33  ? 2.899   2.528   12.958  1.00 8.97  ? 69  ASP A C   1 
ATOM   172  O  O   . ASP A 1 33  ? 3.777   1.990   12.282  1.00 8.86  ? 69  ASP A O   1 
ATOM   173  C  CB  . ASP A 1 33  ? 0.502   1.897   12.542  1.00 8.88  ? 69  ASP A CB  1 
ATOM   174  C  CG  . ASP A 1 33  ? -0.643  0.934   12.845  1.00 8.40  ? 69  ASP A CG  1 
ATOM   175  O  OD1 . ASP A 1 33  ? -0.404  -0.129  13.447  1.00 7.78  ? 69  ASP A OD1 1 
ATOM   176  O  OD2 . ASP A 1 33  ? -1.792  1.240   12.463  1.00 8.11  ? 69  ASP A OD2 1 
ATOM   177  N  N   . GLU A 1 34  ? 2.934   3.817   13.281  1.00 9.19  ? 70  GLU A N   1 
ATOM   178  C  CA  . GLU A 1 34  ? 3.977   4.714   12.770  1.00 9.35  ? 70  GLU A CA  1 
ATOM   179  C  C   . GLU A 1 34  ? 5.380   4.315   13.237  1.00 9.07  ? 70  GLU A C   1 
ATOM   180  O  O   . GLU A 1 34  ? 6.337   4.358   12.464  1.00 9.00  ? 70  GLU A O   1 
ATOM   181  C  CB  . GLU A 1 34  ? 3.686   6.153   13.192  1.00 9.51  ? 70  GLU A CB  1 
ATOM   182  C  CG  . GLU A 1 34  ? 4.626   7.193   12.583  1.00 10.28 ? 70  GLU A CG  1 
ATOM   183  C  CD  . GLU A 1 34  ? 4.310   8.610   13.040  1.00 11.34 ? 70  GLU A CD  1 
ATOM   184  O  OE1 . GLU A 1 34  ? 3.395   8.791   13.882  1.00 11.83 ? 70  GLU A OE1 1 
ATOM   185  O  OE2 . GLU A 1 34  ? 4.987   9.542   12.558  1.00 11.64 ? 70  GLU A OE2 1 
ATOM   186  N  N   . ASP A 1 35  ? 5.498   3.942   14.504  1.00 8.82  ? 71  ASP A N   1 
ATOM   187  C  CA  . ASP A 1 35  ? 6.788   3.549   15.053  1.00 8.78  ? 71  ASP A CA  1 
ATOM   188  C  C   . ASP A 1 35  ? 7.198   2.170   14.535  1.00 8.60  ? 71  ASP A C   1 
ATOM   189  O  O   . ASP A 1 35  ? 8.388   1.874   14.416  1.00 8.45  ? 71  ASP A O   1 
ATOM   190  C  CB  . ASP A 1 35  ? 6.752   3.576   16.585  1.00 8.80  ? 71  ASP A CB  1 
ATOM   191  C  CG  . ASP A 1 35  ? 6.540   4.981   17.142  1.00 9.23  ? 71  ASP A CG  1 
ATOM   192  O  OD1 . ASP A 1 35  ? 6.967   5.964   16.489  1.00 9.53  ? 71  ASP A OD1 1 
ATOM   193  O  OD2 . ASP A 1 35  ? 5.948   5.103   18.236  1.00 9.57  ? 71  ASP A OD2 1 
ATOM   194  N  N   . ALA A 1 36  ? 6.206   1.343   14.208  1.00 8.35  ? 72  ALA A N   1 
ATOM   195  C  CA  . ALA A 1 36  ? 6.455   0.014   13.667  1.00 8.08  ? 72  ALA A CA  1 
ATOM   196  C  C   . ALA A 1 36  ? 6.975   0.088   12.229  1.00 8.00  ? 72  ALA A C   1 
ATOM   197  O  O   . ALA A 1 36  ? 7.917   -0.617  11.874  1.00 7.98  ? 72  ALA A O   1 
ATOM   198  C  CB  . ALA A 1 36  ? 5.193   -0.828  13.742  1.00 7.97  ? 72  ALA A CB  1 
ATOM   199  N  N   . VAL A 1 37  ? 6.370   0.945   11.405  1.00 7.93  ? 73  VAL A N   1 
ATOM   200  C  CA  . VAL A 1 37  ? 6.817   1.114   10.012  1.00 7.88  ? 73  VAL A CA  1 
ATOM   201  C  C   . VAL A 1 37  ? 8.282   1.586   9.951   1.00 7.95  ? 73  VAL A C   1 
ATOM   202  O  O   . VAL A 1 37  ? 9.084   1.073   9.159   1.00 7.90  ? 73  VAL A O   1 
ATOM   203  C  CB  . VAL A 1 37  ? 5.914   2.100   9.219   1.00 7.78  ? 73  VAL A CB  1 
ATOM   204  C  CG1 . VAL A 1 37  ? 6.414   2.255   7.796   1.00 7.59  ? 73  VAL A CG1 1 
ATOM   205  C  CG2 . VAL A 1 37  ? 4.471   1.624   9.207   1.00 7.66  ? 73  VAL A CG2 1 
ATOM   206  N  N   . ARG A 1 38  ? 8.620   2.554   10.801  1.00 7.95  ? 74  ARG A N   1 
ATOM   207  C  CA  . ARG A 1 38  ? 9.994   3.050   10.917  1.00 7.96  ? 74  ARG A CA  1 
ATOM   208  C  C   . ARG A 1 38  ? 10.951  1.985   11.446  1.00 7.72  ? 74  ARG A C   1 
ATOM   209  O  O   . ARG A 1 38  ? 12.109  1.942   11.041  1.00 7.67  ? 74  ARG A O   1 
ATOM   210  C  CB  . ARG A 1 38  ? 10.045  4.275   11.833  1.00 8.11  ? 74  ARG A CB  1 
ATOM   211  C  CG  . ARG A 1 38  ? 9.382   5.504   11.249  1.00 8.52  ? 74  ARG A CG  1 
ATOM   212  C  CD  . ARG A 1 38  ? 9.341   6.649   12.246  1.00 9.46  ? 74  ARG A CD  1 
ATOM   213  N  NE  . ARG A 1 38  ? 9.219   7.944   11.573  1.00 10.43 ? 74  ARG A NE  1 
ATOM   214  C  CZ  . ARG A 1 38  ? 10.230  8.609   11.012  1.00 10.80 ? 74  ARG A CZ  1 
ATOM   215  N  NH1 . ARG A 1 38  ? 11.471  8.118   11.035  1.00 10.89 ? 74  ARG A NH1 1 
ATOM   216  N  NH2 . ARG A 1 38  ? 10.004  9.780   10.423  1.00 10.60 ? 74  ARG A NH2 1 
ATOM   217  N  N   . LYS A 1 39  ? 10.461  1.139   12.350  1.00 7.56  ? 75  LYS A N   1 
ATOM   218  C  CA  . LYS A 1 39  ? 11.263  0.060   12.944  1.00 7.43  ? 75  LYS A CA  1 
ATOM   219  C  C   . LYS A 1 39  ? 11.124  -1.267  12.187  1.00 7.28  ? 75  LYS A C   1 
ATOM   220  O  O   . LYS A 1 39  ? 11.599  -2.297  12.658  1.00 7.32  ? 75  LYS A O   1 
ATOM   221  C  CB  . LYS A 1 39  ? 10.873  -0.147  14.415  1.00 7.42  ? 75  LYS A CB  1 
ATOM   222  C  CG  . LYS A 1 39  ? 11.149  1.050   15.326  1.00 7.50  ? 75  LYS A CG  1 
ATOM   223  C  CD  . LYS A 1 39  ? 12.617  1.150   15.704  1.00 7.84  ? 75  LYS A CD  1 
ATOM   224  C  CE  . LYS A 1 39  ? 12.859  2.228   16.751  1.00 7.99  ? 75  LYS A CE  1 
ATOM   225  N  NZ  . LYS A 1 39  ? 14.261  2.194   17.265  1.00 7.99  ? 75  LYS A NZ  1 
ATOM   226  N  N   . GLY A 1 40  ? 10.458  -1.245  11.032  1.00 7.18  ? 76  GLY A N   1 
ATOM   227  C  CA  . GLY A 1 40  ? 10.338  -2.421  10.162  1.00 7.09  ? 76  GLY A CA  1 
ATOM   228  C  C   . GLY A 1 40  ? 9.652   -3.636  10.768  1.00 7.03  ? 76  GLY A C   1 
ATOM   229  O  O   . GLY A 1 40  ? 9.937   -4.771  10.384  1.00 7.24  ? 76  GLY A O   1 
ATOM   230  N  N   . THR A 1 41  ? 8.746   -3.405  11.713  1.00 6.76  ? 77  THR A N   1 
ATOM   231  C  CA  . THR A 1 41  ? 8.055   -4.489  12.400  1.00 6.47  ? 77  THR A CA  1 
ATOM   232  C  C   . THR A 1 41  ? 6.567   -4.549  12.056  1.00 6.30  ? 77  THR A C   1 
ATOM   233  O  O   . THR A 1 41  ? 5.869   -5.464  12.489  1.00 6.43  ? 77  THR A O   1 
ATOM   234  C  CB  . THR A 1 41  ? 8.206   -4.341  13.923  1.00 6.48  ? 77  THR A CB  1 
ATOM   235  O  OG1 . THR A 1 41  ? 7.790   -3.029  14.321  1.00 6.44  ? 77  THR A OG1 1 
ATOM   236  C  CG2 . THR A 1 41  ? 9.649   -4.545  14.335  1.00 6.49  ? 77  THR A CG2 1 
ATOM   237  N  N   . CYS A 1 42  ? 6.089   -3.593  11.265  1.00 6.03  ? 78  CYS A N   1 
ATOM   238  C  CA  . CYS A 1 42  ? 4.654   -3.430  11.025  1.00 5.89  ? 78  CYS A CA  1 
ATOM   239  C  C   . CYS A 1 42  ? 4.096   -4.407  9.995   1.00 5.57  ? 78  CYS A C   1 
ATOM   240  O  O   . CYS A 1 42  ? 4.556   -4.443  8.853   1.00 5.50  ? 78  CYS A O   1 
ATOM   241  C  CB  . CYS A 1 42  ? 4.369   -2.010  10.552  1.00 5.93  ? 78  CYS A CB  1 
ATOM   242  S  SG  . CYS A 1 42  ? 2.642   -1.717  10.234  1.00 6.61  ? 78  CYS A SG  1 
ATOM   243  N  N   . SER A 1 43  ? 3.081   -5.173  10.398  1.00 5.33  ? 79  SER A N   1 
ATOM   244  C  CA  . SER A 1 43  ? 2.458   -6.172  9.527   1.00 5.11  ? 79  SER A CA  1 
ATOM   245  C  C   . SER A 1 43  ? 0.934   -6.116  9.589   1.00 5.11  ? 79  SER A C   1 
ATOM   246  O  O   . SER A 1 43  ? 0.356   -5.681  10.583  1.00 4.86  ? 79  SER A O   1 
ATOM   247  C  CB  . SER A 1 43  ? 2.930   -7.576  9.905   1.00 4.90  ? 79  SER A CB  1 
ATOM   248  O  OG  . SER A 1 43  ? 2.543   -7.899  11.228  1.00 4.55  ? 79  SER A OG  1 
ATOM   249  N  N   . PHE A 1 44  ? 0.296   -6.564  8.512   1.00 5.30  ? 80  PHE A N   1 
ATOM   250  C  CA  . PHE A 1 44  ? -1.154  -6.648  8.440   1.00 5.52  ? 80  PHE A CA  1 
ATOM   251  C  C   . PHE A 1 44  ? -1.586  -7.942  7.750   1.00 5.97  ? 80  PHE A C   1 
ATOM   252  O  O   . PHE A 1 44  ? -1.059  -8.274  6.685   1.00 6.13  ? 80  PHE A O   1 
ATOM   253  C  CB  . PHE A 1 44  ? -1.710  -5.456  7.670   1.00 5.43  ? 80  PHE A CB  1 
ATOM   254  C  CG  . PHE A 1 44  ? -1.480  -4.136  8.348   1.00 5.13  ? 80  PHE A CG  1 
ATOM   255  C  CD1 . PHE A 1 44  ? -2.246  -3.762  9.439   1.00 4.54  ? 80  PHE A CD1 1 
ATOM   256  C  CD2 . PHE A 1 44  ? -0.497  -3.263  7.888   1.00 5.01  ? 80  PHE A CD2 1 
ATOM   257  C  CE1 . PHE A 1 44  ? -2.036  -2.541  10.067  1.00 5.03  ? 80  PHE A CE1 1 
ATOM   258  C  CE2 . PHE A 1 44  ? -0.283  -2.041  8.510   1.00 4.69  ? 80  PHE A CE2 1 
ATOM   259  C  CZ  . PHE A 1 44  ? -1.053  -1.677  9.599   1.00 4.72  ? 80  PHE A CZ  1 
ATOM   260  N  N   . PRO A 1 45  ? -2.538  -8.683  8.354   1.00 6.45  ? 81  PRO A N   1 
ATOM   261  C  CA  . PRO A 1 45  ? -3.125  -9.844  7.681   1.00 6.91  ? 81  PRO A CA  1 
ATOM   262  C  C   . PRO A 1 45  ? -3.981  -9.427  6.495   1.00 7.60  ? 81  PRO A C   1 
ATOM   263  O  O   . PRO A 1 45  ? -4.882  -8.607  6.654   1.00 7.69  ? 81  PRO A O   1 
ATOM   264  C  CB  . PRO A 1 45  ? -4.003  -10.483 8.762   1.00 6.77  ? 81  PRO A CB  1 
ATOM   265  C  CG  . PRO A 1 45  ? -3.568  -9.893  10.036  1.00 6.64  ? 81  PRO A CG  1 
ATOM   266  C  CD  . PRO A 1 45  ? -3.040  -8.540  9.730   1.00 6.40  ? 81  PRO A CD  1 
ATOM   267  N  N   . VAL A 1 46  ? -3.712  -9.990  5.322   1.00 8.57  ? 82  VAL A N   1 
ATOM   268  C  CA  . VAL A 1 46  ? -4.386  -9.555  4.100   1.00 9.59  ? 82  VAL A CA  1 
ATOM   269  C  C   . VAL A 1 46  ? -4.770  -10.705 3.177   1.00 10.62 ? 82  VAL A C   1 
ATOM   270  O  O   . VAL A 1 46  ? -4.384  -11.859 3.387   1.00 10.59 ? 82  VAL A O   1 
ATOM   271  C  CB  . VAL A 1 46  ? -3.495  -8.567  3.276   1.00 9.71  ? 82  VAL A CB  1 
ATOM   272  C  CG1 . VAL A 1 46  ? -3.380  -7.214  3.980   1.00 9.31  ? 82  VAL A CG1 1 
ATOM   273  C  CG2 . VAL A 1 46  ? -2.114  -9.177  3.009   1.00 9.36  ? 82  VAL A CG2 1 
ATOM   274  N  N   . ARG A 1 47  ? -5.549  -10.360 2.158   1.00 11.90 ? 83  ARG A N   1 
ATOM   275  C  CA  . ARG A 1 47  ? -5.752  -11.209 0.997   1.00 13.07 ? 83  ARG A CA  1 
ATOM   276  C  C   . ARG A 1 47  ? -5.279  -10.455 -0.254  1.00 13.93 ? 83  ARG A C   1 
ATOM   277  O  O   . ARG A 1 47  ? -5.831  -9.412  -0.614  1.00 14.05 ? 83  ARG A O   1 
ATOM   278  C  CB  . ARG A 1 47  ? -7.217  -11.639 0.897   1.00 13.17 ? 83  ARG A CB  1 
ATOM   279  C  CG  . ARG A 1 47  ? -7.502  -12.896 1.722   1.00 14.44 ? 83  ARG A CG  1 
ATOM   280  C  CD  . ARG A 1 47  ? -8.985  -13.168 1.958   1.00 15.32 ? 83  ARG A CD  1 
ATOM   281  N  NE  . ARG A 1 47  ? -9.156  -14.321 2.849   1.00 16.18 ? 83  ARG A NE  1 
ATOM   282  C  CZ  . ARG A 1 47  ? -10.243 -14.581 3.577   1.00 16.88 ? 83  ARG A CZ  1 
ATOM   283  N  NH1 . ARG A 1 47  ? -11.303 -13.777 3.545   1.00 17.49 ? 83  ARG A NH1 1 
ATOM   284  N  NH2 . ARG A 1 47  ? -10.272 -15.660 4.351   1.00 17.18 ? 83  ARG A NH2 1 
ATOM   285  N  N   . TYR A 1 48  ? -4.235  -10.976 -0.893  1.00 15.00 ? 84  TYR A N   1 
ATOM   286  C  CA  . TYR A 1 48  ? -3.649  -10.335 -2.061  1.00 16.02 ? 84  TYR A CA  1 
ATOM   287  C  C   . TYR A 1 48  ? -4.460  -10.678 -3.305  1.00 16.76 ? 84  TYR A C   1 
ATOM   288  O  O   . TYR A 1 48  ? -4.511  -11.830 -3.722  1.00 16.93 ? 84  TYR A O   1 
ATOM   289  C  CB  . TYR A 1 48  ? -2.180  -10.757 -2.220  1.00 16.16 ? 84  TYR A CB  1 
ATOM   290  C  CG  . TYR A 1 48  ? -1.459  -10.125 -3.397  1.00 16.61 ? 84  TYR A CG  1 
ATOM   291  C  CD1 . TYR A 1 48  ? -1.563  -8.766  -3.652  1.00 17.71 ? 84  TYR A CD1 1 
ATOM   292  C  CD2 . TYR A 1 48  ? -0.658  -10.890 -4.240  1.00 17.16 ? 84  TYR A CD2 1 
ATOM   293  C  CE1 . TYR A 1 48  ? -0.903  -8.182  -4.730  1.00 18.49 ? 84  TYR A CE1 1 
ATOM   294  C  CE2 . TYR A 1 48  ? 0.009   -10.320 -5.315  1.00 17.54 ? 84  TYR A CE2 1 
ATOM   295  C  CZ  . TYR A 1 48  ? -0.118  -8.966  -5.555  1.00 18.74 ? 84  TYR A CZ  1 
ATOM   296  O  OH  . TYR A 1 48  ? 0.535   -8.389  -6.620  1.00 19.79 ? 84  TYR A OH  1 
ATOM   297  N  N   . LEU A 1 49  ? -5.096  -9.667  -3.887  1.00 17.84 ? 85  LEU A N   1 
ATOM   298  C  CA  . LEU A 1 49  ? -5.962  -9.845  -5.058  1.00 18.66 ? 85  LEU A CA  1 
ATOM   299  C  C   . LEU A 1 49  ? -5.177  -10.006 -6.365  1.00 19.17 ? 85  LEU A C   1 
ATOM   300  O  O   . LEU A 1 49  ? -5.604  -10.737 -7.254  1.00 19.40 ? 85  LEU A O   1 
ATOM   301  C  CB  . LEU A 1 49  ? -6.934  -8.657  -5.187  1.00 18.87 ? 85  LEU A CB  1 
ATOM   302  C  CG  . LEU A 1 49  ? -8.248  -8.693  -4.388  1.00 19.16 ? 85  LEU A CG  1 
ATOM   303  C  CD1 . LEU A 1 49  ? -8.105  -9.415  -3.051  1.00 19.31 ? 85  LEU A CD1 1 
ATOM   304  C  CD2 . LEU A 1 49  ? -8.777  -7.272  -4.186  1.00 18.88 ? 85  LEU A CD2 1 
ATOM   305  N  N   . GLY A 1 50  ? -4.049  -9.310  -6.484  1.00 19.87 ? 86  GLY A N   1 
ATOM   306  C  CA  . GLY A 1 50  ? -3.217  -9.362  -7.689  1.00 20.34 ? 86  GLY A CA  1 
ATOM   307  C  C   . GLY A 1 50  ? -2.869  -7.984  -8.238  1.00 20.83 ? 86  GLY A C   1 
ATOM   308  O  O   . GLY A 1 50  ? -3.290  -6.958  -7.696  1.00 20.71 ? 86  GLY A O   1 
ATOM   309  N  N   . HIS A 1 51  ? -2.095  -7.978  -9.322  1.00 21.42 ? 87  HIS A N   1 
ATOM   310  C  CA  . HIS A 1 51  ? -1.688  -6.747  -10.002 1.00 21.78 ? 87  HIS A CA  1 
ATOM   311  C  C   . HIS A 1 51  ? -2.542  -6.490  -11.238 1.00 22.15 ? 87  HIS A C   1 
ATOM   312  O  O   . HIS A 1 51  ? -3.102  -7.415  -11.821 1.00 22.16 ? 87  HIS A O   1 
ATOM   313  C  CB  . HIS A 1 51  ? -0.206  -6.797  -10.394 1.00 21.82 ? 87  HIS A CB  1 
ATOM   314  C  CG  . HIS A 1 51  ? 0.138   -7.906  -11.339 1.00 22.11 ? 87  HIS A CG  1 
ATOM   315  N  ND1 . HIS A 1 51  ? 0.563   -9.144  -10.908 1.00 22.55 ? 87  HIS A ND1 1 
ATOM   316  C  CD2 . HIS A 1 51  ? 0.116   -7.965  -12.692 1.00 22.61 ? 87  HIS A CD2 1 
ATOM   317  C  CE1 . HIS A 1 51  ? 0.786   -9.921  -11.954 1.00 22.84 ? 87  HIS A CE1 1 
ATOM   318  N  NE2 . HIS A 1 51  ? 0.522   -9.230  -13.049 1.00 22.82 ? 87  HIS A NE2 1 
ATOM   319  N  N   . VAL A 1 52  ? -2.645  -5.225  -11.630 1.00 22.71 ? 88  VAL A N   1 
ATOM   320  C  CA  . VAL A 1 52  ? -3.441  -4.846  -12.795 1.00 22.98 ? 88  VAL A CA  1 
ATOM   321  C  C   . VAL A 1 52  ? -2.846  -3.632  -13.489 1.00 23.21 ? 88  VAL A C   1 
ATOM   322  O  O   . VAL A 1 52  ? -2.322  -2.733  -12.840 1.00 23.07 ? 88  VAL A O   1 
ATOM   323  C  CB  . VAL A 1 52  ? -4.896  -4.493  -12.411 1.00 23.03 ? 88  VAL A CB  1 
ATOM   324  C  CG1 . VAL A 1 52  ? -5.796  -4.567  -13.637 1.00 23.00 ? 88  VAL A CG1 1 
ATOM   325  C  CG2 . VAL A 1 52  ? -5.410  -5.417  -11.325 1.00 22.92 ? 88  VAL A CG2 1 
ATOM   326  N  N   . GLU A 1 53  ? -2.935  -3.627  -14.815 1.00 23.61 ? 89  GLU A N   1 
ATOM   327  C  CA  . GLU A 1 53  ? -2.595  -2.465  -15.629 1.00 23.86 ? 89  GLU A CA  1 
ATOM   328  C  C   . GLU A 1 53  ? -3.519  -1.312  -15.257 1.00 23.83 ? 89  GLU A C   1 
ATOM   329  O  O   . GLU A 1 53  ? -4.732  -1.495  -15.143 1.00 23.85 ? 89  GLU A O   1 
ATOM   330  C  CB  . GLU A 1 53  ? -2.773  -2.800  -17.116 1.00 24.05 ? 89  GLU A CB  1 
ATOM   331  C  CG  . GLU A 1 53  ? -2.282  -1.725  -18.087 1.00 24.77 ? 89  GLU A CG  1 
ATOM   332  C  CD  . GLU A 1 53  ? -0.776  -1.742  -18.299 1.00 25.81 ? 89  GLU A CD  1 
ATOM   333  O  OE1 . GLU A 1 53  ? -0.081  -2.593  -17.695 1.00 26.51 ? 89  GLU A OE1 1 
ATOM   334  O  OE2 . GLU A 1 53  ? -0.286  -0.897  -19.081 1.00 26.41 ? 89  GLU A OE2 1 
ATOM   335  N  N   . VAL A 1 54  ? -2.941  -0.134  -15.059 1.00 23.89 ? 90  VAL A N   1 
ATOM   336  C  CA  . VAL A 1 54  ? -3.714  1.082   -14.807 1.00 23.87 ? 90  VAL A CA  1 
ATOM   337  C  C   . VAL A 1 54  ? -3.122  2.233   -15.618 1.00 24.09 ? 90  VAL A C   1 
ATOM   338  O  O   . VAL A 1 54  ? -1.908  2.298   -15.814 1.00 24.03 ? 90  VAL A O   1 
ATOM   339  C  CB  . VAL A 1 54  ? -3.757  1.437   -13.304 1.00 23.80 ? 90  VAL A CB  1 
ATOM   340  C  CG1 . VAL A 1 54  ? -4.680  0.476   -12.572 1.00 23.43 ? 90  VAL A CG1 1 
ATOM   341  C  CG2 . VAL A 1 54  ? -2.352  1.432   -12.698 1.00 23.29 ? 90  VAL A CG2 1 
ATOM   342  N  N   . GLU A 1 55  ? -3.981  3.132   -16.095 1.00 24.33 ? 91  GLU A N   1 
ATOM   343  C  CA  . GLU A 1 55  ? -3.543  4.221   -16.981 1.00 24.55 ? 91  GLU A CA  1 
ATOM   344  C  C   . GLU A 1 55  ? -2.905  5.413   -16.255 1.00 24.59 ? 91  GLU A C   1 
ATOM   345  O  O   . GLU A 1 55  ? -2.539  6.392   -16.903 1.00 24.72 ? 91  GLU A O   1 
ATOM   346  C  CB  . GLU A 1 55  ? -4.710  4.711   -17.856 1.00 24.55 ? 91  GLU A CB  1 
ATOM   347  C  CG  . GLU A 1 55  ? -5.153  3.724   -18.939 1.00 24.87 ? 91  GLU A CG  1 
ATOM   348  C  CD  . GLU A 1 55  ? -4.081  3.450   -19.984 1.00 25.15 ? 91  GLU A CD  1 
ATOM   349  O  OE1 . GLU A 1 55  ? -3.204  4.313   -20.193 1.00 25.74 ? 91  GLU A OE1 1 
ATOM   350  O  OE2 . GLU A 1 55  ? -4.119  2.368   -20.600 1.00 25.62 ? 91  GLU A OE2 1 
ATOM   351  N  N   . GLU A 1 56  ? -2.767  5.342   -14.929 1.00 24.68 ? 92  GLU A N   1 
ATOM   352  C  CA  . GLU A 1 56  ? -2.210  6.457   -14.155 1.00 24.76 ? 92  GLU A CA  1 
ATOM   353  C  C   . GLU A 1 56  ? -1.340  6.020   -12.967 1.00 24.71 ? 92  GLU A C   1 
ATOM   354  O  O   . GLU A 1 56  ? -1.516  4.946   -12.395 1.00 24.42 ? 92  GLU A O   1 
ATOM   355  C  CB  . GLU A 1 56  ? -3.339  7.370   -13.646 1.00 24.84 ? 92  GLU A CB  1 
ATOM   356  C  CG  . GLU A 1 56  ? -4.159  8.088   -14.729 1.00 24.96 ? 92  GLU A CG  1 
ATOM   357  C  CD  . GLU A 1 56  ? -3.375  9.160   -15.474 1.00 25.41 ? 92  GLU A CD  1 
ATOM   358  O  OE1 . GLU A 1 56  ? -3.964  9.826   -16.352 1.00 25.25 ? 92  GLU A OE1 1 
ATOM   359  O  OE2 . GLU A 1 56  ? -2.175  9.345   -15.184 1.00 26.13 ? 92  GLU A OE2 1 
ATOM   360  N  N   . SER A 1 57  ? -0.408  6.897   -12.602 1.00 24.81 ? 93  SER A N   1 
ATOM   361  C  CA  . SER A 1 57  ? 0.462   6.703   -11.444 1.00 24.77 ? 93  SER A CA  1 
ATOM   362  C  C   . SER A 1 57  ? -0.255  6.971   -10.126 1.00 24.80 ? 93  SER A C   1 
ATOM   363  O  O   . SER A 1 57  ? 0.201   6.534   -9.076  1.00 24.71 ? 93  SER A O   1 
ATOM   364  C  CB  . SER A 1 57  ? 1.654   7.647   -11.547 1.00 24.70 ? 93  SER A CB  1 
ATOM   365  O  OG  . SER A 1 57  ? 1.233   8.993   -11.447 1.00 24.55 ? 93  SER A OG  1 
ATOM   366  N  N   . ARG A 1 58  ? -1.357  7.712   -10.185 1.00 25.01 ? 94  ARG A N   1 
ATOM   367  C  CA  . ARG A 1 58  ? -2.130  8.074   -8.996  1.00 25.16 ? 94  ARG A CA  1 
ATOM   368  C  C   . ARG A 1 58  ? -3.624  8.117   -9.312  1.00 25.69 ? 94  ARG A C   1 
ATOM   369  O  O   . ARG A 1 58  ? -4.024  8.061   -10.478 1.00 25.79 ? 94  ARG A O   1 
ATOM   370  C  CB  . ARG A 1 58  ? -1.667  9.433   -8.463  1.00 24.91 ? 94  ARG A CB  1 
ATOM   371  C  CG  . ARG A 1 58  ? -1.467  10.476  -9.550  1.00 23.90 ? 94  ARG A CG  1 
ATOM   372  C  CD  . ARG A 1 58  ? -1.403  11.876  -8.998  1.00 22.44 ? 94  ARG A CD  1 
ATOM   373  N  NE  . ARG A 1 58  ? -2.693  12.333  -8.477  1.00 21.13 ? 94  ARG A NE  1 
ATOM   374  C  CZ  . ARG A 1 58  ? -2.988  12.518  -7.190  1.00 20.03 ? 94  ARG A CZ  1 
ATOM   375  N  NH1 . ARG A 1 58  ? -2.092  12.289  -6.232  1.00 19.05 ? 94  ARG A NH1 1 
ATOM   376  N  NH2 . ARG A 1 58  ? -4.201  12.946  -6.857  1.00 20.05 ? 94  ARG A NH2 1 
ATOM   377  N  N   . GLY A 1 59  ? -4.446  8.214   -8.272  1.00 26.30 ? 95  GLY A N   1 
ATOM   378  C  CA  . GLY A 1 59  ? -5.896  8.294   -8.438  1.00 26.81 ? 95  GLY A CA  1 
ATOM   379  C  C   . GLY A 1 59  ? -6.646  7.464   -7.416  1.00 27.24 ? 95  GLY A C   1 
ATOM   380  O  O   . GLY A 1 59  ? -6.442  6.258   -7.324  1.00 27.24 ? 95  GLY A O   1 
ATOM   381  N  N   . MET A 1 60  ? -7.511  8.117   -6.645  1.00 27.88 ? 96  MET A N   1 
ATOM   382  C  CA  . MET A 1 60  ? -8.327  7.444   -5.636  1.00 28.37 ? 96  MET A CA  1 
ATOM   383  C  C   . MET A 1 60  ? -9.375  6.555   -6.307  1.00 28.73 ? 96  MET A C   1 
ATOM   384  O  O   . MET A 1 60  ? -9.696  5.477   -5.799  1.00 28.88 ? 96  MET A O   1 
ATOM   385  C  CB  . MET A 1 60  ? -8.985  8.478   -4.713  1.00 28.55 ? 96  MET A CB  1 
ATOM   386  C  CG  . MET A 1 60  ? -10.071 7.947   -3.783  1.00 29.12 ? 96  MET A CG  1 
ATOM   387  S  SD  . MET A 1 60  ? -9.498  6.672   -2.658  1.00 30.40 ? 96  MET A SD  1 
ATOM   388  C  CE  . MET A 1 60  ? -11.014 6.287   -1.782  1.00 30.55 ? 96  MET A CE  1 
ATOM   389  N  N   . HIS A 1 61  ? -9.899  7.007   -7.447  1.00 29.10 ? 97  HIS A N   1 
ATOM   390  C  CA  . HIS A 1 61  ? -10.842 6.207   -8.239  1.00 29.35 ? 97  HIS A CA  1 
ATOM   391  C  C   . HIS A 1 61  ? -10.145 5.227   -9.191  1.00 29.16 ? 97  HIS A C   1 
ATOM   392  O  O   . HIS A 1 61  ? -10.705 4.189   -9.524  1.00 29.30 ? 97  HIS A O   1 
ATOM   393  C  CB  . HIS A 1 61  ? -11.794 7.113   -9.023  1.00 29.50 ? 97  HIS A CB  1 
ATOM   394  C  CG  . HIS A 1 61  ? -11.117 7.950   -10.061 1.00 30.60 ? 97  HIS A CG  1 
ATOM   395  N  ND1 . HIS A 1 61  ? -10.673 7.434   -11.259 1.00 31.74 ? 97  HIS A ND1 1 
ATOM   396  C  CD2 . HIS A 1 61  ? -10.819 9.271   -10.084 1.00 31.90 ? 97  HIS A CD2 1 
ATOM   397  C  CE1 . HIS A 1 61  ? -10.126 8.402   -11.975 1.00 32.35 ? 97  HIS A CE1 1 
ATOM   398  N  NE2 . HIS A 1 61  ? -10.204 9.527   -11.287 1.00 32.51 ? 97  HIS A NE2 1 
ATOM   399  N  N   . VAL A 1 62  ? -8.936  5.568   -9.634  1.00 29.08 ? 98  VAL A N   1 
ATOM   400  C  CA  . VAL A 1 62  ? -8.124  4.677   -10.473 1.00 28.91 ? 98  VAL A CA  1 
ATOM   401  C  C   . VAL A 1 62  ? -7.876  3.354   -9.766  1.00 28.83 ? 98  VAL A C   1 
ATOM   402  O  O   . VAL A 1 62  ? -7.909  2.291   -10.390 1.00 28.88 ? 98  VAL A O   1 
ATOM   403  C  CB  . VAL A 1 62  ? -6.756  5.308   -10.812 1.00 28.96 ? 98  VAL A CB  1 
ATOM   404  C  CG1 . VAL A 1 62  ? -5.835  4.291   -11.471 1.00 28.68 ? 98  VAL A CG1 1 
ATOM   405  C  CG2 . VAL A 1 62  ? -6.938  6.536   -11.703 1.00 29.11 ? 98  VAL A CG2 1 
ATOM   406  N  N   . CYS A 1 63  ? -7.623  3.429   -8.462  1.00 28.74 ? 99  CYS A N   1 
ATOM   407  C  CA  . CYS A 1 63  ? -7.458  2.233   -7.638  1.00 28.75 ? 99  CYS A CA  1 
ATOM   408  C  C   . CYS A 1 63  ? -8.746  1.429   -7.594  1.00 28.78 ? 99  CYS A C   1 
ATOM   409  O  O   . CYS A 1 63  ? -8.780  0.271   -8.011  1.00 28.63 ? 99  CYS A O   1 
ATOM   410  C  CB  . CYS A 1 63  ? -7.043  2.614   -6.221  1.00 28.66 ? 99  CYS A CB  1 
ATOM   411  S  SG  . CYS A 1 63  ? -5.371  3.240   -6.133  1.00 28.44 ? 99  CYS A SG  1 
ATOM   412  N  N   . GLU A 1 64  ? -9.800  2.074   -7.100  1.00 28.89 ? 100 GLU A N   1 
ATOM   413  C  CA  . GLU A 1 64  ? -11.134 1.482   -7.017  1.00 29.00 ? 100 GLU A CA  1 
ATOM   414  C  C   . GLU A 1 64  ? -11.450 0.642   -8.251  1.00 29.20 ? 100 GLU A C   1 
ATOM   415  O  O   . GLU A 1 64  ? -11.890 -0.506  -8.134  1.00 29.04 ? 100 GLU A O   1 
ATOM   416  C  CB  . GLU A 1 64  ? -12.186 2.582   -6.834  1.00 28.92 ? 100 GLU A CB  1 
ATOM   417  C  CG  . GLU A 1 64  ? -12.207 3.161   -5.423  1.00 28.92 ? 100 GLU A CG  1 
ATOM   418  C  CD  . GLU A 1 64  ? -12.784 4.566   -5.335  1.00 28.95 ? 100 GLU A CD  1 
ATOM   419  O  OE1 . GLU A 1 64  ? -13.504 4.996   -6.263  1.00 28.96 ? 100 GLU A OE1 1 
ATOM   420  O  OE2 . GLU A 1 64  ? -12.517 5.239   -4.318  1.00 28.98 ? 100 GLU A OE2 1 
ATOM   421  N  N   . ASP A 1 65  ? -11.200 1.214   -9.428  1.00 29.40 ? 101 ASP A N   1 
ATOM   422  C  CA  . ASP A 1 65  ? -11.382 0.494   -10.684 1.00 29.63 ? 101 ASP A CA  1 
ATOM   423  C  C   . ASP A 1 65  ? -10.568 -0.786  -10.688 1.00 29.73 ? 101 ASP A C   1 
ATOM   424  O  O   . ASP A 1 65  ? -11.128 -1.874  -10.821 1.00 29.90 ? 101 ASP A O   1 
ATOM   425  C  CB  . ASP A 1 65  ? -10.990 1.367   -11.879 1.00 29.65 ? 101 ASP A CB  1 
ATOM   426  C  CG  . ASP A 1 65  ? -12.013 2.443   -12.175 1.00 29.85 ? 101 ASP A CG  1 
ATOM   427  O  OD1 . ASP A 1 65  ? -12.854 2.726   -11.295 1.00 30.06 ? 101 ASP A OD1 1 
ATOM   428  O  OD2 . ASP A 1 65  ? -11.977 3.005   -13.289 1.00 30.21 ? 101 ASP A OD2 1 
ATOM   429  N  N   . ALA A 1 66  ? -9.256  -0.652  -10.511 1.00 29.79 ? 102 ALA A N   1 
ATOM   430  C  CA  . ALA A 1 66  ? -8.347  -1.803  -10.513 1.00 29.89 ? 102 ALA A CA  1 
ATOM   431  C  C   . ALA A 1 66  ? -8.768  -2.907  -9.526  1.00 29.98 ? 102 ALA A C   1 
ATOM   432  O  O   . ALA A 1 66  ? -8.533  -4.091  -9.778  1.00 29.90 ? 102 ALA A O   1 
ATOM   433  C  CB  . ALA A 1 66  ? -6.919  -1.349  -10.222 1.00 29.87 ? 102 ALA A CB  1 
ATOM   434  N  N   . VAL A 1 67  ? -9.383  -2.516  -8.409  1.00 30.04 ? 103 VAL A N   1 
ATOM   435  C  CA  . VAL A 1 67  ? -9.880  -3.477  -7.425  1.00 30.02 ? 103 VAL A CA  1 
ATOM   436  C  C   . VAL A 1 67  ? -11.048 -4.258  -8.020  1.00 30.00 ? 103 VAL A C   1 
ATOM   437  O  O   . VAL A 1 67  ? -11.098 -5.482  -7.922  1.00 29.95 ? 103 VAL A O   1 
ATOM   438  C  CB  . VAL A 1 67  ? -10.354 -2.795  -6.116  1.00 30.07 ? 103 VAL A CB  1 
ATOM   439  C  CG1 . VAL A 1 67  ? -10.692 -3.847  -5.064  1.00 30.10 ? 103 VAL A CG1 1 
ATOM   440  C  CG2 . VAL A 1 67  ? -9.304  -1.836  -5.584  1.00 29.79 ? 103 VAL A CG2 1 
ATOM   441  N  N   . LYS A 1 68  ? -11.972 -3.538  -8.654  1.00 30.03 ? 104 LYS A N   1 
ATOM   442  C  CA  . LYS A 1 68  ? -13.169 -4.144  -9.238  1.00 30.12 ? 104 LYS A CA  1 
ATOM   443  C  C   . LYS A 1 68  ? -12.852 -5.038  -10.442 1.00 30.01 ? 104 LYS A C   1 
ATOM   444  O  O   . LYS A 1 68  ? -13.610 -5.964  -10.735 1.00 29.99 ? 104 LYS A O   1 
ATOM   445  C  CB  . LYS A 1 68  ? -14.182 -3.065  -9.643  1.00 30.25 ? 104 LYS A CB  1 
ATOM   446  C  CG  . LYS A 1 68  ? -14.673 -2.169  -8.493  1.00 30.74 ? 104 LYS A CG  1 
ATOM   447  C  CD  . LYS A 1 68  ? -15.438 -2.945  -7.418  1.00 31.11 ? 104 LYS A CD  1 
ATOM   448  C  CE  . LYS A 1 68  ? -15.963 -2.016  -6.324  1.00 31.11 ? 104 LYS A CE  1 
ATOM   449  N  NZ  . LYS A 1 68  ? -16.989 -1.057  -6.831  1.00 31.06 ? 104 LYS A NZ  1 
ATOM   450  N  N   . LYS A 1 69  ? -11.739 -4.764  -11.127 1.00 29.92 ? 105 LYS A N   1 
ATOM   451  C  CA  . LYS A 1 69  ? -11.264 -5.634  -12.211 1.00 29.81 ? 105 LYS A CA  1 
ATOM   452  C  C   . LYS A 1 69  ? -10.947 -7.000  -11.609 1.00 29.73 ? 105 LYS A C   1 
ATOM   453  O  O   . LYS A 1 69  ? -11.477 -8.029  -12.044 1.00 29.83 ? 105 LYS A O   1 
ATOM   454  C  CB  . LYS A 1 69  ? -9.992  -5.095  -12.898 1.00 29.85 ? 105 LYS A CB  1 
ATOM   455  C  CG  . LYS A 1 69  ? -9.957  -3.604  -13.259 1.00 29.86 ? 105 LYS A CG  1 
ATOM   456  C  CD  . LYS A 1 69  ? -10.796 -3.256  -14.464 1.00 29.86 ? 105 LYS A CD  1 
ATOM   457  C  CE  . LYS A 1 69  ? -10.681 -1.773  -14.795 1.00 29.89 ? 105 LYS A CE  1 
ATOM   458  N  NZ  . LYS A 1 69  ? -11.564 -1.379  -15.929 1.00 29.88 ? 105 LYS A NZ  1 
ATOM   459  N  N   . LEU A 1 70  ? -10.089 -6.986  -10.591 1.00 29.55 ? 106 LEU A N   1 
ATOM   460  C  CA  . LEU A 1 70  ? -9.634  -8.207  -9.929  1.00 29.53 ? 106 LEU A CA  1 
ATOM   461  C  C   . LEU A 1 70  ? -10.753 -8.933  -9.196  1.00 29.50 ? 106 LEU A C   1 
ATOM   462  O  O   . LEU A 1 70  ? -10.819 -10.164 -9.220  1.00 29.30 ? 106 LEU A O   1 
ATOM   463  C  CB  . LEU A 1 70  ? -8.511  -7.888  -8.946  1.00 29.42 ? 106 LEU A CB  1 
ATOM   464  C  CG  . LEU A 1 70  ? -7.211  -7.444  -9.602  1.00 29.47 ? 106 LEU A CG  1 
ATOM   465  C  CD1 . LEU A 1 70  ? -6.258  -6.898  -8.553  1.00 30.09 ? 106 LEU A CD1 1 
ATOM   466  C  CD2 . LEU A 1 70  ? -6.572  -8.589  -10.377 1.00 29.11 ? 106 LEU A CD2 1 
ATOM   467  N  N   . LYS A 1 71  ? -11.630 -8.167  -8.552  1.00 29.53 ? 107 LYS A N   1 
ATOM   468  C  CA  . LYS A 1 71  ? -12.750 -8.737  -7.802  1.00 29.57 ? 107 LYS A CA  1 
ATOM   469  C  C   . LYS A 1 71  ? -13.752 -9.395  -8.758  1.00 29.58 ? 107 LYS A C   1 
ATOM   470  O  O   . LYS A 1 71  ? -14.516 -10.273 -8.352  1.00 29.57 ? 107 LYS A O   1 
ATOM   471  C  CB  . LYS A 1 71  ? -13.433 -7.660  -6.940  1.00 29.59 ? 107 LYS A CB  1 
ATOM   472  C  CG  . LYS A 1 71  ? -13.765 -8.103  -5.511  1.00 29.68 ? 107 LYS A CG  1 
ATOM   473  C  CD  . LYS A 1 71  ? -13.685 -6.937  -4.521  1.00 29.71 ? 107 LYS A CD  1 
ATOM   474  C  CE  . LYS A 1 71  ? -13.658 -7.409  -3.068  1.00 29.71 ? 107 LYS A CE  1 
ATOM   475  N  NZ  . LYS A 1 71  ? -14.994 -7.821  -2.564  1.00 29.99 ? 107 LYS A NZ  1 
ATOM   476  N  N   . ALA A 1 72  ? -13.734 -8.973  -10.022 1.00 29.56 ? 108 ALA A N   1 
ATOM   477  C  CA  . ALA A 1 72  ? -14.551 -9.582  -11.068 1.00 29.53 ? 108 ALA A CA  1 
ATOM   478  C  C   . ALA A 1 72  ? -13.787 -10.646 -11.869 1.00 29.53 ? 108 ALA A C   1 
ATOM   479  O  O   . ALA A 1 72  ? -14.323 -11.194 -12.831 1.00 29.36 ? 108 ALA A O   1 
ATOM   480  C  CB  . ALA A 1 72  ? -15.074 -8.501  -12.004 1.00 29.51 ? 108 ALA A CB  1 
ATOM   481  N  N   . MET A 1 73  ? -12.552 -10.943 -11.463 1.00 29.61 ? 109 MET A N   1 
ATOM   482  C  CA  . MET A 1 73  ? -11.656 -11.815 -12.229 1.00 29.71 ? 109 MET A CA  1 
ATOM   483  C  C   . MET A 1 73  ? -11.449 -13.174 -11.548 1.00 29.53 ? 109 MET A C   1 
ATOM   484  O  O   . MET A 1 73  ? -11.769 -14.214 -12.123 1.00 29.44 ? 109 MET A O   1 
ATOM   485  C  CB  . MET A 1 73  ? -10.307 -11.111 -12.428 1.00 29.84 ? 109 MET A CB  1 
ATOM   486  C  CG  . MET A 1 73  ? -9.332  -11.825 -13.358 1.00 30.38 ? 109 MET A CG  1 
ATOM   487  S  SD  . MET A 1 73  ? -7.684  -11.082 -13.324 1.00 31.77 ? 109 MET A SD  1 
ATOM   488  C  CE  . MET A 1 73  ? -8.010  -9.428  -13.953 1.00 31.46 ? 109 MET A CE  1 
ATOM   489  N  N   . GLY A 1 74  ? -10.912 -13.154 -10.329 1.00 29.40 ? 110 GLY A N   1 
ATOM   490  C  CA  . GLY A 1 74  ? -10.589 -14.371 -9.583  1.00 29.29 ? 110 GLY A CA  1 
ATOM   491  C  C   . GLY A 1 74  ? -9.090  -14.531 -9.394  1.00 29.22 ? 110 GLY A C   1 
ATOM   492  O  O   . GLY A 1 74  ? -8.635  -15.347 -8.591  1.00 29.03 ? 110 GLY A O   1 
ATOM   493  N  N   . SER A 1 77  ? -7.570  -15.231 -5.196  1.00 23.26 ? 113 SER A N   1 
ATOM   494  C  CA  . SER A 1 77  ? -7.172  -14.494 -3.999  1.00 23.19 ? 113 SER A CA  1 
ATOM   495  C  C   . SER A 1 77  ? -6.309  -15.365 -3.093  1.00 23.02 ? 113 SER A C   1 
ATOM   496  O  O   . SER A 1 77  ? -6.565  -16.561 -2.960  1.00 23.29 ? 113 SER A O   1 
ATOM   497  C  CB  . SER A 1 77  ? -8.409  -14.019 -3.235  1.00 23.24 ? 113 SER A CB  1 
ATOM   498  O  OG  . SER A 1 77  ? -8.043  -13.216 -2.125  1.00 23.42 ? 113 SER A OG  1 
ATOM   499  N  N   . VAL A 1 78  ? -5.306  -14.757 -2.460  1.00 22.72 ? 114 VAL A N   1 
ATOM   500  C  CA  . VAL A 1 78  ? -4.318  -15.496 -1.671  1.00 22.50 ? 114 VAL A CA  1 
ATOM   501  C  C   . VAL A 1 78  ? -4.156  -14.934 -0.253  1.00 22.41 ? 114 VAL A C   1 
ATOM   502  O  O   . VAL A 1 78  ? -3.835  -13.758 -0.078  1.00 22.16 ? 114 VAL A O   1 
ATOM   503  C  CB  . VAL A 1 78  ? -2.940  -15.485 -2.376  1.00 22.51 ? 114 VAL A CB  1 
ATOM   504  C  CG1 . VAL A 1 78  ? -1.884  -16.151 -1.512  1.00 22.19 ? 114 VAL A CG1 1 
ATOM   505  C  CG2 . VAL A 1 78  ? -3.034  -16.177 -3.725  1.00 22.36 ? 114 VAL A CG2 1 
ATOM   506  N  N   . LYS A 1 79  ? -4.371  -15.789 0.750   1.00 22.30 ? 115 LYS A N   1 
ATOM   507  C  CA  . LYS A 1 79  ? -4.117  -15.436 2.153   1.00 22.24 ? 115 LYS A CA  1 
ATOM   508  C  C   . LYS A 1 79  ? -2.634  -15.168 2.384   1.00 22.11 ? 115 LYS A C   1 
ATOM   509  O  O   . LYS A 1 79  ? -1.797  -16.034 2.127   1.00 21.96 ? 115 LYS A O   1 
ATOM   510  C  CB  . LYS A 1 79  ? -4.555  -16.566 3.081   1.00 22.29 ? 115 LYS A CB  1 
ATOM   511  C  CG  . LYS A 1 79  ? -6.030  -16.579 3.410   1.00 22.75 ? 115 LYS A CG  1 
ATOM   512  C  CD  . LYS A 1 79  ? -6.335  -15.834 4.704   1.00 23.09 ? 115 LYS A CD  1 
ATOM   513  C  CE  . LYS A 1 79  ? -5.952  -16.644 5.938   1.00 22.92 ? 115 LYS A CE  1 
ATOM   514  N  NZ  . LYS A 1 79  ? -6.506  -16.055 7.190   1.00 22.59 ? 115 LYS A NZ  1 
ATOM   515  N  N   . SER A 1 80  ? -2.311  -13.975 2.881   1.00 21.95 ? 116 SER A N   1 
ATOM   516  C  CA  . SER A 1 80  ? -0.915  -13.599 3.109   1.00 21.87 ? 116 SER A CA  1 
ATOM   517  C  C   . SER A 1 80  ? -0.785  -12.536 4.197   1.00 21.52 ? 116 SER A C   1 
ATOM   518  O  O   . SER A 1 80  ? -1.785  -12.084 4.748   1.00 21.45 ? 116 SER A O   1 
ATOM   519  C  CB  . SER A 1 80  ? -0.281  -13.121 1.792   1.00 21.93 ? 116 SER A CB  1 
ATOM   520  O  OG  . SER A 1 80  ? -1.164  -12.286 1.059   1.00 22.29 ? 116 SER A OG  1 
ATOM   521  N  N   . VAL A 1 81  ? 0.453   -12.164 4.516   1.00 21.32 ? 117 VAL A N   1 
ATOM   522  C  CA  . VAL A 1 81  ? 0.720   -11.034 5.411   1.00 21.22 ? 117 VAL A CA  1 
ATOM   523  C  C   . VAL A 1 81  ? 1.512   -9.935  4.690   1.00 21.12 ? 117 VAL A C   1 
ATOM   524  O  O   . VAL A 1 81  ? 2.562   -10.203 4.118   1.00 20.80 ? 117 VAL A O   1 
ATOM   525  C  CB  . VAL A 1 81  ? 1.470   -11.480 6.673   1.00 21.15 ? 117 VAL A CB  1 
ATOM   526  C  CG1 . VAL A 1 81  ? 2.026   -10.279 7.423   1.00 21.13 ? 117 VAL A CG1 1 
ATOM   527  C  CG2 . VAL A 1 81  ? 0.543   -12.280 7.557   1.00 20.60 ? 117 VAL A CG2 1 
ATOM   528  N  N   . LEU A 1 82  ? 0.977   -8.711  4.720   1.00 21.11 ? 118 LEU A N   1 
ATOM   529  C  CA  . LEU A 1 82  ? 1.611   -7.540  4.108   1.00 21.14 ? 118 LEU A CA  1 
ATOM   530  C  C   . LEU A 1 82  ? 2.477   -6.827  5.137   1.00 21.21 ? 118 LEU A C   1 
ATOM   531  O  O   . LEU A 1 82  ? 1.980   -6.400  6.176   1.00 21.21 ? 118 LEU A O   1 
ATOM   532  C  CB  . LEU A 1 82  ? 0.545   -6.571  3.568   1.00 21.11 ? 118 LEU A CB  1 
ATOM   533  C  CG  . LEU A 1 82  ? 0.970   -5.128  3.240   1.00 20.88 ? 118 LEU A CG  1 
ATOM   534  C  CD1 . LEU A 1 82  ? 1.977   -5.100  2.096   1.00 20.35 ? 118 LEU A CD1 1 
ATOM   535  C  CD2 . LEU A 1 82  ? -0.241  -4.271  2.918   1.00 19.40 ? 118 LEU A CD2 1 
ATOM   536  N  N   . TRP A 1 83  ? 3.764   -6.691  4.842   1.00 21.53 ? 119 TRP A N   1 
ATOM   537  C  CA  . TRP A 1 83  ? 4.708   -6.027  5.746   1.00 21.99 ? 119 TRP A CA  1 
ATOM   538  C  C   . TRP A 1 83  ? 5.046   -4.628  5.234   1.00 21.98 ? 119 TRP A C   1 
ATOM   539  O  O   . TRP A 1 83  ? 5.244   -4.436  4.039   1.00 22.19 ? 119 TRP A O   1 
ATOM   540  C  CB  . TRP A 1 83  ? 5.983   -6.863  5.893   1.00 21.95 ? 119 TRP A CB  1 
ATOM   541  C  CG  . TRP A 1 83  ? 5.748   -8.174  6.578   1.00 22.67 ? 119 TRP A CG  1 
ATOM   542  C  CD1 . TRP A 1 83  ? 5.241   -9.314  6.017   1.00 23.00 ? 119 TRP A CD1 1 
ATOM   543  C  CD2 . TRP A 1 83  ? 6.004   -8.486  7.957   1.00 23.48 ? 119 TRP A CD2 1 
ATOM   544  N  NE1 . TRP A 1 83  ? 5.167   -10.313 6.959   1.00 22.86 ? 119 TRP A NE1 1 
ATOM   545  C  CE2 . TRP A 1 83  ? 5.631   -9.835  8.156   1.00 22.63 ? 119 TRP A CE2 1 
ATOM   546  C  CE3 . TRP A 1 83  ? 6.513   -7.757  9.042   1.00 23.57 ? 119 TRP A CE3 1 
ATOM   547  C  CZ2 . TRP A 1 83  ? 5.749   -10.470 9.395   1.00 21.98 ? 119 TRP A CZ2 1 
ATOM   548  C  CZ3 . TRP A 1 83  ? 6.635   -8.397  10.278  1.00 23.08 ? 119 TRP A CZ3 1 
ATOM   549  C  CH2 . TRP A 1 83  ? 6.256   -9.740  10.439  1.00 22.11 ? 119 TRP A CH2 1 
ATOM   550  N  N   . VAL A 1 84  ? 5.113   -3.658  6.138   1.00 22.04 ? 120 VAL A N   1 
ATOM   551  C  CA  . VAL A 1 84  ? 5.347   -2.268  5.745   1.00 22.21 ? 120 VAL A CA  1 
ATOM   552  C  C   . VAL A 1 84  ? 6.533   -1.664  6.488   1.00 22.52 ? 120 VAL A C   1 
ATOM   553  O  O   . VAL A 1 84  ? 6.465   -1.466  7.702   1.00 22.75 ? 120 VAL A O   1 
ATOM   554  C  CB  . VAL A 1 84  ? 4.113   -1.396  6.005   1.00 21.96 ? 120 VAL A CB  1 
ATOM   555  C  CG1 . VAL A 1 84  ? 4.406   0.036   5.622   1.00 21.47 ? 120 VAL A CG1 1 
ATOM   556  C  CG2 . VAL A 1 84  ? 2.922   -1.933  5.228   1.00 21.78 ? 120 VAL A CG2 1 
ATOM   557  N  N   . SER A 1 85  ? 7.606   -1.378  5.749   1.00 22.61 ? 121 SER A N   1 
ATOM   558  C  CA  . SER A 1 85  ? 8.778   -0.712  6.296   1.00 22.69 ? 121 SER A CA  1 
ATOM   559  C  C   . SER A 1 85  ? 9.082   0.540   5.488   1.00 22.87 ? 121 SER A C   1 
ATOM   560  O  O   . SER A 1 85  ? 8.484   0.766   4.431   1.00 23.00 ? 121 SER A O   1 
ATOM   561  C  CB  . SER A 1 85  ? 9.988   -1.631  6.231   1.00 22.78 ? 121 SER A CB  1 
ATOM   562  O  OG  . SER A 1 85  ? 10.713  -1.408  5.031   1.00 22.92 ? 121 SER A OG  1 
ATOM   563  N  N   . ALA A 1 86  ? 10.045  1.326   5.976   1.00 22.82 ? 122 ALA A N   1 
ATOM   564  C  CA  . ALA A 1 86  ? 10.485  2.546   5.300   1.00 22.60 ? 122 ALA A CA  1 
ATOM   565  C  C   . ALA A 1 86  ? 11.226  2.265   3.989   1.00 22.62 ? 122 ALA A C   1 
ATOM   566  O  O   . ALA A 1 86  ? 11.379  3.164   3.163   1.00 22.75 ? 122 ALA A O   1 
ATOM   567  C  CB  . ALA A 1 86  ? 11.359  3.372   6.227   1.00 22.51 ? 122 ALA A CB  1 
ATOM   568  N  N   . ASP A 1 87  ? 11.683  1.028   3.795   1.00 22.60 ? 123 ASP A N   1 
ATOM   569  C  CA  . ASP A 1 87  ? 12.423  0.657   2.580   1.00 22.52 ? 123 ASP A CA  1 
ATOM   570  C  C   . ASP A 1 87  ? 11.557  -0.002  1.500   1.00 22.43 ? 123 ASP A C   1 
ATOM   571  O  O   . ASP A 1 87  ? 11.874  0.086   0.308   1.00 22.29 ? 123 ASP A O   1 
ATOM   572  C  CB  . ASP A 1 87  ? 13.578  -0.272  2.939   1.00 22.46 ? 123 ASP A CB  1 
ATOM   573  C  CG  . ASP A 1 87  ? 14.592  0.390   3.840   1.00 22.96 ? 123 ASP A CG  1 
ATOM   574  O  OD1 . ASP A 1 87  ? 15.724  0.638   3.378   1.00 23.65 ? 123 ASP A OD1 1 
ATOM   575  O  OD2 . ASP A 1 87  ? 14.260  0.669   5.010   1.00 24.05 ? 123 ASP A OD2 1 
ATOM   576  N  N   . GLY A 1 88  ? 10.478  -0.666  1.910   1.00 22.31 ? 124 GLY A N   1 
ATOM   577  C  CA  . GLY A 1 88  ? 9.620   -1.364  0.965   1.00 22.28 ? 124 GLY A CA  1 
ATOM   578  C  C   . GLY A 1 88  ? 8.461   -2.128  1.582   1.00 22.44 ? 124 GLY A C   1 
ATOM   579  O  O   . GLY A 1 88  ? 8.317   -2.222  2.809   1.00 22.45 ? 124 GLY A O   1 
ATOM   580  N  N   . LEU A 1 89  ? 7.631   -2.675  0.698   1.00 22.46 ? 125 LEU A N   1 
ATOM   581  C  CA  . LEU A 1 89  ? 6.472   -3.465  1.077   1.00 22.38 ? 125 LEU A CA  1 
ATOM   582  C  C   . LEU A 1 89  ? 6.715   -4.915  0.655   1.00 22.62 ? 125 LEU A C   1 
ATOM   583  O  O   . LEU A 1 89  ? 7.242   -5.178  -0.437  1.00 22.65 ? 125 LEU A O   1 
ATOM   584  C  CB  . LEU A 1 89  ? 5.221   -2.910  0.392   1.00 22.29 ? 125 LEU A CB  1 
ATOM   585  C  CG  . LEU A 1 89  ? 5.025   -1.396  0.535   1.00 21.60 ? 125 LEU A CG  1 
ATOM   586  C  CD1 . LEU A 1 89  ? 3.901   -0.890  -0.351  1.00 20.65 ? 125 LEU A CD1 1 
ATOM   587  C  CD2 . LEU A 1 89  ? 4.767   -1.040  1.987   1.00 21.37 ? 125 LEU A CD2 1 
ATOM   588  N  N   . ARG A 1 90  ? 6.350   -5.850  1.527   1.00 22.67 ? 126 ARG A N   1 
ATOM   589  C  CA  . ARG A 1 90  ? 6.529   -7.269  1.247   1.00 22.76 ? 126 ARG A CA  1 
ATOM   590  C  C   . ARG A 1 90  ? 5.255   -8.038  1.546   1.00 22.42 ? 126 ARG A C   1 
ATOM   591  O  O   . ARG A 1 90  ? 4.570   -7.753  2.522   1.00 22.30 ? 126 ARG A O   1 
ATOM   592  C  CB  . ARG A 1 90  ? 7.687   -7.841  2.072   1.00 22.98 ? 126 ARG A CB  1 
ATOM   593  C  CG  . ARG A 1 90  ? 9.051   -7.396  1.609   1.00 23.76 ? 126 ARG A CG  1 
ATOM   594  C  CD  . ARG A 1 90  ? 10.100  -7.573  2.690   1.00 25.47 ? 126 ARG A CD  1 
ATOM   595  N  NE  . ARG A 1 90  ? 11.368  -6.966  2.287   1.00 27.49 ? 126 ARG A NE  1 
ATOM   596  C  CZ  . ARG A 1 90  ? 12.460  -6.892  3.048   1.00 28.87 ? 126 ARG A CZ  1 
ATOM   597  N  NH1 . ARG A 1 90  ? 12.474  -7.394  4.283   1.00 29.40 ? 126 ARG A NH1 1 
ATOM   598  N  NH2 . ARG A 1 90  ? 13.555  -6.317  2.564   1.00 28.99 ? 126 ARG A NH2 1 
ATOM   599  N  N   . VAL A 1 91  ? 4.954   -9.014  0.695   1.00 22.16 ? 127 VAL A N   1 
ATOM   600  C  CA  . VAL A 1 91  ? 3.817   -9.902  0.892   1.00 22.00 ? 127 VAL A CA  1 
ATOM   601  C  C   . VAL A 1 91  ? 4.342   -11.332 0.993   1.00 21.95 ? 127 VAL A C   1 
ATOM   602  O  O   . VAL A 1 91  ? 5.004   -11.815 0.072   1.00 21.86 ? 127 VAL A O   1 
ATOM   603  C  CB  . VAL A 1 91  ? 2.812   -9.786  -0.274  1.00 21.99 ? 127 VAL A CB  1 
ATOM   604  C  CG1 . VAL A 1 91  ? 1.553   -10.591 0.021   1.00 21.70 ? 127 VAL A CG1 1 
ATOM   605  C  CG2 . VAL A 1 91  ? 2.466   -8.312  -0.533  1.00 21.74 ? 127 VAL A CG2 1 
ATOM   606  N  N   . VAL A 1 92  ? 4.062   -11.987 2.122   1.00 21.94 ? 128 VAL A N   1 
ATOM   607  C  CA  . VAL A 1 92  ? 4.489   -13.372 2.365   1.00 21.93 ? 128 VAL A CA  1 
ATOM   608  C  C   . VAL A 1 92  ? 3.289   -14.321 2.430   1.00 21.97 ? 128 VAL A C   1 
ATOM   609  O  O   . VAL A 1 92  ? 2.338   -14.082 3.174   1.00 21.96 ? 128 VAL A O   1 
ATOM   610  C  CB  . VAL A 1 92  ? 5.308   -13.493 3.673   1.00 21.91 ? 128 VAL A CB  1 
ATOM   611  C  CG1 . VAL A 1 92  ? 5.555   -14.949 4.020   1.00 21.78 ? 128 VAL A CG1 1 
ATOM   612  C  CG2 . VAL A 1 92  ? 6.634   -12.754 3.542   1.00 21.95 ? 128 VAL A CG2 1 
ATOM   613  N  N   . ASP A 1 93  ? 3.360   -15.402 1.654   1.00 22.09 ? 129 ASP A N   1 
ATOM   614  C  CA  . ASP A 1 93  ? 2.277   -16.391 1.554   1.00 22.23 ? 129 ASP A CA  1 
ATOM   615  C  C   . ASP A 1 93  ? 2.027   -17.059 2.910   1.00 22.14 ? 129 ASP A C   1 
ATOM   616  O  O   . ASP A 1 93  ? 2.974   -17.418 3.596   1.00 22.16 ? 129 ASP A O   1 
ATOM   617  C  CB  . ASP A 1 93  ? 2.648   -17.453 0.507   1.00 22.27 ? 129 ASP A CB  1 
ATOM   618  C  CG  . ASP A 1 93  ? 1.449   -18.248 0.015   1.00 22.91 ? 129 ASP A CG  1 
ATOM   619  O  OD1 . ASP A 1 93  ? 1.471   -19.502 0.105   1.00 23.39 ? 129 ASP A OD1 1 
ATOM   620  O  OD2 . ASP A 1 93  ? 0.487   -17.619 -0.473  1.00 23.30 ? 129 ASP A OD2 1 
ATOM   621  N  N   . ASP A 1 94  ? 0.764   -17.209 3.305   1.00 22.12 ? 130 ASP A N   1 
ATOM   622  C  CA  . ASP A 1 94  ? 0.442   -17.881 4.578   1.00 22.12 ? 130 ASP A CA  1 
ATOM   623  C  C   . ASP A 1 94  ? 0.604   -19.395 4.472   1.00 21.82 ? 130 ASP A C   1 
ATOM   624  O  O   . ASP A 1 94  ? 1.081   -20.033 5.411   1.00 21.61 ? 130 ASP A O   1 
ATOM   625  C  CB  . ASP A 1 94  ? -0.977  -17.535 5.074   1.00 22.15 ? 130 ASP A CB  1 
ATOM   626  C  CG  . ASP A 1 94  ? -1.041  -16.193 5.817   1.00 22.60 ? 130 ASP A CG  1 
ATOM   627  O  OD1 . ASP A 1 94  ? 0.005   -15.529 5.983   1.00 23.70 ? 130 ASP A OD1 1 
ATOM   628  O  OD2 . ASP A 1 94  ? -2.148  -15.796 6.239   1.00 23.17 ? 130 ASP A OD2 1 
ATOM   629  N  N   . LYS A 1 95  ? 0.218   -19.960 3.329   1.00 21.65 ? 131 LYS A N   1 
ATOM   630  C  CA  . LYS A 1 95  ? 0.278   -21.411 3.136   1.00 21.57 ? 131 LYS A CA  1 
ATOM   631  C  C   . LYS A 1 95  ? 1.714   -21.919 3.061   1.00 21.35 ? 131 LYS A C   1 
ATOM   632  O  O   . LYS A 1 95  ? 2.096   -22.817 3.809   1.00 21.21 ? 131 LYS A O   1 
ATOM   633  C  CB  . LYS A 1 95  ? -0.479  -21.823 1.872   1.00 21.64 ? 131 LYS A CB  1 
ATOM   634  C  CG  . LYS A 1 95  ? -0.520  -23.329 1.627   1.00 21.72 ? 131 LYS A CG  1 
ATOM   635  C  CD  . LYS A 1 95  ? -1.365  -23.663 0.406   1.00 22.21 ? 131 LYS A CD  1 
ATOM   636  C  CE  . LYS A 1 95  ? -1.723  -25.144 0.343   1.00 22.63 ? 131 LYS A CE  1 
ATOM   637  N  NZ  . LYS A 1 95  ? -2.701  -25.429 -0.750  1.00 22.83 ? 131 LYS A NZ  1 
ATOM   638  N  N   . THR A 1 96  ? 2.500   -21.325 2.165   1.00 21.20 ? 132 THR A N   1 
ATOM   639  C  CA  . THR A 1 96  ? 3.858   -21.785 1.869   1.00 20.93 ? 132 THR A CA  1 
ATOM   640  C  C   . THR A 1 96  ? 4.964   -20.936 2.508   1.00 20.87 ? 132 THR A C   1 
ATOM   641  O  O   . THR A 1 96  ? 6.136   -21.314 2.469   1.00 20.74 ? 132 THR A O   1 
ATOM   642  C  CB  . THR A 1 96  ? 4.086   -21.797 0.349   1.00 20.87 ? 132 THR A CB  1 
ATOM   643  O  OG1 . THR A 1 96  ? 3.911   -20.471 -0.168  1.00 20.89 ? 132 THR A OG1 1 
ATOM   644  C  CG2 . THR A 1 96  ? 3.104   -22.736 -0.333  1.00 20.50 ? 132 THR A CG2 1 
ATOM   645  N  N   . LYS A 1 97  ? 4.595   -19.790 3.084   1.00 20.87 ? 133 LYS A N   1 
ATOM   646  C  CA  . LYS A 1 97  ? 5.562   -18.814 3.615   1.00 20.90 ? 133 LYS A CA  1 
ATOM   647  C  C   . LYS A 1 97  ? 6.549   -18.297 2.552   1.00 20.90 ? 133 LYS A C   1 
ATOM   648  O  O   . LYS A 1 97  ? 7.604   -17.758 2.881   1.00 20.96 ? 133 LYS A O   1 
ATOM   649  C  CB  . LYS A 1 97  ? 6.282   -19.374 4.853   1.00 20.89 ? 133 LYS A CB  1 
ATOM   650  C  CG  . LYS A 1 97  ? 5.404   -19.397 6.102   1.00 21.08 ? 133 LYS A CG  1 
ATOM   651  C  CD  . LYS A 1 97  ? 5.259   -17.996 6.723   1.00 21.56 ? 133 LYS A CD  1 
ATOM   652  C  CE  . LYS A 1 97  ? 4.196   -17.954 7.816   1.00 21.94 ? 133 LYS A CE  1 
ATOM   653  N  NZ  . LYS A 1 97  ? 4.443   -18.966 8.893   1.00 22.22 ? 133 LYS A NZ  1 
ATOM   654  N  N   . ASP A 1 98  ? 6.177   -18.441 1.280   1.00 20.91 ? 134 ASP A N   1 
ATOM   655  C  CA  . ASP A 1 98  ? 6.968   -17.943 0.161   1.00 20.91 ? 134 ASP A CA  1 
ATOM   656  C  C   . ASP A 1 98  ? 6.803   -16.426 0.029   1.00 20.85 ? 134 ASP A C   1 
ATOM   657  O  O   . ASP A 1 98  ? 5.698   -15.901 0.188   1.00 20.79 ? 134 ASP A O   1 
ATOM   658  C  CB  . ASP A 1 98  ? 6.524   -18.619 -1.143  1.00 20.96 ? 134 ASP A CB  1 
ATOM   659  C  CG  . ASP A 1 98  ? 6.828   -20.113 -1.174  1.00 21.41 ? 134 ASP A CG  1 
ATOM   660  O  OD1 . ASP A 1 98  ? 7.656   -20.591 -0.370  1.00 22.40 ? 134 ASP A OD1 1 
ATOM   661  O  OD2 . ASP A 1 98  ? 6.247   -20.816 -2.025  1.00 21.82 ? 134 ASP A OD2 1 
ATOM   662  N  N   . LEU A 1 99  ? 7.905   -15.732 -0.255  1.00 20.72 ? 135 LEU A N   1 
ATOM   663  C  CA  . LEU A 1 99  ? 7.881   -14.295 -0.514  1.00 20.57 ? 135 LEU A CA  1 
ATOM   664  C  C   . LEU A 1 99  ? 7.276   -14.039 -1.899  1.00 20.57 ? 135 LEU A C   1 
ATOM   665  O  O   . LEU A 1 99  ? 7.900   -14.333 -2.921  1.00 20.34 ? 135 LEU A O   1 
ATOM   666  C  CB  . LEU A 1 99  ? 9.299   -13.712 -0.427  1.00 20.51 ? 135 LEU A CB  1 
ATOM   667  C  CG  . LEU A 1 99  ? 9.485   -12.216 -0.736  1.00 20.82 ? 135 LEU A CG  1 
ATOM   668  C  CD1 . LEU A 1 99  ? 8.843   -11.338 0.337   1.00 20.87 ? 135 LEU A CD1 1 
ATOM   669  C  CD2 . LEU A 1 99  ? 10.966  -11.869 -0.907  1.00 20.53 ? 135 LEU A CD2 1 
ATOM   670  N  N   . LEU A 1 100 ? 6.062   -13.487 -1.915  1.00 20.66 ? 136 LEU A N   1 
ATOM   671  C  CA  . LEU A 1 100 ? 5.326   -13.238 -3.156  1.00 20.84 ? 136 LEU A CA  1 
ATOM   672  C  C   . LEU A 1 100 ? 5.687   -11.907 -3.816  1.00 21.12 ? 136 LEU A C   1 
ATOM   673  O  O   . LEU A 1 100 ? 5.800   -11.826 -5.037  1.00 21.14 ? 136 LEU A O   1 
ATOM   674  C  CB  . LEU A 1 100 ? 3.820   -13.261 -2.889  1.00 20.81 ? 136 LEU A CB  1 
ATOM   675  C  CG  . LEU A 1 100 ? 3.208   -14.583 -2.417  1.00 20.53 ? 136 LEU A CG  1 
ATOM   676  C  CD1 . LEU A 1 100 ? 1.722   -14.391 -2.137  1.00 19.28 ? 136 LEU A CD1 1 
ATOM   677  C  CD2 . LEU A 1 100 ? 3.449   -15.705 -3.444  1.00 19.71 ? 136 LEU A CD2 1 
ATOM   678  N  N   . VAL A 1 101 ? 5.846   -10.864 -3.011  1.00 21.49 ? 137 VAL A N   1 
ATOM   679  C  CA  . VAL A 1 101 ? 6.103   -9.522  -3.523  1.00 21.77 ? 137 VAL A CA  1 
ATOM   680  C  C   . VAL A 1 101 ? 7.156   -8.821  -2.681  1.00 21.99 ? 137 VAL A C   1 
ATOM   681  O  O   . VAL A 1 101 ? 7.056   -8.795  -1.460  1.00 22.22 ? 137 VAL A O   1 
ATOM   682  C  CB  . VAL A 1 101 ? 4.816   -8.666  -3.496  1.00 21.81 ? 137 VAL A CB  1 
ATOM   683  C  CG1 . VAL A 1 101 ? 5.141   -7.182  -3.704  1.00 21.85 ? 137 VAL A CG1 1 
ATOM   684  C  CG2 . VAL A 1 101 ? 3.823   -9.162  -4.542  1.00 21.89 ? 137 VAL A CG2 1 
ATOM   685  N  N   . ASP A 1 102 ? 8.163   -8.260  -3.343  1.00 22.22 ? 138 ASP A N   1 
ATOM   686  C  CA  . ASP A 1 102 ? 9.147   -7.405  -2.689  1.00 22.38 ? 138 ASP A CA  1 
ATOM   687  C  C   . ASP A 1 102 ? 9.265   -6.098  -3.489  1.00 22.54 ? 138 ASP A C   1 
ATOM   688  O  O   . ASP A 1 102 ? 10.107  -5.968  -4.381  1.00 22.37 ? 138 ASP A O   1 
ATOM   689  C  CB  . ASP A 1 102 ? 10.491  -8.130  -2.588  1.00 22.40 ? 138 ASP A CB  1 
ATOM   690  C  CG  . ASP A 1 102 ? 11.483  -7.416  -1.690  1.00 22.49 ? 138 ASP A CG  1 
ATOM   691  O  OD1 . ASP A 1 102 ? 11.061  -6.611  -0.831  1.00 22.95 ? 138 ASP A OD1 1 
ATOM   692  O  OD2 . ASP A 1 102 ? 12.695  -7.674  -1.843  1.00 22.45 ? 138 ASP A OD2 1 
ATOM   693  N  N   . GLN A 1 103 ? 8.391   -5.145  -3.161  1.00 22.63 ? 139 GLN A N   1 
ATOM   694  C  CA  . GLN A 1 103 ? 8.261   -3.887  -3.903  1.00 22.55 ? 139 GLN A CA  1 
ATOM   695  C  C   . GLN A 1 103 ? 8.950   -2.762  -3.151  1.00 22.54 ? 139 GLN A C   1 
ATOM   696  O  O   . GLN A 1 103 ? 8.622   -2.481  -1.997  1.00 22.51 ? 139 GLN A O   1 
ATOM   697  C  CB  . GLN A 1 103 ? 6.777   -3.545  -4.107  1.00 22.55 ? 139 GLN A CB  1 
ATOM   698  C  CG  . GLN A 1 103 ? 6.497   -2.117  -4.575  1.00 22.36 ? 139 GLN A CG  1 
ATOM   699  C  CD  . GLN A 1 103 ? 7.051   -1.814  -5.961  1.00 21.70 ? 139 GLN A CD  1 
ATOM   700  O  OE1 . GLN A 1 103 ? 6.721   -2.490  -6.939  1.00 19.99 ? 139 GLN A OE1 1 
ATOM   701  N  NE2 . GLN A 1 103 ? 7.884   -0.778  -6.052  1.00 21.37 ? 139 GLN A NE2 1 
ATOM   702  N  N   . THR A 1 104 ? 9.896   -2.113  -3.821  1.00 22.57 ? 140 THR A N   1 
ATOM   703  C  CA  . THR A 1 104 ? 10.682  -1.057  -3.203  1.00 22.67 ? 140 THR A CA  1 
ATOM   704  C  C   . THR A 1 104 ? 9.859   0.219   -3.072  1.00 22.72 ? 140 THR A C   1 
ATOM   705  O  O   . THR A 1 104 ? 9.110   0.582   -3.985  1.00 23.11 ? 140 THR A O   1 
ATOM   706  C  CB  . THR A 1 104 ? 11.974  -0.767  -3.982  1.00 22.62 ? 140 THR A CB  1 
ATOM   707  O  OG1 . THR A 1 104 ? 12.714  0.250   -3.296  1.00 23.34 ? 140 THR A OG1 1 
ATOM   708  C  CG2 . THR A 1 104 ? 11.675  -0.315  -5.410  1.00 22.55 ? 140 THR A CG2 1 
ATOM   709  N  N   . ILE A 1 105 ? 10.017  0.898   -1.936  1.00 22.58 ? 141 ILE A N   1 
ATOM   710  C  CA  . ILE A 1 105 ? 9.185   2.050   -1.590  1.00 22.38 ? 141 ILE A CA  1 
ATOM   711  C  C   . ILE A 1 105 ? 9.449   3.259   -2.490  1.00 22.28 ? 141 ILE A C   1 
ATOM   712  O  O   . ILE A 1 105 ? 8.594   4.135   -2.615  1.00 22.30 ? 141 ILE A O   1 
ATOM   713  C  CB  . ILE A 1 105 ? 9.380   2.458   -0.104  1.00 22.29 ? 141 ILE A CB  1 
ATOM   714  C  CG1 . ILE A 1 105 ? 8.124   3.147   0.446   1.00 22.48 ? 141 ILE A CG1 1 
ATOM   715  C  CG2 . ILE A 1 105 ? 10.607  3.337   0.060   1.00 22.39 ? 141 ILE A CG2 1 
ATOM   716  C  CD1 . ILE A 1 105 ? 6.949   2.190   0.688   1.00 21.77 ? 141 ILE A CD1 1 
ATOM   717  N  N   . GLU A 1 106 ? 10.621  3.296   -3.118  1.00 22.18 ? 142 GLU A N   1 
ATOM   718  C  CA  . GLU A 1 106 ? 11.005  4.437   -3.946  1.00 22.20 ? 142 GLU A CA  1 
ATOM   719  C  C   . GLU A 1 106 ? 10.369  4.425   -5.340  1.00 21.86 ? 142 GLU A C   1 
ATOM   720  O  O   . GLU A 1 106 ? 10.299  5.470   -5.993  1.00 21.77 ? 142 GLU A O   1 
ATOM   721  C  CB  . GLU A 1 106 ? 12.533  4.588   -4.037  1.00 22.42 ? 142 GLU A CB  1 
ATOM   722  C  CG  . GLU A 1 106 ? 13.341  3.307   -4.163  1.00 23.29 ? 142 GLU A CG  1 
ATOM   723  C  CD  . GLU A 1 106 ? 14.777  3.580   -4.593  1.00 25.09 ? 142 GLU A CD  1 
ATOM   724  O  OE1 . GLU A 1 106 ? 15.392  2.686   -5.221  1.00 25.90 ? 142 GLU A OE1 1 
ATOM   725  O  OE2 . GLU A 1 106 ? 15.286  4.694   -4.313  1.00 26.08 ? 142 GLU A OE2 1 
ATOM   726  N  N   . LYS A 1 107 ? 9.913   3.258   -5.798  1.00 21.42 ? 143 LYS A N   1 
ATOM   727  C  CA  . LYS A 1 107 ? 9.179   3.166   -7.064  1.00 21.01 ? 143 LYS A CA  1 
ATOM   728  C  C   . LYS A 1 107 ? 7.675   2.937   -6.853  1.00 20.54 ? 143 LYS A C   1 
ATOM   729  O  O   . LYS A 1 107 ? 6.965   2.536   -7.774  1.00 20.49 ? 143 LYS A O   1 
ATOM   730  C  CB  . LYS A 1 107 ? 9.798   2.098   -7.979  1.00 21.00 ? 143 LYS A CB  1 
ATOM   731  C  CG  . LYS A 1 107 ? 11.078  2.573   -8.661  1.00 21.33 ? 143 LYS A CG  1 
ATOM   732  C  CD  . LYS A 1 107 ? 11.478  1.719   -9.859  1.00 22.15 ? 143 LYS A CD  1 
ATOM   733  C  CE  . LYS A 1 107 ? 12.145  0.411   -9.435  1.00 22.63 ? 143 LYS A CE  1 
ATOM   734  N  NZ  . LYS A 1 107 ? 12.672  -0.368  -10.597 1.00 22.53 ? 143 LYS A NZ  1 
ATOM   735  N  N   . VAL A 1 108 ? 7.190   3.211   -5.644  1.00 20.10 ? 144 VAL A N   1 
ATOM   736  C  CA  . VAL A 1 108 ? 5.752   3.252   -5.382  1.00 19.77 ? 144 VAL A CA  1 
ATOM   737  C  C   . VAL A 1 108 ? 5.287   4.699   -5.540  1.00 19.65 ? 144 VAL A C   1 
ATOM   738  O  O   . VAL A 1 108 ? 5.754   5.605   -4.852  1.00 19.25 ? 144 VAL A O   1 
ATOM   739  C  CB  . VAL A 1 108 ? 5.377   2.702   -3.975  1.00 19.75 ? 144 VAL A CB  1 
ATOM   740  C  CG1 . VAL A 1 108 ? 3.924   3.030   -3.629  1.00 19.05 ? 144 VAL A CG1 1 
ATOM   741  C  CG2 . VAL A 1 108 ? 5.613   1.204   -3.920  1.00 19.36 ? 144 VAL A CG2 1 
ATOM   742  N  N   . SER A 1 109 ? 4.359   4.887   -6.464  1.00 19.62 ? 145 SER A N   1 
ATOM   743  C  CA  . SER A 1 109 ? 3.859   6.195   -6.834  1.00 19.58 ? 145 SER A CA  1 
ATOM   744  C  C   . SER A 1 109 ? 2.812   6.704   -5.839  1.00 19.74 ? 145 SER A C   1 
ATOM   745  O  O   . SER A 1 109 ? 2.911   7.822   -5.338  1.00 19.89 ? 145 SER A O   1 
ATOM   746  C  CB  . SER A 1 109 ? 3.270   6.111   -8.248  1.00 19.58 ? 145 SER A CB  1 
ATOM   747  O  OG  . SER A 1 109 ? 2.204   7.015   -8.432  1.00 19.63 ? 145 SER A OG  1 
ATOM   748  N  N   . PHE A 1 110 ? 1.821   5.871   -5.542  1.00 19.77 ? 146 PHE A N   1 
ATOM   749  C  CA  . PHE A 1 110 ? 0.623   6.311   -4.836  1.00 19.70 ? 146 PHE A CA  1 
ATOM   750  C  C   . PHE A 1 110 ? -0.014  5.127   -4.113  1.00 19.99 ? 146 PHE A C   1 
ATOM   751  O  O   . PHE A 1 110 ? 0.177   3.972   -4.507  1.00 20.15 ? 146 PHE A O   1 
ATOM   752  C  CB  . PHE A 1 110 ? -0.350  6.908   -5.867  1.00 19.65 ? 146 PHE A CB  1 
ATOM   753  C  CG  . PHE A 1 110 ? -1.689  7.315   -5.308  1.00 18.95 ? 146 PHE A CG  1 
ATOM   754  C  CD1 . PHE A 1 110 ? -1.884  8.590   -4.794  1.00 18.31 ? 146 PHE A CD1 1 
ATOM   755  C  CD2 . PHE A 1 110 ? -2.763  6.437   -5.331  1.00 18.33 ? 146 PHE A CD2 1 
ATOM   756  C  CE1 . PHE A 1 110 ? -3.117  8.973   -4.288  1.00 18.16 ? 146 PHE A CE1 1 
ATOM   757  C  CE2 . PHE A 1 110 ? -4.002  6.810   -4.826  1.00 18.21 ? 146 PHE A CE2 1 
ATOM   758  C  CZ  . PHE A 1 110 ? -4.179  8.080   -4.301  1.00 18.20 ? 146 PHE A CZ  1 
ATOM   759  N  N   . CYS A 1 111 ? -0.757  5.408   -3.048  1.00 20.13 ? 147 CYS A N   1 
ATOM   760  C  CA  . CYS A 1 111 ? -1.568  4.382   -2.400  1.00 20.29 ? 147 CYS A CA  1 
ATOM   761  C  C   . CYS A 1 111 ? -2.841  5.003   -1.843  1.00 20.46 ? 147 CYS A C   1 
ATOM   762  O  O   . CYS A 1 111 ? -2.936  6.228   -1.720  1.00 20.34 ? 147 CYS A O   1 
ATOM   763  C  CB  . CYS A 1 111 ? -0.778  3.664   -1.302  1.00 20.29 ? 147 CYS A CB  1 
ATOM   764  S  SG  . CYS A 1 111 ? -0.555  4.610   0.205   1.00 20.20 ? 147 CYS A SG  1 
ATOM   765  N  N   . ALA A 1 112 ? -3.819  4.152   -1.526  1.00 20.58 ? 148 ALA A N   1 
ATOM   766  C  CA  . ALA A 1 112 ? -5.128  4.618   -1.078  1.00 20.74 ? 148 ALA A CA  1 
ATOM   767  C  C   . ALA A 1 112 ? -6.045  3.475   -0.657  1.00 20.95 ? 148 ALA A C   1 
ATOM   768  O  O   . ALA A 1 112 ? -5.918  2.359   -1.160  1.00 20.91 ? 148 ALA A O   1 
ATOM   769  C  CB  . ALA A 1 112 ? -5.801  5.421   -2.182  1.00 20.69 ? 148 ALA A CB  1 
ATOM   770  N  N   . PRO A 1 113 ? -6.988  3.758   0.258   1.00 21.27 ? 149 PRO A N   1 
ATOM   771  C  CA  . PRO A 1 113 ? -8.070  2.842   0.577   1.00 21.46 ? 149 PRO A CA  1 
ATOM   772  C  C   . PRO A 1 113 ? -9.188  2.986   -0.451  1.00 21.84 ? 149 PRO A C   1 
ATOM   773  O  O   . PRO A 1 113 ? -8.980  3.619   -1.481  1.00 22.14 ? 149 PRO A O   1 
ATOM   774  C  CB  . PRO A 1 113 ? -8.513  3.310   1.961   1.00 21.43 ? 149 PRO A CB  1 
ATOM   775  C  CG  . PRO A 1 113 ? -8.243  4.755   1.970   1.00 21.22 ? 149 PRO A CG  1 
ATOM   776  C  CD  . PRO A 1 113 ? -7.088  5.002   1.044   1.00 21.31 ? 149 PRO A CD  1 
ATOM   777  N  N   . ASP A 1 114 ? -10.360 2.424   -0.172  1.00 22.27 ? 150 ASP A N   1 
ATOM   778  C  CA  . ASP A 1 114 ? -11.436 2.345   -1.158  1.00 22.54 ? 150 ASP A CA  1 
ATOM   779  C  C   . ASP A 1 114 ? -12.761 2.862   -0.582  1.00 22.63 ? 150 ASP A C   1 
ATOM   780  O  O   . ASP A 1 114 ? -13.245 2.369   0.443   1.00 22.56 ? 150 ASP A O   1 
ATOM   781  C  CB  . ASP A 1 114 ? -11.567 0.884   -1.615  1.00 22.71 ? 150 ASP A CB  1 
ATOM   782  C  CG  . ASP A 1 114 ? -12.414 0.720   -2.867  1.00 23.25 ? 150 ASP A CG  1 
ATOM   783  O  OD1 . ASP A 1 114 ? -13.556 1.236   -2.901  1.00 23.28 ? 150 ASP A OD1 1 
ATOM   784  O  OD2 . ASP A 1 114 ? -11.942 0.039   -3.808  1.00 23.85 ? 150 ASP A OD2 1 
ATOM   785  N  N   . ARG A 1 115 ? -13.351 3.844   -1.263  1.00 22.81 ? 151 ARG A N   1 
ATOM   786  C  CA  . ARG A 1 115 ? -14.635 4.435   -0.850  1.00 22.84 ? 151 ARG A CA  1 
ATOM   787  C  C   . ARG A 1 115 ? -15.743 3.399   -0.628  1.00 22.78 ? 151 ARG A C   1 
ATOM   788  O  O   . ARG A 1 115 ? -16.546 3.542   0.295   1.00 22.80 ? 151 ARG A O   1 
ATOM   789  C  CB  . ARG A 1 115 ? -15.099 5.484   -1.876  1.00 22.85 ? 151 ARG A CB  1 
ATOM   790  C  CG  . ARG A 1 115 ? -16.536 5.990   -1.667  1.00 23.08 ? 151 ARG A CG  1 
ATOM   791  C  CD  . ARG A 1 115 ? -16.805 7.331   -2.357  1.00 22.97 ? 151 ARG A CD  1 
ATOM   792  N  NE  . ARG A 1 115 ? -18.218 7.710   -2.264  1.00 23.20 ? 151 ARG A NE  1 
ATOM   793  C  CZ  . ARG A 1 115 ? -18.707 8.929   -2.501  1.00 23.47 ? 151 ARG A CZ  1 
ATOM   794  N  NH1 . ARG A 1 115 ? -17.908 9.935   -2.847  1.00 23.72 ? 151 ARG A NH1 1 
ATOM   795  N  NH2 . ARG A 1 115 ? -20.014 9.151   -2.383  1.00 23.23 ? 151 ARG A NH2 1 
ATOM   796  N  N   . ASN A 1 116 ? -15.778 2.361   -1.462  1.00 22.76 ? 152 ASN A N   1 
ATOM   797  C  CA  . ASN A 1 116 ? -16.884 1.381   -1.445  1.00 22.76 ? 152 ASN A CA  1 
ATOM   798  C  C   . ASN A 1 116 ? -16.509 -0.021  -0.939  1.00 22.49 ? 152 ASN A C   1 
ATOM   799  O  O   . ASN A 1 116 ? -17.392 -0.826  -0.652  1.00 22.43 ? 152 ASN A O   1 
ATOM   800  C  CB  . ASN A 1 116 ? -17.549 1.298   -2.828  1.00 22.87 ? 152 ASN A CB  1 
ATOM   801  C  CG  . ASN A 1 116 ? -16.540 1.248   -3.966  1.00 23.42 ? 152 ASN A CG  1 
ATOM   802  O  OD1 . ASN A 1 116 ? -15.677 0.366   -4.011  1.00 24.14 ? 152 ASN A OD1 1 
ATOM   803  N  ND2 . ASN A 1 116 ? -16.640 2.202   -4.890  1.00 23.39 ? 152 ASN A ND2 1 
ATOM   804  N  N   . LEU A 1 117 ? -15.210 -0.304  -0.838  1.00 22.28 ? 153 LEU A N   1 
ATOM   805  C  CA  . LEU A 1 117 ? -14.711 -1.532  -0.210  1.00 22.05 ? 153 LEU A CA  1 
ATOM   806  C  C   . LEU A 1 117 ? -13.835 -1.149  0.987   1.00 21.84 ? 153 LEU A C   1 
ATOM   807  O  O   . LEU A 1 117 ? -12.638 -0.909  0.831   1.00 22.09 ? 153 LEU A O   1 
ATOM   808  C  CB  . LEU A 1 117 ? -13.916 -2.378  -1.218  1.00 22.06 ? 153 LEU A CB  1 
ATOM   809  C  CG  . LEU A 1 117 ? -14.684 -3.392  -2.079  1.00 22.12 ? 153 LEU A CG  1 
ATOM   810  C  CD1 . LEU A 1 117 ? -15.075 -4.602  -1.242  1.00 22.55 ? 153 LEU A CD1 1 
ATOM   811  C  CD2 . LEU A 1 117 ? -15.919 -2.779  -2.734  1.00 21.81 ? 153 LEU A CD2 1 
ATOM   812  N  N   . ASP A 1 118 ? -14.435 -1.098  2.174   1.00 21.56 ? 154 ASP A N   1 
ATOM   813  C  CA  . ASP A 1 118 ? -13.759 -0.585  3.380   1.00 21.41 ? 154 ASP A CA  1 
ATOM   814  C  C   . ASP A 1 118 ? -12.517 -1.377  3.807   1.00 21.34 ? 154 ASP A C   1 
ATOM   815  O  O   . ASP A 1 118 ? -11.595 -0.811  4.403   1.00 21.50 ? 154 ASP A O   1 
ATOM   816  C  CB  . ASP A 1 118 ? -14.737 -0.457  4.561   1.00 21.46 ? 154 ASP A CB  1 
ATOM   817  C  CG  . ASP A 1 118 ? -15.627 -1.676  4.731   1.00 21.70 ? 154 ASP A CG  1 
ATOM   818  O  OD1 . ASP A 1 118 ? -16.781 -1.506  5.175   1.00 21.81 ? 154 ASP A OD1 1 
ATOM   819  O  OD2 . ASP A 1 118 ? -15.182 -2.799  4.415   1.00 22.47 ? 154 ASP A OD2 1 
ATOM   820  N  N   . LYS A 1 119 ? -12.482 -2.671  3.503   1.00 21.09 ? 155 LYS A N   1 
ATOM   821  C  CA  . LYS A 1 119 ? -11.304 -3.491  3.810   1.00 20.87 ? 155 LYS A CA  1 
ATOM   822  C  C   . LYS A 1 119 ? -10.256 -3.453  2.695   1.00 20.64 ? 155 LYS A C   1 
ATOM   823  O  O   . LYS A 1 119 ? -9.170  -4.023  2.850   1.00 20.89 ? 155 LYS A O   1 
ATOM   824  C  CB  . LYS A 1 119 ? -11.712 -4.941  4.116   1.00 20.82 ? 155 LYS A CB  1 
ATOM   825  C  CG  . LYS A 1 119 ? -12.232 -5.141  5.541   1.00 21.00 ? 155 LYS A CG  1 
ATOM   826  C  CD  . LYS A 1 119 ? -12.648 -6.587  5.798   1.00 21.32 ? 155 LYS A CD  1 
ATOM   827  C  CE  . LYS A 1 119 ? -12.682 -6.914  7.288   1.00 21.40 ? 155 LYS A CE  1 
ATOM   828  N  NZ  . LYS A 1 119 ? -13.247 -8.275  7.550   1.00 21.19 ? 155 LYS A NZ  1 
ATOM   829  N  N   . ALA A 1 120 ? -10.566 -2.778  1.587   1.00 20.19 ? 156 ALA A N   1 
ATOM   830  C  CA  . ALA A 1 120 ? -9.681  -2.753  0.420   1.00 19.99 ? 156 ALA A CA  1 
ATOM   831  C  C   . ALA A 1 120 ? -8.533  -1.746  0.564   1.00 19.85 ? 156 ALA A C   1 
ATOM   832  O  O   . ALA A 1 120 ? -8.720  -0.633  1.046   1.00 20.04 ? 156 ALA A O   1 
ATOM   833  C  CB  . ALA A 1 120 ? -10.478 -2.455  -0.839  1.00 19.88 ? 156 ALA A CB  1 
ATOM   834  N  N   . PHE A 1 121 ? -7.345  -2.155  0.139   1.00 19.62 ? 157 PHE A N   1 
ATOM   835  C  CA  . PHE A 1 121 ? -6.186  -1.275  0.067   1.00 19.53 ? 157 PHE A CA  1 
ATOM   836  C  C   . PHE A 1 121 ? -5.384  -1.615  -1.182  1.00 19.58 ? 157 PHE A C   1 
ATOM   837  O  O   . PHE A 1 121 ? -5.230  -2.782  -1.530  1.00 19.43 ? 157 PHE A O   1 
ATOM   838  C  CB  . PHE A 1 121 ? -5.302  -1.426  1.306   1.00 19.55 ? 157 PHE A CB  1 
ATOM   839  C  CG  . PHE A 1 121 ? -3.926  -0.852  1.135   1.00 19.52 ? 157 PHE A CG  1 
ATOM   840  C  CD1 . PHE A 1 121 ? -3.739  0.523   1.077   1.00 19.78 ? 157 PHE A CD1 1 
ATOM   841  C  CD2 . PHE A 1 121 ? -2.821  -1.685  1.008   1.00 19.72 ? 157 PHE A CD2 1 
ATOM   842  C  CE1 . PHE A 1 121 ? -2.464  1.066   0.902   1.00 20.35 ? 157 PHE A CE1 1 
ATOM   843  C  CE2 . PHE A 1 121 ? -1.544  -1.159  0.832   1.00 20.14 ? 157 PHE A CE2 1 
ATOM   844  C  CZ  . PHE A 1 121 ? -1.361  0.223   0.778   1.00 20.45 ? 157 PHE A CZ  1 
ATOM   845  N  N   . SER A 1 122 ? -4.873  -0.592  -1.855  1.00 19.79 ? 158 SER A N   1 
ATOM   846  C  CA  . SER A 1 122 ? -4.076  -0.800  -3.061  1.00 19.89 ? 158 SER A CA  1 
ATOM   847  C  C   . SER A 1 122 ? -3.002  0.256   -3.182  1.00 19.85 ? 158 SER A C   1 
ATOM   848  O  O   . SER A 1 122 ? -3.052  1.282   -2.505  1.00 19.88 ? 158 SER A O   1 
ATOM   849  C  CB  . SER A 1 122 ? -4.963  -0.819  -4.321  1.00 19.97 ? 158 SER A CB  1 
ATOM   850  O  OG  . SER A 1 122 ? -6.203  -0.160  -4.115  1.00 20.16 ? 158 SER A OG  1 
ATOM   851  N  N   . TYR A 1 123 ? -2.016  -0.024  -4.027  1.00 19.91 ? 159 TYR A N   1 
ATOM   852  C  CA  . TYR A 1 123 ? -0.969  0.938   -4.340  1.00 19.83 ? 159 TYR A CA  1 
ATOM   853  C  C   . TYR A 1 123 ? -0.539  0.793   -5.795  1.00 19.82 ? 159 TYR A C   1 
ATOM   854  O  O   . TYR A 1 123 ? -0.542  -0.308  -6.340  1.00 19.57 ? 159 TYR A O   1 
ATOM   855  C  CB  . TYR A 1 123 ? 0.222   0.781   -3.383  1.00 19.85 ? 159 TYR A CB  1 
ATOM   856  C  CG  . TYR A 1 123 ? 1.058   -0.467  -3.575  1.00 19.55 ? 159 TYR A CG  1 
ATOM   857  C  CD1 . TYR A 1 123 ? 2.024   -0.533  -4.573  1.00 19.78 ? 159 TYR A CD1 1 
ATOM   858  C  CD2 . TYR A 1 123 ? 0.909   -1.566  -2.741  1.00 19.95 ? 159 TYR A CD2 1 
ATOM   859  C  CE1 . TYR A 1 123 ? 2.801   -1.668  -4.751  1.00 19.95 ? 159 TYR A CE1 1 
ATOM   860  C  CE2 . TYR A 1 123 ? 1.690   -2.716  -2.909  1.00 19.77 ? 159 TYR A CE2 1 
ATOM   861  C  CZ  . TYR A 1 123 ? 2.632   -2.757  -3.914  1.00 19.62 ? 159 TYR A CZ  1 
ATOM   862  O  OH  . TYR A 1 123 ? 3.404   -3.878  -4.093  1.00 19.04 ? 159 TYR A OH  1 
ATOM   863  N  N   . ILE A 1 124 ? -0.186  1.919   -6.414  1.00 20.04 ? 160 ILE A N   1 
ATOM   864  C  CA  . ILE A 1 124 ? 0.283   1.955   -7.800  1.00 20.13 ? 160 ILE A CA  1 
ATOM   865  C  C   . ILE A 1 124 ? 1.799   1.948   -7.789  1.00 20.36 ? 160 ILE A C   1 
ATOM   866  O  O   . ILE A 1 124 ? 2.417   2.393   -6.824  1.00 20.31 ? 160 ILE A O   1 
ATOM   867  C  CB  . ILE A 1 124 ? -0.185  3.237   -8.532  1.00 20.04 ? 160 ILE A CB  1 
ATOM   868  C  CG1 . ILE A 1 124 ? -1.707  3.381   -8.477  1.00 19.94 ? 160 ILE A CG1 1 
ATOM   869  C  CG2 . ILE A 1 124 ? 0.276   3.231   -9.985  1.00 19.87 ? 160 ILE A CG2 1 
ATOM   870  C  CD1 . ILE A 1 124 ? -2.440  2.401   -9.346  1.00 20.05 ? 160 ILE A CD1 1 
ATOM   871  N  N   . CYS A 1 125 ? 2.394   1.444   -8.864  1.00 20.75 ? 161 CYS A N   1 
ATOM   872  C  CA  . CYS A 1 125 ? 3.843   1.480   -9.018  1.00 21.25 ? 161 CYS A CA  1 
ATOM   873  C  C   . CYS A 1 125 ? 4.251   1.423   -10.488 1.00 21.46 ? 161 CYS A C   1 
ATOM   874  O  O   . CYS A 1 125 ? 3.536   0.861   -11.321 1.00 21.37 ? 161 CYS A O   1 
ATOM   875  C  CB  . CYS A 1 125 ? 4.476   0.316   -8.268  1.00 21.16 ? 161 CYS A CB  1 
ATOM   876  S  SG  . CYS A 1 125 ? 3.932   -1.275  -8.887  1.00 22.18 ? 161 CYS A SG  1 
ATOM   877  N  N   . ARG A 1 126 ? 5.405   2.010   -10.795 1.00 21.91 ? 162 ARG A N   1 
ATOM   878  C  CA  . ARG A 1 126 ? 5.971   1.952   -12.139 1.00 22.15 ? 162 ARG A CA  1 
ATOM   879  C  C   . ARG A 1 126 ? 6.885   0.737   -12.275 1.00 22.37 ? 162 ARG A C   1 
ATOM   880  O  O   . ARG A 1 126 ? 7.706   0.466   -11.396 1.00 22.55 ? 162 ARG A O   1 
ATOM   881  C  CB  . ARG A 1 126 ? 6.757   3.233   -12.451 1.00 22.13 ? 162 ARG A CB  1 
ATOM   882  C  CG  . ARG A 1 126 ? 7.189   3.383   -13.923 1.00 22.12 ? 162 ARG A CG  1 
ATOM   883  C  CD  . ARG A 1 126 ? 6.001   3.481   -14.887 1.00 21.63 ? 162 ARG A CD  1 
ATOM   884  N  NE  . ARG A 1 126 ? 6.424   3.610   -16.283 1.00 21.09 ? 162 ARG A NE  1 
ATOM   885  C  CZ  . ARG A 1 126 ? 5.598   3.786   -17.315 1.00 20.40 ? 162 ARG A CZ  1 
ATOM   886  N  NH1 . ARG A 1 126 ? 4.282   3.853   -17.134 1.00 19.95 ? 162 ARG A NH1 1 
ATOM   887  N  NH2 . ARG A 1 126 ? 6.092   3.898   -18.544 1.00 20.30 ? 162 ARG A NH2 1 
ATOM   888  N  N   . ASP A 1 127 ? 6.721   0.001   -13.372 1.00 22.57 ? 163 ASP A N   1 
ATOM   889  C  CA  . ASP A 1 127 ? 7.636   -1.072  -13.735 1.00 22.80 ? 163 ASP A CA  1 
ATOM   890  C  C   . ASP A 1 127 ? 8.293   -0.641  -15.044 1.00 22.89 ? 163 ASP A C   1 
ATOM   891  O  O   . ASP A 1 127 ? 7.639   -0.587  -16.087 1.00 23.00 ? 163 ASP A O   1 
ATOM   892  C  CB  . ASP A 1 127 ? 6.876   -2.397  -13.875 1.00 22.94 ? 163 ASP A CB  1 
ATOM   893  C  CG  . ASP A 1 127 ? 7.785   -3.586  -14.221 1.00 23.65 ? 163 ASP A CG  1 
ATOM   894  O  OD1 . ASP A 1 127 ? 8.971   -3.383  -14.564 1.00 25.24 ? 163 ASP A OD1 1 
ATOM   895  O  OD2 . ASP A 1 127 ? 7.305   -4.737  -14.156 1.00 23.29 ? 163 ASP A OD2 1 
ATOM   896  N  N   . GLY A 1 128 ? 9.581   -0.304  -14.967 1.00 23.01 ? 164 GLY A N   1 
ATOM   897  C  CA  . GLY A 1 128 ? 10.326  0.233   -16.107 1.00 22.98 ? 164 GLY A CA  1 
ATOM   898  C  C   . GLY A 1 128 ? 10.674  -0.788  -17.181 1.00 23.07 ? 164 GLY A C   1 
ATOM   899  O  O   . GLY A 1 128 ? 10.976  -0.412  -18.316 1.00 23.02 ? 164 GLY A O   1 
ATOM   900  N  N   . THR A 1 129 ? 10.653  -2.074  -16.829 1.00 23.08 ? 165 THR A N   1 
ATOM   901  C  CA  . THR A 1 129 ? 10.895  -3.140  -17.805 1.00 23.15 ? 165 THR A CA  1 
ATOM   902  C  C   . THR A 1 129 ? 9.639   -3.396  -18.642 1.00 23.17 ? 165 THR A C   1 
ATOM   903  O  O   . THR A 1 129 ? 9.715   -3.488  -19.869 1.00 23.11 ? 165 THR A O   1 
ATOM   904  C  CB  . THR A 1 129 ? 11.366  -4.456  -17.131 1.00 23.17 ? 165 THR A CB  1 
ATOM   905  O  OG1 . THR A 1 129 ? 10.567  -4.731  -15.971 1.00 23.20 ? 165 THR A OG1 1 
ATOM   906  C  CG2 . THR A 1 129 ? 12.831  -4.350  -16.725 1.00 23.07 ? 165 THR A CG2 1 
ATOM   907  N  N   . THR A 1 130 ? 8.491   -3.496  -17.974 1.00 23.20 ? 166 THR A N   1 
ATOM   908  C  CA  . THR A 1 130 ? 7.210   -3.685  -18.657 1.00 23.15 ? 166 THR A CA  1 
ATOM   909  C  C   . THR A 1 130 ? 6.644   -2.374  -19.218 1.00 23.13 ? 166 THR A C   1 
ATOM   910  O  O   . THR A 1 130 ? 5.716   -2.402  -20.027 1.00 22.98 ? 166 THR A O   1 
ATOM   911  C  CB  . THR A 1 130 ? 6.164   -4.327  -17.718 1.00 23.16 ? 166 THR A CB  1 
ATOM   912  O  OG1 . THR A 1 130 ? 5.100   -4.889  -18.494 1.00 23.45 ? 166 THR A OG1 1 
ATOM   913  C  CG2 . THR A 1 130 ? 5.592   -3.309  -16.756 1.00 22.92 ? 166 THR A CG2 1 
ATOM   914  N  N   . ARG A 1 131 ? 7.197   -1.240  -18.777 1.00 23.19 ? 167 ARG A N   1 
ATOM   915  C  CA  . ARG A 1 131 ? 6.777   0.094   -19.227 1.00 23.21 ? 167 ARG A CA  1 
ATOM   916  C  C   . ARG A 1 131 ? 5.276   0.312   -19.018 1.00 23.16 ? 167 ARG A C   1 
ATOM   917  O  O   . ARG A 1 131 ? 4.543   0.609   -19.958 1.00 23.17 ? 167 ARG A O   1 
ATOM   918  C  CB  . ARG A 1 131 ? 7.170   0.334   -20.697 1.00 23.27 ? 167 ARG A CB  1 
ATOM   919  C  CG  . ARG A 1 131 ? 8.633   0.691   -20.903 1.00 23.49 ? 167 ARG A CG  1 
ATOM   920  C  CD  . ARG A 1 131 ? 9.053   0.529   -22.353 1.00 23.95 ? 167 ARG A CD  1 
ATOM   921  N  NE  . ARG A 1 131 ? 10.342  1.172   -22.629 1.00 24.60 ? 167 ARG A NE  1 
ATOM   922  C  CZ  . ARG A 1 131 ? 10.552  2.164   -23.504 1.00 25.22 ? 167 ARG A CZ  1 
ATOM   923  N  NH1 . ARG A 1 131 ? 9.566   2.674   -24.244 1.00 25.26 ? 167 ARG A NH1 1 
ATOM   924  N  NH2 . ARG A 1 131 ? 11.782  2.650   -23.652 1.00 25.34 ? 167 ARG A NH2 1 
ATOM   925  N  N   . ARG A 1 132 ? 4.829   0.157   -17.777 1.00 23.11 ? 168 ARG A N   1 
ATOM   926  C  CA  . ARG A 1 132 ? 3.417   0.335   -17.447 1.00 23.15 ? 168 ARG A CA  1 
ATOM   927  C  C   . ARG A 1 132 ? 3.212   0.657   -15.966 1.00 23.22 ? 168 ARG A C   1 
ATOM   928  O  O   . ARG A 1 132 ? 4.072   0.363   -15.131 1.00 23.32 ? 168 ARG A O   1 
ATOM   929  C  CB  . ARG A 1 132 ? 2.630   -0.922  -17.822 1.00 23.10 ? 168 ARG A CB  1 
ATOM   930  N  N   . TRP A 1 133 ? 2.076   1.282   -15.654 1.00 23.22 ? 169 TRP A N   1 
ATOM   931  C  CA  . TRP A 1 133 ? 1.673   1.516   -14.269 1.00 23.21 ? 169 TRP A CA  1 
ATOM   932  C  C   . TRP A 1 133 ? 0.904   0.291   -13.784 1.00 23.37 ? 169 TRP A C   1 
ATOM   933  O  O   . TRP A 1 133 ? -0.013  -0.179  -14.458 1.00 23.37 ? 169 TRP A O   1 
ATOM   934  C  CB  . TRP A 1 133 ? 0.801   2.765   -14.144 1.00 23.12 ? 169 TRP A CB  1 
ATOM   935  C  CG  . TRP A 1 133 ? 1.475   4.030   -14.591 1.00 22.93 ? 169 TRP A CG  1 
ATOM   936  C  CD1 . TRP A 1 133 ? 1.245   4.717   -15.748 1.00 21.82 ? 169 TRP A CD1 1 
ATOM   937  C  CD2 . TRP A 1 133 ? 2.484   4.760   -13.883 1.00 22.44 ? 169 TRP A CD2 1 
ATOM   938  N  NE1 . TRP A 1 133 ? 2.052   5.822   -15.808 1.00 21.88 ? 169 TRP A NE1 1 
ATOM   939  C  CE2 . TRP A 1 133 ? 2.822   5.876   -14.677 1.00 22.20 ? 169 TRP A CE2 1 
ATOM   940  C  CE3 . TRP A 1 133 ? 3.137   4.578   -12.657 1.00 22.16 ? 169 TRP A CE3 1 
ATOM   941  C  CZ2 . TRP A 1 133 ? 3.787   6.811   -14.284 1.00 22.04 ? 169 TRP A CZ2 1 
ATOM   942  C  CZ3 . TRP A 1 133 ? 4.095   5.506   -12.267 1.00 22.10 ? 169 TRP A CZ3 1 
ATOM   943  C  CH2 . TRP A 1 133 ? 4.413   6.604   -13.080 1.00 22.08 ? 169 TRP A CH2 1 
ATOM   944  N  N   . ILE A 1 134 ? 1.284   -0.224  -12.620 1.00 23.38 ? 170 ILE A N   1 
ATOM   945  C  CA  . ILE A 1 134 ? 0.726   -1.467  -12.123 1.00 23.50 ? 170 ILE A CA  1 
ATOM   946  C  C   . ILE A 1 134 ? 0.201   -1.313  -10.700 1.00 23.62 ? 170 ILE A C   1 
ATOM   947  O  O   . ILE A 1 134 ? 0.945   -1.002  -9.772  1.00 23.50 ? 170 ILE A O   1 
ATOM   948  C  CB  . ILE A 1 134 ? 1.760   -2.614  -12.188 1.00 23.57 ? 170 ILE A CB  1 
ATOM   949  C  CG1 . ILE A 1 134 ? 2.212   -2.852  -13.638 1.00 23.54 ? 170 ILE A CG1 1 
ATOM   950  C  CG2 . ILE A 1 134 ? 1.177   -3.889  -11.610 1.00 23.27 ? 170 ILE A CG2 1 
ATOM   951  C  CD1 . ILE A 1 134 ? 1.080   -3.193  -14.603 1.00 23.14 ? 170 ILE A CD1 1 
ATOM   952  N  N   . CYS A 1 135 ? -1.101  -1.540  -10.556 1.00 23.80 ? 171 CYS A N   1 
ATOM   953  C  CA  . CYS A 1 135 ? -1.779  -1.478  -9.271  1.00 23.84 ? 171 CYS A CA  1 
ATOM   954  C  C   . CYS A 1 135 ? -1.598  -2.818  -8.558  1.00 23.87 ? 171 CYS A C   1 
ATOM   955  O  O   . CYS A 1 135 ? -1.396  -3.850  -9.205  1.00 23.87 ? 171 CYS A O   1 
ATOM   956  C  CB  . CYS A 1 135 ? -3.266  -1.176  -9.485  1.00 23.83 ? 171 CYS A CB  1 
ATOM   957  S  SG  . CYS A 1 135 ? -4.080  -0.382  -8.092  1.00 24.13 ? 171 CYS A SG  1 
ATOM   958  N  N   . HIS A 1 136 ? -1.651  -2.791  -7.228  1.00 23.69 ? 172 HIS A N   1 
ATOM   959  C  CA  . HIS A 1 136 ? -1.510  -3.995  -6.418  1.00 23.57 ? 172 HIS A CA  1 
ATOM   960  C  C   . HIS A 1 136 ? -2.523  -3.943  -5.295  1.00 23.58 ? 172 HIS A C   1 
ATOM   961  O  O   . HIS A 1 136 ? -2.314  -3.251  -4.303  1.00 23.75 ? 172 HIS A O   1 
ATOM   962  C  CB  . HIS A 1 136 ? -0.101  -4.101  -5.850  1.00 23.46 ? 172 HIS A CB  1 
ATOM   963  C  CG  . HIS A 1 136 ? 0.902   -4.607  -6.835  1.00 23.86 ? 172 HIS A CG  1 
ATOM   964  N  ND1 . HIS A 1 136 ? 1.336   -5.915  -6.851  1.00 24.27 ? 172 HIS A ND1 1 
ATOM   965  C  CD2 . HIS A 1 136 ? 1.551   -3.983  -7.845  1.00 24.35 ? 172 HIS A CD2 1 
ATOM   966  C  CE1 . HIS A 1 136 ? 2.215   -6.075  -7.824  1.00 24.31 ? 172 HIS A CE1 1 
ATOM   967  N  NE2 . HIS A 1 136 ? 2.362   -4.919  -8.444  1.00 24.64 ? 172 HIS A NE2 1 
ATOM   968  N  N   . CYS A 1 137 ? -3.617  -4.682  -5.461  1.00 23.52 ? 173 CYS A N   1 
ATOM   969  C  CA  . CYS A 1 137 ? -4.749  -4.616  -4.544  1.00 23.49 ? 173 CYS A CA  1 
ATOM   970  C  C   . CYS A 1 137 ? -4.693  -5.656  -3.418  1.00 22.91 ? 173 CYS A C   1 
ATOM   971  O  O   . CYS A 1 137 ? -4.145  -6.750  -3.582  1.00 22.78 ? 173 CYS A O   1 
ATOM   972  C  CB  . CYS A 1 137 ? -6.049  -4.771  -5.332  1.00 23.62 ? 173 CYS A CB  1 
ATOM   973  S  SG  . CYS A 1 137 ? -6.243  -3.541  -6.650  1.00 25.68 ? 173 CYS A SG  1 
ATOM   974  N  N   . PHE A 1 138 ? -5.278  -5.286  -2.280  1.00 22.28 ? 174 PHE A N   1 
ATOM   975  C  CA  . PHE A 1 138 ? -5.386  -6.152  -1.112  1.00 21.78 ? 174 PHE A CA  1 
ATOM   976  C  C   . PHE A 1 138 ? -6.767  -6.031  -0.480  1.00 21.28 ? 174 PHE A C   1 
ATOM   977  O  O   . PHE A 1 138 ? -7.451  -5.024  -0.655  1.00 20.95 ? 174 PHE A O   1 
ATOM   978  C  CB  . PHE A 1 138 ? -4.343  -5.765  -0.062  1.00 21.77 ? 174 PHE A CB  1 
ATOM   979  C  CG  . PHE A 1 138 ? -2.936  -5.803  -0.563  1.00 21.79 ? 174 PHE A CG  1 
ATOM   980  C  CD1 . PHE A 1 138 ? -2.365  -4.686  -1.150  1.00 21.87 ? 174 PHE A CD1 1 
ATOM   981  C  CD2 . PHE A 1 138 ? -2.179  -6.955  -0.447  1.00 21.91 ? 174 PHE A CD2 1 
ATOM   982  C  CE1 . PHE A 1 138 ? -1.061  -4.716  -1.619  1.00 21.72 ? 174 PHE A CE1 1 
ATOM   983  C  CE2 . PHE A 1 138 ? -0.868  -6.991  -0.910  1.00 21.99 ? 174 PHE A CE2 1 
ATOM   984  C  CZ  . PHE A 1 138 ? -0.312  -5.868  -1.501  1.00 21.59 ? 174 PHE A CZ  1 
ATOM   985  N  N   . LEU A 1 139 ? -7.172  -7.071  0.244   1.00 20.84 ? 175 LEU A N   1 
ATOM   986  C  CA  . LEU A 1 139 ? -8.308  -6.987  1.155   1.00 20.49 ? 175 LEU A CA  1 
ATOM   987  C  C   . LEU A 1 139 ? -7.823  -7.355  2.546   1.00 20.24 ? 175 LEU A C   1 
ATOM   988  O  O   . LEU A 1 139 ? -7.395  -8.483  2.774   1.00 20.32 ? 175 LEU A O   1 
ATOM   989  C  CB  . LEU A 1 139 ? -9.429  -7.924  0.722   1.00 20.41 ? 175 LEU A CB  1 
ATOM   990  C  CG  . LEU A 1 139 ? -10.253 -7.481  -0.489  1.00 20.25 ? 175 LEU A CG  1 
ATOM   991  C  CD1 . LEU A 1 139 ? -11.295 -8.544  -0.823  1.00 19.43 ? 175 LEU A CD1 1 
ATOM   992  C  CD2 . LEU A 1 139 ? -10.914 -6.131  -0.242  1.00 19.50 ? 175 LEU A CD2 1 
ATOM   993  N  N   . ALA A 1 140 ? -7.861  -6.394  3.466   1.00 19.93 ? 176 ALA A N   1 
ATOM   994  C  CA  . ALA A 1 140 ? -7.428  -6.635  4.836   1.00 19.73 ? 176 ALA A CA  1 
ATOM   995  C  C   . ALA A 1 140 ? -8.403  -7.582  5.526   1.00 19.61 ? 176 ALA A C   1 
ATOM   996  O  O   . ALA A 1 140 ? -9.610  -7.540  5.274   1.00 19.51 ? 176 ALA A O   1 
ATOM   997  C  CB  . ALA A 1 140 ? -7.327  -5.329  5.600   1.00 19.75 ? 176 ALA A CB  1 
ATOM   998  N  N   . LEU A 1 141 ? -7.877  -8.442  6.391   1.00 19.45 ? 177 LEU A N   1 
ATOM   999  C  CA  . LEU A 1 141 ? -8.701  -9.438  7.067   1.00 19.21 ? 177 LEU A CA  1 
ATOM   1000 C  C   . LEU A 1 141 ? -9.213  -8.914  8.399   1.00 19.29 ? 177 LEU A C   1 
ATOM   1001 O  O   . LEU A 1 141 ? -10.401 -9.022  8.688   1.00 19.51 ? 177 LEU A O   1 
ATOM   1002 C  CB  . LEU A 1 141 ? -7.914  -10.734 7.258   1.00 19.00 ? 177 LEU A CB  1 
ATOM   1003 C  CG  . LEU A 1 141 ? -7.505  -11.401 5.944   1.00 18.57 ? 177 LEU A CG  1 
ATOM   1004 C  CD1 . LEU A 1 141 ? -6.624  -12.618 6.189   1.00 17.52 ? 177 LEU A CD1 1 
ATOM   1005 C  CD2 . LEU A 1 141 ? -8.736  -11.782 5.131   1.00 18.35 ? 177 LEU A CD2 1 
ATOM   1006 N  N   . LYS A 1 142 ? -8.323  -8.332  9.198   1.00 19.37 ? 178 LYS A N   1 
ATOM   1007 C  CA  . LYS A 1 142 ? -8.680  -7.835  10.529  1.00 19.43 ? 178 LYS A CA  1 
ATOM   1008 C  C   . LYS A 1 142 ? -8.780  -6.302  10.630  1.00 19.49 ? 178 LYS A C   1 
ATOM   1009 O  O   . LYS A 1 142 ? -9.290  -5.787  11.626  1.00 19.79 ? 178 LYS A O   1 
ATOM   1010 C  CB  . LYS A 1 142 ? -7.671  -8.355  11.558  1.00 19.49 ? 178 LYS A CB  1 
ATOM   1011 N  N   . ASP A 1 143 ? -8.314  -5.582  9.609   1.00 19.48 ? 179 ASP A N   1 
ATOM   1012 C  CA  . ASP A 1 143 ? -8.250  -4.113  9.643   1.00 19.32 ? 179 ASP A CA  1 
ATOM   1013 C  C   . ASP A 1 143 ? -9.024  -3.461  8.502   1.00 19.15 ? 179 ASP A C   1 
ATOM   1014 O  O   . ASP A 1 143 ? -9.484  -4.127  7.574   1.00 19.15 ? 179 ASP A O   1 
ATOM   1015 C  CB  . ASP A 1 143 ? -6.797  -3.641  9.548   1.00 19.35 ? 179 ASP A CB  1 
ATOM   1016 C  CG  . ASP A 1 143 ? -5.900  -4.284  10.581  1.00 19.65 ? 179 ASP A CG  1 
ATOM   1017 O  OD1 . ASP A 1 143 ? -5.612  -3.626  11.607  1.00 19.52 ? 179 ASP A OD1 1 
ATOM   1018 O  OD2 . ASP A 1 143 ? -5.481  -5.442  10.361  1.00 20.14 ? 179 ASP A OD2 1 
ATOM   1019 N  N   . SER A 1 144 ? -9.138  -2.137  8.583   1.00 18.87 ? 180 SER A N   1 
ATOM   1020 C  CA  . SER A 1 144 ? -9.718  -1.331  7.520   1.00 18.62 ? 180 SER A CA  1 
ATOM   1021 C  C   . SER A 1 144 ? -8.664  -0.974  6.491   1.00 18.51 ? 180 SER A C   1 
ATOM   1022 O  O   . SER A 1 144 ? -7.486  -0.829  6.825   1.00 18.46 ? 180 SER A O   1 
ATOM   1023 C  CB  . SER A 1 144 ? -10.257 -0.035  8.100   1.00 18.69 ? 180 SER A CB  1 
ATOM   1024 O  OG  . SER A 1 144 ? -9.192  0.775   8.567   1.00 18.86 ? 180 SER A OG  1 
ATOM   1025 N  N   . GLY A 1 145 ? -9.095  -0.803  5.246   1.00 18.35 ? 181 GLY A N   1 
ATOM   1026 C  CA  . GLY A 1 145 ? -8.206  -0.383  4.166   1.00 18.15 ? 181 GLY A CA  1 
ATOM   1027 C  C   . GLY A 1 145 ? -7.413  0.879   4.465   1.00 18.07 ? 181 GLY A C   1 
ATOM   1028 O  O   . GLY A 1 145 ? -6.239  0.971   4.109   1.00 17.99 ? 181 GLY A O   1 
ATOM   1029 N  N   . GLU A 1 146 ? -8.043  1.853   5.121   1.00 18.04 ? 182 GLU A N   1 
ATOM   1030 C  CA  . GLU A 1 146 ? -7.376  3.129   5.393   1.00 18.26 ? 182 GLU A CA  1 
ATOM   1031 C  C   . GLU A 1 146 ? -6.280  3.010   6.443   1.00 17.77 ? 182 GLU A C   1 
ATOM   1032 O  O   . GLU A 1 146 ? -5.287  3.727   6.381   1.00 18.03 ? 182 GLU A O   1 
ATOM   1033 C  CB  . GLU A 1 146 ? -8.367  4.251   5.750   1.00 18.64 ? 182 GLU A CB  1 
ATOM   1034 C  CG  . GLU A 1 146 ? -9.097  4.120   7.080   1.00 20.22 ? 182 GLU A CG  1 
ATOM   1035 C  CD  . GLU A 1 146 ? -10.496 3.540   6.941   1.00 22.41 ? 182 GLU A CD  1 
ATOM   1036 O  OE1 . GLU A 1 146 ? -11.432 4.098   7.573   1.00 22.96 ? 182 GLU A OE1 1 
ATOM   1037 O  OE2 . GLU A 1 146 ? -10.653 2.536   6.203   1.00 23.04 ? 182 GLU A OE2 1 
ATOM   1038 N  N   . ARG A 1 147 ? -6.444  2.102   7.397   1.00 17.30 ? 183 ARG A N   1 
ATOM   1039 C  CA  . ARG A 1 147 ? -5.390  1.861   8.372   1.00 16.79 ? 183 ARG A CA  1 
ATOM   1040 C  C   . ARG A 1 147 ? -4.095  1.448   7.682   1.00 16.52 ? 183 ARG A C   1 
ATOM   1041 O  O   . ARG A 1 147 ? -3.014  1.895   8.074   1.00 16.36 ? 183 ARG A O   1 
ATOM   1042 C  CB  . ARG A 1 147 ? -5.797  0.791   9.385   1.00 16.68 ? 183 ARG A CB  1 
ATOM   1043 C  CG  . ARG A 1 147 ? -4.672  0.441   10.341  1.00 16.23 ? 183 ARG A CG  1 
ATOM   1044 C  CD  . ARG A 1 147 ? -5.165  -0.265  11.559  1.00 16.33 ? 183 ARG A CD  1 
ATOM   1045 N  NE  . ARG A 1 147 ? -4.059  -0.682  12.416  1.00 16.45 ? 183 ARG A NE  1 
ATOM   1046 C  CZ  . ARG A 1 147 ? -4.197  -1.177  13.644  1.00 16.01 ? 183 ARG A CZ  1 
ATOM   1047 N  NH1 . ARG A 1 147 ? -5.400  -1.321  14.187  1.00 16.48 ? 183 ARG A NH1 1 
ATOM   1048 N  NH2 . ARG A 1 147 ? -3.119  -1.520  14.336  1.00 15.82 ? 183 ARG A NH2 1 
ATOM   1049 N  N   . LEU A 1 148 ? -4.211  0.590   6.666   1.00 16.31 ? 184 LEU A N   1 
ATOM   1050 C  CA  . LEU A 1 148 ? -3.043  0.118   5.909   1.00 16.22 ? 184 LEU A CA  1 
ATOM   1051 C  C   . LEU A 1 148 ? -2.404  1.280   5.168   1.00 16.04 ? 184 LEU A C   1 
ATOM   1052 O  O   . LEU A 1 148 ? -1.195  1.483   5.254   1.00 16.04 ? 184 LEU A O   1 
ATOM   1053 C  CB  . LEU A 1 148 ? -3.412  -1.001  4.911   1.00 16.19 ? 184 LEU A CB  1 
ATOM   1054 C  CG  . LEU A 1 148 ? -3.593  -2.448  5.406   1.00 15.52 ? 184 LEU A CG  1 
ATOM   1055 C  CD1 . LEU A 1 148 ? -4.515  -2.546  6.613   1.00 14.81 ? 184 LEU A CD1 1 
ATOM   1056 C  CD2 . LEU A 1 148 ? -4.125  -3.310  4.276   1.00 14.36 ? 184 LEU A CD2 1 
ATOM   1057 N  N   . SER A 1 149 ? -3.233  2.041   4.457   1.00 16.01 ? 185 SER A N   1 
ATOM   1058 C  CA  . SER A 1 149 ? -2.784  3.206   3.696   1.00 16.00 ? 185 SER A CA  1 
ATOM   1059 C  C   . SER A 1 149 ? -2.045  4.219   4.561   1.00 15.88 ? 185 SER A C   1 
ATOM   1060 O  O   . SER A 1 149 ? -1.026  4.760   4.153   1.00 15.96 ? 185 SER A O   1 
ATOM   1061 C  CB  . SER A 1 149 ? -3.971  3.889   3.031   1.00 16.06 ? 185 SER A CB  1 
ATOM   1062 O  OG  . SER A 1 149 ? -3.520  4.876   2.125   1.00 16.98 ? 185 SER A OG  1 
ATOM   1063 N  N   . HIS A 1 150 ? -2.556  4.476   5.757   1.00 15.77 ? 186 HIS A N   1 
ATOM   1064 C  CA  . HIS A 1 150 ? -1.849  5.319   6.709   1.00 15.70 ? 186 HIS A CA  1 
ATOM   1065 C  C   . HIS A 1 150 ? -0.449  4.774   6.965   1.00 15.85 ? 186 HIS A C   1 
ATOM   1066 O  O   . HIS A 1 150 ? 0.517   5.531   6.992   1.00 16.11 ? 186 HIS A O   1 
ATOM   1067 C  CB  . HIS A 1 150 ? -2.624  5.401   8.018   1.00 15.69 ? 186 HIS A CB  1 
ATOM   1068 C  CG  . HIS A 1 150 ? -1.935  6.200   9.077   1.00 16.11 ? 186 HIS A CG  1 
ATOM   1069 N  ND1 . HIS A 1 150 ? -1.171  5.620   10.066  1.00 17.03 ? 186 HIS A ND1 1 
ATOM   1070 C  CD2 . HIS A 1 150 ? -1.893  7.532   9.303   1.00 16.98 ? 186 HIS A CD2 1 
ATOM   1071 C  CE1 . HIS A 1 150 ? -0.688  6.560   10.857  1.00 16.87 ? 186 HIS A CE1 1 
ATOM   1072 N  NE2 . HIS A 1 150 ? -1.115  7.731   10.418  1.00 17.43 ? 186 HIS A NE2 1 
ATOM   1073 N  N   . ALA A 1 151 ? -0.346  3.458   7.151   1.00 16.04 ? 187 ALA A N   1 
ATOM   1074 C  CA  . ALA A 1 151 ? 0.934   2.810   7.406   1.00 16.01 ? 187 ALA A CA  1 
ATOM   1075 C  C   . ALA A 1 151 ? 1.914   3.039   6.254   1.00 16.26 ? 187 ALA A C   1 
ATOM   1076 O  O   . ALA A 1 151 ? 3.087   3.350   6.486   1.00 16.29 ? 187 ALA A O   1 
ATOM   1077 C  CB  . ALA A 1 151 ? 0.737   1.323   7.649   1.00 15.75 ? 187 ALA A CB  1 
ATOM   1078 N  N   . VAL A 1 152 ? 1.432   2.892   5.018   1.00 16.40 ? 188 VAL A N   1 
ATOM   1079 C  CA  . VAL A 1 152 ? 2.283   3.056   3.833   1.00 16.63 ? 188 VAL A CA  1 
ATOM   1080 C  C   . VAL A 1 152 ? 2.650   4.529   3.598   1.00 16.81 ? 188 VAL A C   1 
ATOM   1081 O  O   . VAL A 1 152 ? 3.709   4.837   3.044   1.00 16.68 ? 188 VAL A O   1 
ATOM   1082 C  CB  . VAL A 1 152 ? 1.617   2.460   2.569   1.00 16.78 ? 188 VAL A CB  1 
ATOM   1083 C  CG1 . VAL A 1 152 ? 2.478   2.715   1.324   1.00 16.37 ? 188 VAL A CG1 1 
ATOM   1084 C  CG2 . VAL A 1 152 ? 1.377   0.958   2.755   1.00 16.36 ? 188 VAL A CG2 1 
ATOM   1085 N  N   . GLY A 1 153 ? 1.776   5.431   4.033   1.00 17.00 ? 189 GLY A N   1 
ATOM   1086 C  CA  . GLY A 1 153 ? 2.076   6.860   4.034   1.00 17.17 ? 189 GLY A CA  1 
ATOM   1087 C  C   . GLY A 1 153 ? 3.209   7.188   4.986   1.00 17.45 ? 189 GLY A C   1 
ATOM   1088 O  O   . GLY A 1 153 ? 4.040   8.049   4.698   1.00 17.35 ? 189 GLY A O   1 
ATOM   1089 N  N   . CYS A 1 154 ? 3.239   6.503   6.129   1.00 17.84 ? 190 CYS A N   1 
ATOM   1090 C  CA  . CYS A 1 154 ? 4.341   6.646   7.079   1.00 18.19 ? 190 CYS A CA  1 
ATOM   1091 C  C   . CYS A 1 154 ? 5.651   6.202   6.439   1.00 18.00 ? 190 CYS A C   1 
ATOM   1092 O  O   . CYS A 1 154 ? 6.697   6.813   6.655   1.00 18.34 ? 190 CYS A O   1 
ATOM   1093 C  CB  . CYS A 1 154 ? 4.077   5.840   8.352   1.00 18.28 ? 190 CYS A CB  1 
ATOM   1094 S  SG  . CYS A 1 154 ? 2.772   6.533   9.391   1.00 19.75 ? 190 CYS A SG  1 
ATOM   1095 N  N   . ALA A 1 155 ? 5.584   5.140   5.643   1.00 17.70 ? 191 ALA A N   1 
ATOM   1096 C  CA  . ALA A 1 155 ? 6.725   4.705   4.857   1.00 17.40 ? 191 ALA A CA  1 
ATOM   1097 C  C   . ALA A 1 155 ? 7.161   5.824   3.911   1.00 17.09 ? 191 ALA A C   1 
ATOM   1098 O  O   . ALA A 1 155 ? 8.324   6.229   3.936   1.00 17.12 ? 191 ALA A O   1 
ATOM   1099 C  CB  . ALA A 1 155 ? 6.388   3.434   4.080   1.00 17.37 ? 191 ALA A CB  1 
ATOM   1100 N  N   . PHE A 1 156 ? 6.222   6.331   3.101   1.00 16.77 ? 192 PHE A N   1 
ATOM   1101 C  CA  . PHE A 1 156 ? 6.499   7.443   2.166   1.00 16.34 ? 192 PHE A CA  1 
ATOM   1102 C  C   . PHE A 1 156 ? 7.215   8.596   2.868   1.00 16.20 ? 192 PHE A C   1 
ATOM   1103 O  O   . PHE A 1 156 ? 8.173   9.157   2.336   1.00 15.82 ? 192 PHE A O   1 
ATOM   1104 C  CB  . PHE A 1 156 ? 5.213   8.004   1.539   1.00 16.23 ? 192 PHE A CB  1 
ATOM   1105 C  CG  . PHE A 1 156 ? 4.480   7.052   0.615   1.00 15.63 ? 192 PHE A CG  1 
ATOM   1106 C  CD1 . PHE A 1 156 ? 5.049   5.859   0.177   1.00 14.77 ? 192 PHE A CD1 1 
ATOM   1107 C  CD2 . PHE A 1 156 ? 3.211   7.392   0.150   1.00 14.56 ? 192 PHE A CD2 1 
ATOM   1108 C  CE1 . PHE A 1 156 ? 4.352   5.016   -0.687  1.00 14.41 ? 192 PHE A CE1 1 
ATOM   1109 C  CE2 . PHE A 1 156 ? 2.513   6.559   -0.703  1.00 14.11 ? 192 PHE A CE2 1 
ATOM   1110 C  CZ  . PHE A 1 156 ? 3.084   5.365   -1.125  1.00 14.25 ? 192 PHE A CZ  1 
ATOM   1111 N  N   . ALA A 1 157 ? 6.731   8.941   4.060   1.00 16.26 ? 193 ALA A N   1 
ATOM   1112 C  CA  . ALA A 1 157 ? 7.332   10.000  4.867   1.00 16.25 ? 193 ALA A CA  1 
ATOM   1113 C  C   . ALA A 1 157 ? 8.735   9.609   5.306   1.00 16.29 ? 193 ALA A C   1 
ATOM   1114 O  O   . ALA A 1 157 ? 9.688   10.356  5.073   1.00 16.27 ? 193 ALA A O   1 
ATOM   1115 C  CB  . ALA A 1 157 ? 6.469   10.304  6.073   1.00 16.11 ? 193 ALA A CB  1 
ATOM   1116 N  N   . ALA A 1 158 ? 8.854   8.433   5.926   1.00 16.37 ? 194 ALA A N   1 
ATOM   1117 C  CA  . ALA A 1 158 ? 10.140  7.935   6.439   1.00 16.38 ? 194 ALA A CA  1 
ATOM   1118 C  C   . ALA A 1 158 ? 11.189  7.868   5.347   1.00 16.45 ? 194 ALA A C   1 
ATOM   1119 O  O   . ALA A 1 158 ? 12.340  8.224   5.562   1.00 16.27 ? 194 ALA A O   1 
ATOM   1120 C  CB  . ALA A 1 158 ? 9.965   6.563   7.066   1.00 16.36 ? 194 ALA A CB  1 
ATOM   1121 N  N   . CYS A 1 159 ? 10.776  7.412   4.173   1.00 16.89 ? 195 CYS A N   1 
ATOM   1122 C  CA  . CYS A 1 159 ? 11.658  7.339   3.013   1.00 17.36 ? 195 CYS A CA  1 
ATOM   1123 C  C   . CYS A 1 159 ? 12.208  8.719   2.621   1.00 17.57 ? 195 CYS A C   1 
ATOM   1124 O  O   . CYS A 1 159 ? 13.419  8.932   2.628   1.00 17.65 ? 195 CYS A O   1 
ATOM   1125 C  CB  . CYS A 1 159 ? 10.917  6.704   1.838   1.00 17.27 ? 195 CYS A CB  1 
ATOM   1126 S  SG  . CYS A 1 159 ? 11.902  6.592   0.344   1.00 18.22 ? 195 CYS A SG  1 
ATOM   1127 N  N   . LEU A 1 160 ? 11.310  9.646   2.290   1.00 17.93 ? 196 LEU A N   1 
ATOM   1128 C  CA  . LEU A 1 160 ? 11.668  11.031  1.960   1.00 18.15 ? 196 LEU A CA  1 
ATOM   1129 C  C   . LEU A 1 160 ? 12.567  11.687  3.003   1.00 18.58 ? 196 LEU A C   1 
ATOM   1130 O  O   . LEU A 1 160 ? 13.453  12.470  2.658   1.00 18.68 ? 196 LEU A O   1 
ATOM   1131 C  CB  . LEU A 1 160 ? 10.395  11.871  1.824   1.00 18.23 ? 196 LEU A CB  1 
ATOM   1132 C  CG  . LEU A 1 160 ? 10.527  13.392  1.735   1.00 17.75 ? 196 LEU A CG  1 
ATOM   1133 C  CD1 . LEU A 1 160 ? 11.439  13.779  0.589   1.00 17.13 ? 196 LEU A CD1 1 
ATOM   1134 C  CD2 . LEU A 1 160 ? 9.148   14.004  1.569   1.00 17.39 ? 196 LEU A CD2 1 
ATOM   1135 N  N   . GLU A 1 161 ? 12.317  11.382  4.273   1.00 19.06 ? 197 GLU A N   1 
ATOM   1136 C  CA  . GLU A 1 161 ? 13.070  11.974  5.377   1.00 19.57 ? 197 GLU A CA  1 
ATOM   1137 C  C   . GLU A 1 161 ? 14.501  11.437  5.446   1.00 19.99 ? 197 GLU A C   1 
ATOM   1138 O  O   . GLU A 1 161 ? 15.429  12.177  5.777   1.00 20.09 ? 197 GLU A O   1 
ATOM   1139 C  CB  . GLU A 1 161 ? 12.327  11.762  6.708   1.00 19.57 ? 197 GLU A CB  1 
ATOM   1140 C  CG  . GLU A 1 161 ? 11.209  12.792  6.928   1.00 20.17 ? 197 GLU A CG  1 
ATOM   1141 C  CD  . GLU A 1 161 ? 10.039  12.294  7.771   1.00 20.86 ? 197 GLU A CD  1 
ATOM   1142 O  OE1 . GLU A 1 161 ? 9.747   11.084  7.773   1.00 21.67 ? 197 GLU A OE1 1 
ATOM   1143 O  OE2 . GLU A 1 161 ? 9.383   13.134  8.418   1.00 21.55 ? 197 GLU A OE2 1 
ATOM   1144 N  N   . ARG A 1 162 ? 14.675  10.157  5.123   1.00 20.54 ? 198 ARG A N   1 
ATOM   1145 C  CA  . ARG A 1 162 ? 16.002  9.535   5.127   1.00 21.02 ? 198 ARG A CA  1 
ATOM   1146 C  C   . ARG A 1 162 ? 16.796  9.885   3.874   1.00 21.08 ? 198 ARG A C   1 
ATOM   1147 O  O   . ARG A 1 162 ? 18.022  9.973   3.921   1.00 20.91 ? 198 ARG A O   1 
ATOM   1148 C  CB  . ARG A 1 162 ? 15.883  8.018   5.288   1.00 21.22 ? 198 ARG A CB  1 
ATOM   1149 C  CG  . ARG A 1 162 ? 15.509  7.618   6.703   1.00 22.22 ? 198 ARG A CG  1 
ATOM   1150 C  CD  . ARG A 1 162 ? 15.010  6.190   6.803   1.00 23.74 ? 198 ARG A CD  1 
ATOM   1151 N  NE  . ARG A 1 162 ? 14.273  5.970   8.049   1.00 25.03 ? 198 ARG A NE  1 
ATOM   1152 C  CZ  . ARG A 1 162 ? 13.829  4.789   8.471   1.00 25.96 ? 198 ARG A CZ  1 
ATOM   1153 N  NH1 . ARG A 1 162 ? 14.048  3.689   7.754   1.00 26.49 ? 198 ARG A NH1 1 
ATOM   1154 N  NH2 . ARG A 1 162 ? 13.171  4.704   9.623   1.00 26.11 ? 198 ARG A NH2 1 
ATOM   1155 N  N   . LYS A 1 163 ? 16.093  10.080  2.761   1.00 21.42 ? 199 LYS A N   1 
ATOM   1156 C  CA  . LYS A 1 163 ? 16.712  10.532  1.515   1.00 21.81 ? 199 LYS A CA  1 
ATOM   1157 C  C   . LYS A 1 163 ? 17.238  11.966  1.623   1.00 22.26 ? 199 LYS A C   1 
ATOM   1158 O  O   . LYS A 1 163 ? 18.178  12.334  0.921   1.00 22.19 ? 199 LYS A O   1 
ATOM   1159 C  CB  . LYS A 1 163 ? 15.716  10.436  0.356   1.00 21.75 ? 199 LYS A CB  1 
ATOM   1160 C  CG  . LYS A 1 163 ? 15.362  9.015   -0.056  1.00 21.70 ? 199 LYS A CG  1 
ATOM   1161 C  CD  . LYS A 1 163 ? 16.432  8.389   -0.940  1.00 21.52 ? 199 LYS A CD  1 
ATOM   1162 C  CE  . LYS A 1 163 ? 16.051  6.968   -1.345  1.00 21.57 ? 199 LYS A CE  1 
ATOM   1163 N  NZ  . LYS A 1 163 ? 16.925  6.426   -2.429  1.00 21.60 ? 199 LYS A NZ  1 
ATOM   1164 N  N   . GLN A 1 164 ? 16.624  12.767  2.494   1.00 22.89 ? 200 GLN A N   1 
ATOM   1165 C  CA  . GLN A 1 164 ? 17.026  14.161  2.700   1.00 23.34 ? 200 GLN A CA  1 
ATOM   1166 C  C   . GLN A 1 164 ? 18.306  14.277  3.534   1.00 23.72 ? 200 GLN A C   1 
ATOM   1167 O  O   . GLN A 1 164 ? 19.134  15.161  3.285   1.00 23.80 ? 200 GLN A O   1 
ATOM   1168 C  CB  . GLN A 1 164 ? 15.879  14.958  3.338   1.00 23.37 ? 200 GLN A CB  1 
ATOM   1169 C  CG  . GLN A 1 164 ? 16.228  16.385  3.801   1.00 23.88 ? 200 GLN A CG  1 
ATOM   1170 C  CD  . GLN A 1 164 ? 16.855  17.251  2.710   1.00 24.42 ? 200 GLN A CD  1 
ATOM   1171 O  OE1 . GLN A 1 164 ? 16.825  16.908  1.527   1.00 24.89 ? 200 GLN A OE1 1 
ATOM   1172 N  NE2 . GLN A 1 164 ? 17.427  18.384  3.111   1.00 24.48 ? 200 GLN A NE2 1 
ATOM   1173 N  N   . ARG A 1 165 ? 18.462  13.398  4.522   1.00 24.14 ? 201 ARG A N   1 
ATOM   1174 C  CA  . ARG A 1 165 ? 19.704  13.332  5.298   1.00 24.57 ? 201 ARG A CA  1 
ATOM   1175 C  C   . ARG A 1 165 ? 20.857  12.761  4.468   1.00 24.48 ? 201 ARG A C   1 
ATOM   1176 O  O   . ARG A 1 165 ? 21.983  13.249  4.550   1.00 24.57 ? 201 ARG A O   1 
ATOM   1177 C  CB  . ARG A 1 165 ? 19.509  12.509  6.575   1.00 24.83 ? 201 ARG A CB  1 
ATOM   1178 C  CG  . ARG A 1 165 ? 18.612  13.183  7.609   1.00 25.96 ? 201 ARG A CG  1 
ATOM   1179 C  CD  . ARG A 1 165 ? 18.588  12.416  8.928   1.00 27.50 ? 201 ARG A CD  1 
ATOM   1180 N  NE  . ARG A 1 165 ? 17.777  11.197  8.854   1.00 28.95 ? 201 ARG A NE  1 
ATOM   1181 C  CZ  . ARG A 1 165 ? 17.609  10.337  9.860   1.00 29.85 ? 201 ARG A CZ  1 
ATOM   1182 N  NH1 . ARG A 1 165 ? 18.200  10.546  11.036  1.00 30.20 ? 201 ARG A NH1 1 
ATOM   1183 N  NH2 . ARG A 1 165 ? 16.846  9.259   9.691   1.00 30.04 ? 201 ARG A NH2 1 
ATOM   1184 N  N   . ARG A 1 166 ? 20.568  11.734  3.669   1.00 24.51 ? 202 ARG A N   1 
ATOM   1185 C  CA  . ARG A 1 166 ? 21.562  11.119  2.786   1.00 24.54 ? 202 ARG A CA  1 
ATOM   1186 C  C   . ARG A 1 166 ? 21.871  12.023  1.596   1.00 24.62 ? 202 ARG A C   1 
ATOM   1187 O  O   . ARG A 1 166 ? 22.643  12.979  1.706   1.00 24.66 ? 202 ARG A O   1 
ATOM   1188 C  CB  . ARG A 1 166 ? 21.064  9.760   2.283   1.00 24.55 ? 202 ARG A CB  1 
HETATM 1189 S  S   . SO4 B 2 .   ? -9.020  11.381  -7.397  0.50 81.55 ? 3   SO4 A S   1 
HETATM 1190 O  O1  . SO4 B 2 .   ? -9.097  12.722  -7.969  0.50 81.62 ? 3   SO4 A O1  1 
HETATM 1191 O  O2  . SO4 B 2 .   ? -8.567  10.448  -8.423  0.50 81.60 ? 3   SO4 A O2  1 
HETATM 1192 O  O3  . SO4 B 2 .   ? -8.070  11.375  -6.287  0.50 81.24 ? 3   SO4 A O3  1 
HETATM 1193 O  O4  . SO4 B 2 .   ? -10.341 10.982  -6.918  0.50 81.15 ? 3   SO4 A O4  1 
HETATM 1194 CL CL  . CL  C 3 .   ? 14.124  7.587   11.532  1.00 88.69 ? 1   CL  A CL  1 
HETATM 1195 CL CL  . CL  D 3 .   ? -2.123  12.585  -3.553  0.50 85.90 ? 2   CL  A CL  1 
# 
loop_
_pdbx_poly_seq_scheme.asym_id 
_pdbx_poly_seq_scheme.entity_id 
_pdbx_poly_seq_scheme.seq_id 
_pdbx_poly_seq_scheme.mon_id 
_pdbx_poly_seq_scheme.ndb_seq_num 
_pdbx_poly_seq_scheme.pdb_seq_num 
_pdbx_poly_seq_scheme.auth_seq_num 
_pdbx_poly_seq_scheme.pdb_mon_id 
_pdbx_poly_seq_scheme.auth_mon_id 
_pdbx_poly_seq_scheme.pdb_strand_id 
_pdbx_poly_seq_scheme.pdb_ins_code 
_pdbx_poly_seq_scheme.hetero 
A 1 1   MET 1   37  ?   ?   ?   A . n 
A 1 2   HIS 2   38  ?   ?   ?   A . n 
A 1 3   HIS 3   39  ?   ?   ?   A . n 
A 1 4   HIS 4   40  ?   ?   ?   A . n 
A 1 5   HIS 5   41  ?   ?   ?   A . n 
A 1 6   HIS 6   42  ?   ?   ?   A . n 
A 1 7   HIS 7   43  ?   ?   ?   A . n 
A 1 8   SER 8   44  ?   ?   ?   A . n 
A 1 9   SER 9   45  ?   ?   ?   A . n 
A 1 10  GLY 10  46  ?   ?   ?   A . n 
A 1 11  VAL 11  47  ?   ?   ?   A . n 
A 1 12  ASP 12  48  48  ASP ASP A . n 
A 1 13  LEU 13  49  49  LEU LEU A . n 
A 1 14  GLY 14  50  50  GLY GLY A . n 
A 1 15  THR 15  51  51  THR THR A . n 
A 1 16  GLU 16  52  52  GLU GLU A . n 
A 1 17  ASN 17  53  53  ASN ASN A . n 
A 1 18  LEU 18  54  54  LEU LEU A . n 
A 1 19  TYR 19  55  55  TYR TYR A . n 
A 1 20  PHE 20  56  56  PHE PHE A . n 
A 1 21  GLN 21  57  57  GLN GLN A . n 
A 1 22  SER 22  58  58  SER SER A . n 
A 1 23  MET 23  59  59  MET MET A . n 
A 1 24  ALA 24  60  60  ALA ALA A . n 
A 1 25  SER 25  61  61  SER SER A . n 
A 1 26  ARG 26  62  62  ARG ARG A . n 
A 1 27  PRO 27  63  63  PRO PRO A . n 
A 1 28  HIS 28  64  64  HIS HIS A . n 
A 1 29  GLN 29  65  65  GLN GLN A . n 
A 1 30  TRP 30  66  66  TRP TRP A . n 
A 1 31  GLN 31  67  67  GLN GLN A . n 
A 1 32  ALA 32  68  68  ALA ALA A . n 
A 1 33  ASP 33  69  69  ASP ASP A . n 
A 1 34  GLU 34  70  70  GLU GLU A . n 
A 1 35  ASP 35  71  71  ASP ASP A . n 
A 1 36  ALA 36  72  72  ALA ALA A . n 
A 1 37  VAL 37  73  73  VAL VAL A . n 
A 1 38  ARG 38  74  74  ARG ARG A . n 
A 1 39  LYS 39  75  75  LYS LYS A . n 
A 1 40  GLY 40  76  76  GLY GLY A . n 
A 1 41  THR 41  77  77  THR THR A . n 
A 1 42  CYS 42  78  78  CYS CYS A . n 
A 1 43  SER 43  79  79  SER SER A . n 
A 1 44  PHE 44  80  80  PHE PHE A . n 
A 1 45  PRO 45  81  81  PRO PRO A . n 
A 1 46  VAL 46  82  82  VAL VAL A . n 
A 1 47  ARG 47  83  83  ARG ARG A . n 
A 1 48  TYR 48  84  84  TYR TYR A . n 
A 1 49  LEU 49  85  85  LEU LEU A . n 
A 1 50  GLY 50  86  86  GLY GLY A . n 
A 1 51  HIS 51  87  87  HIS HIS A . n 
A 1 52  VAL 52  88  88  VAL VAL A . n 
A 1 53  GLU 53  89  89  GLU GLU A . n 
A 1 54  VAL 54  90  90  VAL VAL A . n 
A 1 55  GLU 55  91  91  GLU GLU A . n 
A 1 56  GLU 56  92  92  GLU GLU A . n 
A 1 57  SER 57  93  93  SER SER A . n 
A 1 58  ARG 58  94  94  ARG ARG A . n 
A 1 59  GLY 59  95  95  GLY GLY A . n 
A 1 60  MET 60  96  96  MET MET A . n 
A 1 61  HIS 61  97  97  HIS HIS A . n 
A 1 62  VAL 62  98  98  VAL VAL A . n 
A 1 63  CYS 63  99  99  CYS CYS A . n 
A 1 64  GLU 64  100 100 GLU GLU A . n 
A 1 65  ASP 65  101 101 ASP ASP A . n 
A 1 66  ALA 66  102 102 ALA ALA A . n 
A 1 67  VAL 67  103 103 VAL VAL A . n 
A 1 68  LYS 68  104 104 LYS LYS A . n 
A 1 69  LYS 69  105 105 LYS LYS A . n 
A 1 70  LEU 70  106 106 LEU LEU A . n 
A 1 71  LYS 71  107 107 LYS LYS A . n 
A 1 72  ALA 72  108 108 ALA ALA A . n 
A 1 73  MET 73  109 109 MET MET A . n 
A 1 74  GLY 74  110 110 GLY GLY A . n 
A 1 75  ARG 75  111 ?   ?   ?   A . n 
A 1 76  LYS 76  112 ?   ?   ?   A . n 
A 1 77  SER 77  113 113 SER SER A . n 
A 1 78  VAL 78  114 114 VAL VAL A . n 
A 1 79  LYS 79  115 115 LYS LYS A . n 
A 1 80  SER 80  116 116 SER SER A . n 
A 1 81  VAL 81  117 117 VAL VAL A . n 
A 1 82  LEU 82  118 118 LEU LEU A . n 
A 1 83  TRP 83  119 119 TRP TRP A . n 
A 1 84  VAL 84  120 120 VAL VAL A . n 
A 1 85  SER 85  121 121 SER SER A . n 
A 1 86  ALA 86  122 122 ALA ALA A . n 
A 1 87  ASP 87  123 123 ASP ASP A . n 
A 1 88  GLY 88  124 124 GLY GLY A . n 
A 1 89  LEU 89  125 125 LEU LEU A . n 
A 1 90  ARG 90  126 126 ARG ARG A . n 
A 1 91  VAL 91  127 127 VAL VAL A . n 
A 1 92  VAL 92  128 128 VAL VAL A . n 
A 1 93  ASP 93  129 129 ASP ASP A . n 
A 1 94  ASP 94  130 130 ASP ASP A . n 
A 1 95  LYS 95  131 131 LYS LYS A . n 
A 1 96  THR 96  132 132 THR THR A . n 
A 1 97  LYS 97  133 133 LYS LYS A . n 
A 1 98  ASP 98  134 134 ASP ASP A . n 
A 1 99  LEU 99  135 135 LEU LEU A . n 
A 1 100 LEU 100 136 136 LEU LEU A . n 
A 1 101 VAL 101 137 137 VAL VAL A . n 
A 1 102 ASP 102 138 138 ASP ASP A . n 
A 1 103 GLN 103 139 139 GLN GLN A . n 
A 1 104 THR 104 140 140 THR THR A . n 
A 1 105 ILE 105 141 141 ILE ILE A . n 
A 1 106 GLU 106 142 142 GLU GLU A . n 
A 1 107 LYS 107 143 143 LYS LYS A . n 
A 1 108 VAL 108 144 144 VAL VAL A . n 
A 1 109 SER 109 145 145 SER SER A . n 
A 1 110 PHE 110 146 146 PHE PHE A . n 
A 1 111 CYS 111 147 147 CYS CYS A . n 
A 1 112 ALA 112 148 148 ALA ALA A . n 
A 1 113 PRO 113 149 149 PRO PRO A . n 
A 1 114 ASP 114 150 150 ASP ASP A . n 
A 1 115 ARG 115 151 151 ARG ARG A . n 
A 1 116 ASN 116 152 152 ASN ASN A . n 
A 1 117 LEU 117 153 153 LEU LEU A . n 
A 1 118 ASP 118 154 154 ASP ASP A . n 
A 1 119 LYS 119 155 155 LYS LYS A . n 
A 1 120 ALA 120 156 156 ALA ALA A . n 
A 1 121 PHE 121 157 157 PHE PHE A . n 
A 1 122 SER 122 158 158 SER SER A . n 
A 1 123 TYR 123 159 159 TYR TYR A . n 
A 1 124 ILE 124 160 160 ILE ILE A . n 
A 1 125 CYS 125 161 161 CYS CYS A . n 
A 1 126 ARG 126 162 162 ARG ARG A . n 
A 1 127 ASP 127 163 163 ASP ASP A . n 
A 1 128 GLY 128 164 164 GLY GLY A . n 
A 1 129 THR 129 165 165 THR THR A . n 
A 1 130 THR 130 166 166 THR THR A . n 
A 1 131 ARG 131 167 167 ARG ARG A . n 
A 1 132 ARG 132 168 168 ARG ARG A . n 
A 1 133 TRP 133 169 169 TRP TRP A . n 
A 1 134 ILE 134 170 170 ILE ILE A . n 
A 1 135 CYS 135 171 171 CYS CYS A . n 
A 1 136 HIS 136 172 172 HIS HIS A . n 
A 1 137 CYS 137 173 173 CYS CYS A . n 
A 1 138 PHE 138 174 174 PHE PHE A . n 
A 1 139 LEU 139 175 175 LEU LEU A . n 
A 1 140 ALA 140 176 176 ALA ALA A . n 
A 1 141 LEU 141 177 177 LEU LEU A . n 
A 1 142 LYS 142 178 178 LYS LYS A . n 
A 1 143 ASP 143 179 179 ASP ASP A . n 
A 1 144 SER 144 180 180 SER SER A . n 
A 1 145 GLY 145 181 181 GLY GLY A . n 
A 1 146 GLU 146 182 182 GLU GLU A . n 
A 1 147 ARG 147 183 183 ARG ARG A . n 
A 1 148 LEU 148 184 184 LEU LEU A . n 
A 1 149 SER 149 185 185 SER SER A . n 
A 1 150 HIS 150 186 186 HIS HIS A . n 
A 1 151 ALA 151 187 187 ALA ALA A . n 
A 1 152 VAL 152 188 188 VAL VAL A . n 
A 1 153 GLY 153 189 189 GLY GLY A . n 
A 1 154 CYS 154 190 190 CYS CYS A . n 
A 1 155 ALA 155 191 191 ALA ALA A . n 
A 1 156 PHE 156 192 192 PHE PHE A . n 
A 1 157 ALA 157 193 193 ALA ALA A . n 
A 1 158 ALA 158 194 194 ALA ALA A . n 
A 1 159 CYS 159 195 195 CYS CYS A . n 
A 1 160 LEU 160 196 196 LEU LEU A . n 
A 1 161 GLU 161 197 197 GLU GLU A . n 
A 1 162 ARG 162 198 198 ARG ARG A . n 
A 1 163 LYS 163 199 199 LYS LYS A . n 
A 1 164 GLN 164 200 200 GLN GLN A . n 
A 1 165 ARG 165 201 201 ARG ARG A . n 
A 1 166 ARG 166 202 202 ARG ARG A . n 
A 1 167 GLU 167 203 ?   ?   ?   A . n 
A 1 168 LYS 168 204 ?   ?   ?   A . n 
# 
_pdbx_SG_project.id                    1 
_pdbx_SG_project.project_name          ? 
_pdbx_SG_project.full_name_of_center   'Structural Genomics Consortium' 
_pdbx_SG_project.initial_of_center     SGC 
# 
loop_
_pdbx_nonpoly_scheme.asym_id 
_pdbx_nonpoly_scheme.entity_id 
_pdbx_nonpoly_scheme.mon_id 
_pdbx_nonpoly_scheme.ndb_seq_num 
_pdbx_nonpoly_scheme.pdb_seq_num 
_pdbx_nonpoly_scheme.auth_seq_num 
_pdbx_nonpoly_scheme.pdb_mon_id 
_pdbx_nonpoly_scheme.auth_mon_id 
_pdbx_nonpoly_scheme.pdb_strand_id 
_pdbx_nonpoly_scheme.pdb_ins_code 
B 2 SO4 1 3 1 SO4 SO4 A . 
C 3 CL  1 1 1 CL  CL  A . 
D 3 CL  1 2 2 CL  CL  A . 
# 
loop_
_pdbx_struct_assembly.id 
_pdbx_struct_assembly.details 
_pdbx_struct_assembly.method_details 
_pdbx_struct_assembly.oligomeric_details 
_pdbx_struct_assembly.oligomeric_count 
1 author_defined_assembly   ?    monomeric 1 
2 software_defined_assembly PISA dimeric   2 
# 
loop_
_pdbx_struct_assembly_gen.assembly_id 
_pdbx_struct_assembly_gen.oper_expression 
_pdbx_struct_assembly_gen.asym_id_list 
1 1   A,B,C,D 
2 1,2 A,B,C,D 
# 
loop_
_pdbx_struct_assembly_prop.biol_id 
_pdbx_struct_assembly_prop.type 
_pdbx_struct_assembly_prop.value 
_pdbx_struct_assembly_prop.details 
2 'ABSA (A^2)' 3840  ? 
2 MORE         -73   ? 
2 'SSA (A^2)'  14870 ? 
# 
loop_
_pdbx_struct_oper_list.id 
_pdbx_struct_oper_list.type 
_pdbx_struct_oper_list.name 
_pdbx_struct_oper_list.symmetry_operation 
_pdbx_struct_oper_list.matrix[1][1] 
_pdbx_struct_oper_list.matrix[1][2] 
_pdbx_struct_oper_list.matrix[1][3] 
_pdbx_struct_oper_list.vector[1] 
_pdbx_struct_oper_list.matrix[2][1] 
_pdbx_struct_oper_list.matrix[2][2] 
_pdbx_struct_oper_list.matrix[2][3] 
_pdbx_struct_oper_list.vector[2] 
_pdbx_struct_oper_list.matrix[3][1] 
_pdbx_struct_oper_list.matrix[3][2] 
_pdbx_struct_oper_list.matrix[3][3] 
_pdbx_struct_oper_list.vector[3] 
1 'identity operation'         1_555 x,y,z         1.0000000000 0.0000000000 0.0000000000 0.0000000000  0.0000000000 1.0000000000  0.0000000000 0.0000000000  0.0000000000 0.0000000000 1.0000000000  0.0000000000  
2 'crystal symmetry operation' 5_554 x-y,-y,-z-2/3 0.3307363050 0.1889153837 0.9246212599 -0.5109979433 0.1889153837 -0.9731809961 0.1312620535 25.7067071779 0.9246212599 0.1312620535 -0.3575553090 -4.5168644895 
# 
_pdbx_struct_special_symmetry.id              1 
_pdbx_struct_special_symmetry.PDB_model_num   1 
_pdbx_struct_special_symmetry.auth_asym_id    A 
_pdbx_struct_special_symmetry.auth_comp_id    CL 
_pdbx_struct_special_symmetry.auth_seq_id     2 
_pdbx_struct_special_symmetry.PDB_ins_code    ? 
_pdbx_struct_special_symmetry.label_asym_id   D 
_pdbx_struct_special_symmetry.label_comp_id   CL 
_pdbx_struct_special_symmetry.label_seq_id    . 
# 
loop_
_pdbx_audit_revision_history.ordinal 
_pdbx_audit_revision_history.data_content_type 
_pdbx_audit_revision_history.major_revision 
_pdbx_audit_revision_history.minor_revision 
_pdbx_audit_revision_history.revision_date 
1 'Structure model' 1 0 2008-11-04 
2 'Structure model' 1 1 2011-07-13 
3 'Structure model' 1 2 2023-11-01 
# 
_pdbx_audit_revision_details.ordinal             1 
_pdbx_audit_revision_details.revision_ordinal    1 
_pdbx_audit_revision_details.data_content_type   'Structure model' 
_pdbx_audit_revision_details.provider            repository 
_pdbx_audit_revision_details.type                'Initial release' 
_pdbx_audit_revision_details.description         ? 
_pdbx_audit_revision_details.details             ? 
# 
loop_
_pdbx_audit_revision_group.ordinal 
_pdbx_audit_revision_group.revision_ordinal 
_pdbx_audit_revision_group.data_content_type 
_pdbx_audit_revision_group.group 
1 2 'Structure model' Advisory                    
2 2 'Structure model' 'Version format compliance' 
3 3 'Structure model' 'Data collection'           
4 3 'Structure model' 'Database references'       
5 3 'Structure model' 'Derived calculations'      
6 3 'Structure model' 'Refinement description'    
# 
loop_
_pdbx_audit_revision_category.ordinal 
_pdbx_audit_revision_category.revision_ordinal 
_pdbx_audit_revision_category.data_content_type 
_pdbx_audit_revision_category.category 
1 3 'Structure model' chem_comp_atom                
2 3 'Structure model' chem_comp_bond                
3 3 'Structure model' database_2                    
4 3 'Structure model' pdbx_initial_refinement_model 
5 3 'Structure model' struct_ref_seq_dif            
6 3 'Structure model' struct_site                   
# 
loop_
_pdbx_audit_revision_item.ordinal 
_pdbx_audit_revision_item.revision_ordinal 
_pdbx_audit_revision_item.data_content_type 
_pdbx_audit_revision_item.item 
1 3 'Structure model' '_database_2.pdbx_DOI'                
2 3 'Structure model' '_database_2.pdbx_database_accession' 
3 3 'Structure model' '_struct_ref_seq_dif.details'         
4 3 'Structure model' '_struct_site.pdbx_auth_asym_id'      
5 3 'Structure model' '_struct_site.pdbx_auth_comp_id'      
6 3 'Structure model' '_struct_site.pdbx_auth_seq_id'       
# 
loop_
_pdbx_refine_tls.id 
_pdbx_refine_tls.details 
_pdbx_refine_tls.method 
_pdbx_refine_tls.origin_x 
_pdbx_refine_tls.origin_y 
_pdbx_refine_tls.origin_z 
_pdbx_refine_tls.T[1][1] 
_pdbx_refine_tls.T[2][2] 
_pdbx_refine_tls.T[3][3] 
_pdbx_refine_tls.T[1][2] 
_pdbx_refine_tls.T[1][3] 
_pdbx_refine_tls.T[2][3] 
_pdbx_refine_tls.L[1][1] 
_pdbx_refine_tls.L[2][2] 
_pdbx_refine_tls.L[3][3] 
_pdbx_refine_tls.L[1][2] 
_pdbx_refine_tls.L[1][3] 
_pdbx_refine_tls.L[2][3] 
_pdbx_refine_tls.S[1][1] 
_pdbx_refine_tls.S[1][2] 
_pdbx_refine_tls.S[1][3] 
_pdbx_refine_tls.S[2][1] 
_pdbx_refine_tls.S[2][2] 
_pdbx_refine_tls.S[2][3] 
_pdbx_refine_tls.S[3][1] 
_pdbx_refine_tls.S[3][2] 
_pdbx_refine_tls.S[3][3] 
_pdbx_refine_tls.pdbx_refine_id 
1 ? refined 0.3234  7.0923  9.7149  0.8173 0.5381 0.6919 0.1228  0.1450  0.1962 3.1324 10.0400 0.5348  1.5465  -0.7797 1.3454 -0.1097 -0.3854 -0.4084 1.1827  -0.0061 0.1786 0.1414  0.1395  0.1160  'X-RAY DIFFRACTION' 
2 ? refined -7.1230 -2.6399 -8.6719 0.7527 0.1698 0.9001 -0.1662 -0.3190 0.0657 9.8233 6.0065  11.9908 3.7730  -0.0092 0.2698 -0.3985 0.3027  -0.4420 -1.5486 0.1992  1.2496 0.0336  -0.5512 0.1992  'X-RAY DIFFRACTION' 
3 ? refined 2.2140  -1.5879 -0.4850 0.3448 0.2773 0.5514 -0.0207 0.0996  0.0645 2.8247 10.8376 3.2763  -1.2727 -0.4916 0.9460 -0.4028 -0.1539 -0.3637 -0.7326 0.4425  0.3839 -0.0544 0.1586  -0.0398 'X-RAY DIFFRACTION' 
# 
loop_
_pdbx_refine_tls_group.id 
_pdbx_refine_tls_group.refine_tls_id 
_pdbx_refine_tls_group.beg_auth_asym_id 
_pdbx_refine_tls_group.beg_auth_seq_id 
_pdbx_refine_tls_group.end_auth_asym_id 
_pdbx_refine_tls_group.end_auth_seq_id 
_pdbx_refine_tls_group.selection 
_pdbx_refine_tls_group.beg_label_asym_id 
_pdbx_refine_tls_group.beg_label_seq_id 
_pdbx_refine_tls_group.end_label_asym_id 
_pdbx_refine_tls_group.end_label_seq_id 
_pdbx_refine_tls_group.pdbx_refine_id 
_pdbx_refine_tls_group.selection_details 
1 1 A 48  A 81  ? . . . . 'X-RAY DIFFRACTION' ? 
2 2 A 82  A 109 ? . . . . 'X-RAY DIFFRACTION' ? 
3 3 A 110 A 202 ? . . . . 'X-RAY DIFFRACTION' ? 
# 
loop_
_software.name 
_software.classification 
_software.version 
_software.citation_id 
_software.pdbx_ordinal 
MxCuBE 'data collection' .        ? 1 
MOLREP phasing           .        ? 2 
REFMAC refinement        5.5.0044 ? 3 
XDS    'data reduction'  .        ? 4 
XSCALE 'data scaling'    .        ? 5 
# 
_pdbx_validate_close_contact.id               1 
_pdbx_validate_close_contact.PDB_model_num    1 
_pdbx_validate_close_contact.auth_atom_id_1   O 
_pdbx_validate_close_contact.auth_asym_id_1   A 
_pdbx_validate_close_contact.auth_comp_id_1   SER 
_pdbx_validate_close_contact.auth_seq_id_1    93 
_pdbx_validate_close_contact.PDB_ins_code_1   ? 
_pdbx_validate_close_contact.label_alt_id_1   ? 
_pdbx_validate_close_contact.auth_atom_id_2   OG 
_pdbx_validate_close_contact.auth_asym_id_2   A 
_pdbx_validate_close_contact.auth_comp_id_2   SER 
_pdbx_validate_close_contact.auth_seq_id_2    145 
_pdbx_validate_close_contact.PDB_ins_code_2   ? 
_pdbx_validate_close_contact.label_alt_id_2   ? 
_pdbx_validate_close_contact.dist             2.16 
# 
loop_
_pdbx_validate_torsion.id 
_pdbx_validate_torsion.PDB_model_num 
_pdbx_validate_torsion.auth_comp_id 
_pdbx_validate_torsion.auth_asym_id 
_pdbx_validate_torsion.auth_seq_id 
_pdbx_validate_torsion.PDB_ins_code 
_pdbx_validate_torsion.label_alt_id 
_pdbx_validate_torsion.phi 
_pdbx_validate_torsion.psi 
1 1 HIS A 64  ? ? -74.55  42.95  
2 1 MET A 109 ? ? -109.02 -60.42 
# 
loop_
_pdbx_unobs_or_zero_occ_atoms.id 
_pdbx_unobs_or_zero_occ_atoms.PDB_model_num 
_pdbx_unobs_or_zero_occ_atoms.polymer_flag 
_pdbx_unobs_or_zero_occ_atoms.occupancy_flag 
_pdbx_unobs_or_zero_occ_atoms.auth_asym_id 
_pdbx_unobs_or_zero_occ_atoms.auth_comp_id 
_pdbx_unobs_or_zero_occ_atoms.auth_seq_id 
_pdbx_unobs_or_zero_occ_atoms.PDB_ins_code 
_pdbx_unobs_or_zero_occ_atoms.auth_atom_id 
_pdbx_unobs_or_zero_occ_atoms.label_alt_id 
_pdbx_unobs_or_zero_occ_atoms.label_asym_id 
_pdbx_unobs_or_zero_occ_atoms.label_comp_id 
_pdbx_unobs_or_zero_occ_atoms.label_seq_id 
_pdbx_unobs_or_zero_occ_atoms.label_atom_id 
1  1 Y 1 A ASP 48  ? CG  ? A ASP 12  CG  
2  1 Y 1 A ASP 48  ? OD1 ? A ASP 12  OD1 
3  1 Y 1 A ASP 48  ? OD2 ? A ASP 12  OD2 
4  1 Y 1 A LEU 49  ? CG  ? A LEU 13  CG  
5  1 Y 1 A LEU 49  ? CD1 ? A LEU 13  CD1 
6  1 Y 1 A LEU 49  ? CD2 ? A LEU 13  CD2 
7  1 Y 1 A ARG 168 ? CG  ? A ARG 132 CG  
8  1 Y 1 A ARG 168 ? CD  ? A ARG 132 CD  
9  1 Y 1 A ARG 168 ? NE  ? A ARG 132 NE  
10 1 Y 1 A ARG 168 ? CZ  ? A ARG 132 CZ  
11 1 Y 1 A ARG 168 ? NH1 ? A ARG 132 NH1 
12 1 Y 1 A ARG 168 ? NH2 ? A ARG 132 NH2 
13 1 Y 1 A LYS 178 ? CG  ? A LYS 142 CG  
14 1 Y 1 A LYS 178 ? CD  ? A LYS 142 CD  
15 1 Y 1 A LYS 178 ? CE  ? A LYS 142 CE  
16 1 Y 1 A LYS 178 ? NZ  ? A LYS 142 NZ  
17 1 Y 1 A ARG 202 ? CG  ? A ARG 166 CG  
18 1 Y 1 A ARG 202 ? CD  ? A ARG 166 CD  
19 1 Y 1 A ARG 202 ? NE  ? A ARG 166 NE  
20 1 Y 1 A ARG 202 ? CZ  ? A ARG 166 CZ  
21 1 Y 1 A ARG 202 ? NH1 ? A ARG 166 NH1 
22 1 Y 1 A ARG 202 ? NH2 ? A ARG 166 NH2 
# 
loop_
_pdbx_unobs_or_zero_occ_residues.id 
_pdbx_unobs_or_zero_occ_residues.PDB_model_num 
_pdbx_unobs_or_zero_occ_residues.polymer_flag 
_pdbx_unobs_or_zero_occ_residues.occupancy_flag 
_pdbx_unobs_or_zero_occ_residues.auth_asym_id 
_pdbx_unobs_or_zero_occ_residues.auth_comp_id 
_pdbx_unobs_or_zero_occ_residues.auth_seq_id 
_pdbx_unobs_or_zero_occ_residues.PDB_ins_code 
_pdbx_unobs_or_zero_occ_residues.label_asym_id 
_pdbx_unobs_or_zero_occ_residues.label_comp_id 
_pdbx_unobs_or_zero_occ_residues.label_seq_id 
1  1 Y 1 A MET 37  ? A MET 1   
2  1 Y 1 A HIS 38  ? A HIS 2   
3  1 Y 1 A HIS 39  ? A HIS 3   
4  1 Y 1 A HIS 40  ? A HIS 4   
5  1 Y 1 A HIS 41  ? A HIS 5   
6  1 Y 1 A HIS 42  ? A HIS 6   
7  1 Y 1 A HIS 43  ? A HIS 7   
8  1 Y 1 A SER 44  ? A SER 8   
9  1 Y 1 A SER 45  ? A SER 9   
10 1 Y 1 A GLY 46  ? A GLY 10  
11 1 Y 1 A VAL 47  ? A VAL 11  
12 1 Y 1 A ARG 111 ? A ARG 75  
13 1 Y 1 A LYS 112 ? A LYS 76  
14 1 Y 1 A GLU 203 ? A GLU 167 
15 1 Y 1 A LYS 204 ? A LYS 168 
# 
loop_
_chem_comp_atom.comp_id 
_chem_comp_atom.atom_id 
_chem_comp_atom.type_symbol 
_chem_comp_atom.pdbx_aromatic_flag 
_chem_comp_atom.pdbx_stereo_config 
_chem_comp_atom.pdbx_ordinal 
ALA N    N  N N 1   
ALA CA   C  N S 2   
ALA C    C  N N 3   
ALA O    O  N N 4   
ALA CB   C  N N 5   
ALA OXT  O  N N 6   
ALA H    H  N N 7   
ALA H2   H  N N 8   
ALA HA   H  N N 9   
ALA HB1  H  N N 10  
ALA HB2  H  N N 11  
ALA HB3  H  N N 12  
ALA HXT  H  N N 13  
ARG N    N  N N 14  
ARG CA   C  N S 15  
ARG C    C  N N 16  
ARG O    O  N N 17  
ARG CB   C  N N 18  
ARG CG   C  N N 19  
ARG CD   C  N N 20  
ARG NE   N  N N 21  
ARG CZ   C  N N 22  
ARG NH1  N  N N 23  
ARG NH2  N  N N 24  
ARG OXT  O  N N 25  
ARG H    H  N N 26  
ARG H2   H  N N 27  
ARG HA   H  N N 28  
ARG HB2  H  N N 29  
ARG HB3  H  N N 30  
ARG HG2  H  N N 31  
ARG HG3  H  N N 32  
ARG HD2  H  N N 33  
ARG HD3  H  N N 34  
ARG HE   H  N N 35  
ARG HH11 H  N N 36  
ARG HH12 H  N N 37  
ARG HH21 H  N N 38  
ARG HH22 H  N N 39  
ARG HXT  H  N N 40  
ASN N    N  N N 41  
ASN CA   C  N S 42  
ASN C    C  N N 43  
ASN O    O  N N 44  
ASN CB   C  N N 45  
ASN CG   C  N N 46  
ASN OD1  O  N N 47  
ASN ND2  N  N N 48  
ASN OXT  O  N N 49  
ASN H    H  N N 50  
ASN H2   H  N N 51  
ASN HA   H  N N 52  
ASN HB2  H  N N 53  
ASN HB3  H  N N 54  
ASN HD21 H  N N 55  
ASN HD22 H  N N 56  
ASN HXT  H  N N 57  
ASP N    N  N N 58  
ASP CA   C  N S 59  
ASP C    C  N N 60  
ASP O    O  N N 61  
ASP CB   C  N N 62  
ASP CG   C  N N 63  
ASP OD1  O  N N 64  
ASP OD2  O  N N 65  
ASP OXT  O  N N 66  
ASP H    H  N N 67  
ASP H2   H  N N 68  
ASP HA   H  N N 69  
ASP HB2  H  N N 70  
ASP HB3  H  N N 71  
ASP HD2  H  N N 72  
ASP HXT  H  N N 73  
CL  CL   CL N N 74  
CYS N    N  N N 75  
CYS CA   C  N R 76  
CYS C    C  N N 77  
CYS O    O  N N 78  
CYS CB   C  N N 79  
CYS SG   S  N N 80  
CYS OXT  O  N N 81  
CYS H    H  N N 82  
CYS H2   H  N N 83  
CYS HA   H  N N 84  
CYS HB2  H  N N 85  
CYS HB3  H  N N 86  
CYS HG   H  N N 87  
CYS HXT  H  N N 88  
GLN N    N  N N 89  
GLN CA   C  N S 90  
GLN C    C  N N 91  
GLN O    O  N N 92  
GLN CB   C  N N 93  
GLN CG   C  N N 94  
GLN CD   C  N N 95  
GLN OE1  O  N N 96  
GLN NE2  N  N N 97  
GLN OXT  O  N N 98  
GLN H    H  N N 99  
GLN H2   H  N N 100 
GLN HA   H  N N 101 
GLN HB2  H  N N 102 
GLN HB3  H  N N 103 
GLN HG2  H  N N 104 
GLN HG3  H  N N 105 
GLN HE21 H  N N 106 
GLN HE22 H  N N 107 
GLN HXT  H  N N 108 
GLU N    N  N N 109 
GLU CA   C  N S 110 
GLU C    C  N N 111 
GLU O    O  N N 112 
GLU CB   C  N N 113 
GLU CG   C  N N 114 
GLU CD   C  N N 115 
GLU OE1  O  N N 116 
GLU OE2  O  N N 117 
GLU OXT  O  N N 118 
GLU H    H  N N 119 
GLU H2   H  N N 120 
GLU HA   H  N N 121 
GLU HB2  H  N N 122 
GLU HB3  H  N N 123 
GLU HG2  H  N N 124 
GLU HG3  H  N N 125 
GLU HE2  H  N N 126 
GLU HXT  H  N N 127 
GLY N    N  N N 128 
GLY CA   C  N N 129 
GLY C    C  N N 130 
GLY O    O  N N 131 
GLY OXT  O  N N 132 
GLY H    H  N N 133 
GLY H2   H  N N 134 
GLY HA2  H  N N 135 
GLY HA3  H  N N 136 
GLY HXT  H  N N 137 
HIS N    N  N N 138 
HIS CA   C  N S 139 
HIS C    C  N N 140 
HIS O    O  N N 141 
HIS CB   C  N N 142 
HIS CG   C  Y N 143 
HIS ND1  N  Y N 144 
HIS CD2  C  Y N 145 
HIS CE1  C  Y N 146 
HIS NE2  N  Y N 147 
HIS OXT  O  N N 148 
HIS H    H  N N 149 
HIS H2   H  N N 150 
HIS HA   H  N N 151 
HIS HB2  H  N N 152 
HIS HB3  H  N N 153 
HIS HD1  H  N N 154 
HIS HD2  H  N N 155 
HIS HE1  H  N N 156 
HIS HE2  H  N N 157 
HIS HXT  H  N N 158 
ILE N    N  N N 159 
ILE CA   C  N S 160 
ILE C    C  N N 161 
ILE O    O  N N 162 
ILE CB   C  N S 163 
ILE CG1  C  N N 164 
ILE CG2  C  N N 165 
ILE CD1  C  N N 166 
ILE OXT  O  N N 167 
ILE H    H  N N 168 
ILE H2   H  N N 169 
ILE HA   H  N N 170 
ILE HB   H  N N 171 
ILE HG12 H  N N 172 
ILE HG13 H  N N 173 
ILE HG21 H  N N 174 
ILE HG22 H  N N 175 
ILE HG23 H  N N 176 
ILE HD11 H  N N 177 
ILE HD12 H  N N 178 
ILE HD13 H  N N 179 
ILE HXT  H  N N 180 
LEU N    N  N N 181 
LEU CA   C  N S 182 
LEU C    C  N N 183 
LEU O    O  N N 184 
LEU CB   C  N N 185 
LEU CG   C  N N 186 
LEU CD1  C  N N 187 
LEU CD2  C  N N 188 
LEU OXT  O  N N 189 
LEU H    H  N N 190 
LEU H2   H  N N 191 
LEU HA   H  N N 192 
LEU HB2  H  N N 193 
LEU HB3  H  N N 194 
LEU HG   H  N N 195 
LEU HD11 H  N N 196 
LEU HD12 H  N N 197 
LEU HD13 H  N N 198 
LEU HD21 H  N N 199 
LEU HD22 H  N N 200 
LEU HD23 H  N N 201 
LEU HXT  H  N N 202 
LYS N    N  N N 203 
LYS CA   C  N S 204 
LYS C    C  N N 205 
LYS O    O  N N 206 
LYS CB   C  N N 207 
LYS CG   C  N N 208 
LYS CD   C  N N 209 
LYS CE   C  N N 210 
LYS NZ   N  N N 211 
LYS OXT  O  N N 212 
LYS H    H  N N 213 
LYS H2   H  N N 214 
LYS HA   H  N N 215 
LYS HB2  H  N N 216 
LYS HB3  H  N N 217 
LYS HG2  H  N N 218 
LYS HG3  H  N N 219 
LYS HD2  H  N N 220 
LYS HD3  H  N N 221 
LYS HE2  H  N N 222 
LYS HE3  H  N N 223 
LYS HZ1  H  N N 224 
LYS HZ2  H  N N 225 
LYS HZ3  H  N N 226 
LYS HXT  H  N N 227 
MET N    N  N N 228 
MET CA   C  N S 229 
MET C    C  N N 230 
MET O    O  N N 231 
MET CB   C  N N 232 
MET CG   C  N N 233 
MET SD   S  N N 234 
MET CE   C  N N 235 
MET OXT  O  N N 236 
MET H    H  N N 237 
MET H2   H  N N 238 
MET HA   H  N N 239 
MET HB2  H  N N 240 
MET HB3  H  N N 241 
MET HG2  H  N N 242 
MET HG3  H  N N 243 
MET HE1  H  N N 244 
MET HE2  H  N N 245 
MET HE3  H  N N 246 
MET HXT  H  N N 247 
PHE N    N  N N 248 
PHE CA   C  N S 249 
PHE C    C  N N 250 
PHE O    O  N N 251 
PHE CB   C  N N 252 
PHE CG   C  Y N 253 
PHE CD1  C  Y N 254 
PHE CD2  C  Y N 255 
PHE CE1  C  Y N 256 
PHE CE2  C  Y N 257 
PHE CZ   C  Y N 258 
PHE OXT  O  N N 259 
PHE H    H  N N 260 
PHE H2   H  N N 261 
PHE HA   H  N N 262 
PHE HB2  H  N N 263 
PHE HB3  H  N N 264 
PHE HD1  H  N N 265 
PHE HD2  H  N N 266 
PHE HE1  H  N N 267 
PHE HE2  H  N N 268 
PHE HZ   H  N N 269 
PHE HXT  H  N N 270 
PRO N    N  N N 271 
PRO CA   C  N S 272 
PRO C    C  N N 273 
PRO O    O  N N 274 
PRO CB   C  N N 275 
PRO CG   C  N N 276 
PRO CD   C  N N 277 
PRO OXT  O  N N 278 
PRO H    H  N N 279 
PRO HA   H  N N 280 
PRO HB2  H  N N 281 
PRO HB3  H  N N 282 
PRO HG2  H  N N 283 
PRO HG3  H  N N 284 
PRO HD2  H  N N 285 
PRO HD3  H  N N 286 
PRO HXT  H  N N 287 
SER N    N  N N 288 
SER CA   C  N S 289 
SER C    C  N N 290 
SER O    O  N N 291 
SER CB   C  N N 292 
SER OG   O  N N 293 
SER OXT  O  N N 294 
SER H    H  N N 295 
SER H2   H  N N 296 
SER HA   H  N N 297 
SER HB2  H  N N 298 
SER HB3  H  N N 299 
SER HG   H  N N 300 
SER HXT  H  N N 301 
SO4 S    S  N N 302 
SO4 O1   O  N N 303 
SO4 O2   O  N N 304 
SO4 O3   O  N N 305 
SO4 O4   O  N N 306 
THR N    N  N N 307 
THR CA   C  N S 308 
THR C    C  N N 309 
THR O    O  N N 310 
THR CB   C  N R 311 
THR OG1  O  N N 312 
THR CG2  C  N N 313 
THR OXT  O  N N 314 
THR H    H  N N 315 
THR H2   H  N N 316 
THR HA   H  N N 317 
THR HB   H  N N 318 
THR HG1  H  N N 319 
THR HG21 H  N N 320 
THR HG22 H  N N 321 
THR HG23 H  N N 322 
THR HXT  H  N N 323 
TRP N    N  N N 324 
TRP CA   C  N S 325 
TRP C    C  N N 326 
TRP O    O  N N 327 
TRP CB   C  N N 328 
TRP CG   C  Y N 329 
TRP CD1  C  Y N 330 
TRP CD2  C  Y N 331 
TRP NE1  N  Y N 332 
TRP CE2  C  Y N 333 
TRP CE3  C  Y N 334 
TRP CZ2  C  Y N 335 
TRP CZ3  C  Y N 336 
TRP CH2  C  Y N 337 
TRP OXT  O  N N 338 
TRP H    H  N N 339 
TRP H2   H  N N 340 
TRP HA   H  N N 341 
TRP HB2  H  N N 342 
TRP HB3  H  N N 343 
TRP HD1  H  N N 344 
TRP HE1  H  N N 345 
TRP HE3  H  N N 346 
TRP HZ2  H  N N 347 
TRP HZ3  H  N N 348 
TRP HH2  H  N N 349 
TRP HXT  H  N N 350 
TYR N    N  N N 351 
TYR CA   C  N S 352 
TYR C    C  N N 353 
TYR O    O  N N 354 
TYR CB   C  N N 355 
TYR CG   C  Y N 356 
TYR CD1  C  Y N 357 
TYR CD2  C  Y N 358 
TYR CE1  C  Y N 359 
TYR CE2  C  Y N 360 
TYR CZ   C  Y N 361 
TYR OH   O  N N 362 
TYR OXT  O  N N 363 
TYR H    H  N N 364 
TYR H2   H  N N 365 
TYR HA   H  N N 366 
TYR HB2  H  N N 367 
TYR HB3  H  N N 368 
TYR HD1  H  N N 369 
TYR HD2  H  N N 370 
TYR HE1  H  N N 371 
TYR HE2  H  N N 372 
TYR HH   H  N N 373 
TYR HXT  H  N N 374 
VAL N    N  N N 375 
VAL CA   C  N S 376 
VAL C    C  N N 377 
VAL O    O  N N 378 
VAL CB   C  N N 379 
VAL CG1  C  N N 380 
VAL CG2  C  N N 381 
VAL OXT  O  N N 382 
VAL H    H  N N 383 
VAL H2   H  N N 384 
VAL HA   H  N N 385 
VAL HB   H  N N 386 
VAL HG11 H  N N 387 
VAL HG12 H  N N 388 
VAL HG13 H  N N 389 
VAL HG21 H  N N 390 
VAL HG22 H  N N 391 
VAL HG23 H  N N 392 
VAL HXT  H  N N 393 
# 
loop_
_chem_comp_bond.comp_id 
_chem_comp_bond.atom_id_1 
_chem_comp_bond.atom_id_2 
_chem_comp_bond.value_order 
_chem_comp_bond.pdbx_aromatic_flag 
_chem_comp_bond.pdbx_stereo_config 
_chem_comp_bond.pdbx_ordinal 
ALA N   CA   sing N N 1   
ALA N   H    sing N N 2   
ALA N   H2   sing N N 3   
ALA CA  C    sing N N 4   
ALA CA  CB   sing N N 5   
ALA CA  HA   sing N N 6   
ALA C   O    doub N N 7   
ALA C   OXT  sing N N 8   
ALA CB  HB1  sing N N 9   
ALA CB  HB2  sing N N 10  
ALA CB  HB3  sing N N 11  
ALA OXT HXT  sing N N 12  
ARG N   CA   sing N N 13  
ARG N   H    sing N N 14  
ARG N   H2   sing N N 15  
ARG CA  C    sing N N 16  
ARG CA  CB   sing N N 17  
ARG CA  HA   sing N N 18  
ARG C   O    doub N N 19  
ARG C   OXT  sing N N 20  
ARG CB  CG   sing N N 21  
ARG CB  HB2  sing N N 22  
ARG CB  HB3  sing N N 23  
ARG CG  CD   sing N N 24  
ARG CG  HG2  sing N N 25  
ARG CG  HG3  sing N N 26  
ARG CD  NE   sing N N 27  
ARG CD  HD2  sing N N 28  
ARG CD  HD3  sing N N 29  
ARG NE  CZ   sing N N 30  
ARG NE  HE   sing N N 31  
ARG CZ  NH1  sing N N 32  
ARG CZ  NH2  doub N N 33  
ARG NH1 HH11 sing N N 34  
ARG NH1 HH12 sing N N 35  
ARG NH2 HH21 sing N N 36  
ARG NH2 HH22 sing N N 37  
ARG OXT HXT  sing N N 38  
ASN N   CA   sing N N 39  
ASN N   H    sing N N 40  
ASN N   H2   sing N N 41  
ASN CA  C    sing N N 42  
ASN CA  CB   sing N N 43  
ASN CA  HA   sing N N 44  
ASN C   O    doub N N 45  
ASN C   OXT  sing N N 46  
ASN CB  CG   sing N N 47  
ASN CB  HB2  sing N N 48  
ASN CB  HB3  sing N N 49  
ASN CG  OD1  doub N N 50  
ASN CG  ND2  sing N N 51  
ASN ND2 HD21 sing N N 52  
ASN ND2 HD22 sing N N 53  
ASN OXT HXT  sing N N 54  
ASP N   CA   sing N N 55  
ASP N   H    sing N N 56  
ASP N   H2   sing N N 57  
ASP CA  C    sing N N 58  
ASP CA  CB   sing N N 59  
ASP CA  HA   sing N N 60  
ASP C   O    doub N N 61  
ASP C   OXT  sing N N 62  
ASP CB  CG   sing N N 63  
ASP CB  HB2  sing N N 64  
ASP CB  HB3  sing N N 65  
ASP CG  OD1  doub N N 66  
ASP CG  OD2  sing N N 67  
ASP OD2 HD2  sing N N 68  
ASP OXT HXT  sing N N 69  
CYS N   CA   sing N N 70  
CYS N   H    sing N N 71  
CYS N   H2   sing N N 72  
CYS CA  C    sing N N 73  
CYS CA  CB   sing N N 74  
CYS CA  HA   sing N N 75  
CYS C   O    doub N N 76  
CYS C   OXT  sing N N 77  
CYS CB  SG   sing N N 78  
CYS CB  HB2  sing N N 79  
CYS CB  HB3  sing N N 80  
CYS SG  HG   sing N N 81  
CYS OXT HXT  sing N N 82  
GLN N   CA   sing N N 83  
GLN N   H    sing N N 84  
GLN N   H2   sing N N 85  
GLN CA  C    sing N N 86  
GLN CA  CB   sing N N 87  
GLN CA  HA   sing N N 88  
GLN C   O    doub N N 89  
GLN C   OXT  sing N N 90  
GLN CB  CG   sing N N 91  
GLN CB  HB2  sing N N 92  
GLN CB  HB3  sing N N 93  
GLN CG  CD   sing N N 94  
GLN CG  HG2  sing N N 95  
GLN CG  HG3  sing N N 96  
GLN CD  OE1  doub N N 97  
GLN CD  NE2  sing N N 98  
GLN NE2 HE21 sing N N 99  
GLN NE2 HE22 sing N N 100 
GLN OXT HXT  sing N N 101 
GLU N   CA   sing N N 102 
GLU N   H    sing N N 103 
GLU N   H2   sing N N 104 
GLU CA  C    sing N N 105 
GLU CA  CB   sing N N 106 
GLU CA  HA   sing N N 107 
GLU C   O    doub N N 108 
GLU C   OXT  sing N N 109 
GLU CB  CG   sing N N 110 
GLU CB  HB2  sing N N 111 
GLU CB  HB3  sing N N 112 
GLU CG  CD   sing N N 113 
GLU CG  HG2  sing N N 114 
GLU CG  HG3  sing N N 115 
GLU CD  OE1  doub N N 116 
GLU CD  OE2  sing N N 117 
GLU OE2 HE2  sing N N 118 
GLU OXT HXT  sing N N 119 
GLY N   CA   sing N N 120 
GLY N   H    sing N N 121 
GLY N   H2   sing N N 122 
GLY CA  C    sing N N 123 
GLY CA  HA2  sing N N 124 
GLY CA  HA3  sing N N 125 
GLY C   O    doub N N 126 
GLY C   OXT  sing N N 127 
GLY OXT HXT  sing N N 128 
HIS N   CA   sing N N 129 
HIS N   H    sing N N 130 
HIS N   H2   sing N N 131 
HIS CA  C    sing N N 132 
HIS CA  CB   sing N N 133 
HIS CA  HA   sing N N 134 
HIS C   O    doub N N 135 
HIS C   OXT  sing N N 136 
HIS CB  CG   sing N N 137 
HIS CB  HB2  sing N N 138 
HIS CB  HB3  sing N N 139 
HIS CG  ND1  sing Y N 140 
HIS CG  CD2  doub Y N 141 
HIS ND1 CE1  doub Y N 142 
HIS ND1 HD1  sing N N 143 
HIS CD2 NE2  sing Y N 144 
HIS CD2 HD2  sing N N 145 
HIS CE1 NE2  sing Y N 146 
HIS CE1 HE1  sing N N 147 
HIS NE2 HE2  sing N N 148 
HIS OXT HXT  sing N N 149 
ILE N   CA   sing N N 150 
ILE N   H    sing N N 151 
ILE N   H2   sing N N 152 
ILE CA  C    sing N N 153 
ILE CA  CB   sing N N 154 
ILE CA  HA   sing N N 155 
ILE C   O    doub N N 156 
ILE C   OXT  sing N N 157 
ILE CB  CG1  sing N N 158 
ILE CB  CG2  sing N N 159 
ILE CB  HB   sing N N 160 
ILE CG1 CD1  sing N N 161 
ILE CG1 HG12 sing N N 162 
ILE CG1 HG13 sing N N 163 
ILE CG2 HG21 sing N N 164 
ILE CG2 HG22 sing N N 165 
ILE CG2 HG23 sing N N 166 
ILE CD1 HD11 sing N N 167 
ILE CD1 HD12 sing N N 168 
ILE CD1 HD13 sing N N 169 
ILE OXT HXT  sing N N 170 
LEU N   CA   sing N N 171 
LEU N   H    sing N N 172 
LEU N   H2   sing N N 173 
LEU CA  C    sing N N 174 
LEU CA  CB   sing N N 175 
LEU CA  HA   sing N N 176 
LEU C   O    doub N N 177 
LEU C   OXT  sing N N 178 
LEU CB  CG   sing N N 179 
LEU CB  HB2  sing N N 180 
LEU CB  HB3  sing N N 181 
LEU CG  CD1  sing N N 182 
LEU CG  CD2  sing N N 183 
LEU CG  HG   sing N N 184 
LEU CD1 HD11 sing N N 185 
LEU CD1 HD12 sing N N 186 
LEU CD1 HD13 sing N N 187 
LEU CD2 HD21 sing N N 188 
LEU CD2 HD22 sing N N 189 
LEU CD2 HD23 sing N N 190 
LEU OXT HXT  sing N N 191 
LYS N   CA   sing N N 192 
LYS N   H    sing N N 193 
LYS N   H2   sing N N 194 
LYS CA  C    sing N N 195 
LYS CA  CB   sing N N 196 
LYS CA  HA   sing N N 197 
LYS C   O    doub N N 198 
LYS C   OXT  sing N N 199 
LYS CB  CG   sing N N 200 
LYS CB  HB2  sing N N 201 
LYS CB  HB3  sing N N 202 
LYS CG  CD   sing N N 203 
LYS CG  HG2  sing N N 204 
LYS CG  HG3  sing N N 205 
LYS CD  CE   sing N N 206 
LYS CD  HD2  sing N N 207 
LYS CD  HD3  sing N N 208 
LYS CE  NZ   sing N N 209 
LYS CE  HE2  sing N N 210 
LYS CE  HE3  sing N N 211 
LYS NZ  HZ1  sing N N 212 
LYS NZ  HZ2  sing N N 213 
LYS NZ  HZ3  sing N N 214 
LYS OXT HXT  sing N N 215 
MET N   CA   sing N N 216 
MET N   H    sing N N 217 
MET N   H2   sing N N 218 
MET CA  C    sing N N 219 
MET CA  CB   sing N N 220 
MET CA  HA   sing N N 221 
MET C   O    doub N N 222 
MET C   OXT  sing N N 223 
MET CB  CG   sing N N 224 
MET CB  HB2  sing N N 225 
MET CB  HB3  sing N N 226 
MET CG  SD   sing N N 227 
MET CG  HG2  sing N N 228 
MET CG  HG3  sing N N 229 
MET SD  CE   sing N N 230 
MET CE  HE1  sing N N 231 
MET CE  HE2  sing N N 232 
MET CE  HE3  sing N N 233 
MET OXT HXT  sing N N 234 
PHE N   CA   sing N N 235 
PHE N   H    sing N N 236 
PHE N   H2   sing N N 237 
PHE CA  C    sing N N 238 
PHE CA  CB   sing N N 239 
PHE CA  HA   sing N N 240 
PHE C   O    doub N N 241 
PHE C   OXT  sing N N 242 
PHE CB  CG   sing N N 243 
PHE CB  HB2  sing N N 244 
PHE CB  HB3  sing N N 245 
PHE CG  CD1  doub Y N 246 
PHE CG  CD2  sing Y N 247 
PHE CD1 CE1  sing Y N 248 
PHE CD1 HD1  sing N N 249 
PHE CD2 CE2  doub Y N 250 
PHE CD2 HD2  sing N N 251 
PHE CE1 CZ   doub Y N 252 
PHE CE1 HE1  sing N N 253 
PHE CE2 CZ   sing Y N 254 
PHE CE2 HE2  sing N N 255 
PHE CZ  HZ   sing N N 256 
PHE OXT HXT  sing N N 257 
PRO N   CA   sing N N 258 
PRO N   CD   sing N N 259 
PRO N   H    sing N N 260 
PRO CA  C    sing N N 261 
PRO CA  CB   sing N N 262 
PRO CA  HA   sing N N 263 
PRO C   O    doub N N 264 
PRO C   OXT  sing N N 265 
PRO CB  CG   sing N N 266 
PRO CB  HB2  sing N N 267 
PRO CB  HB3  sing N N 268 
PRO CG  CD   sing N N 269 
PRO CG  HG2  sing N N 270 
PRO CG  HG3  sing N N 271 
PRO CD  HD2  sing N N 272 
PRO CD  HD3  sing N N 273 
PRO OXT HXT  sing N N 274 
SER N   CA   sing N N 275 
SER N   H    sing N N 276 
SER N   H2   sing N N 277 
SER CA  C    sing N N 278 
SER CA  CB   sing N N 279 
SER CA  HA   sing N N 280 
SER C   O    doub N N 281 
SER C   OXT  sing N N 282 
SER CB  OG   sing N N 283 
SER CB  HB2  sing N N 284 
SER CB  HB3  sing N N 285 
SER OG  HG   sing N N 286 
SER OXT HXT  sing N N 287 
SO4 S   O1   doub N N 288 
SO4 S   O2   doub N N 289 
SO4 S   O3   sing N N 290 
SO4 S   O4   sing N N 291 
THR N   CA   sing N N 292 
THR N   H    sing N N 293 
THR N   H2   sing N N 294 
THR CA  C    sing N N 295 
THR CA  CB   sing N N 296 
THR CA  HA   sing N N 297 
THR C   O    doub N N 298 
THR C   OXT  sing N N 299 
THR CB  OG1  sing N N 300 
THR CB  CG2  sing N N 301 
THR CB  HB   sing N N 302 
THR OG1 HG1  sing N N 303 
THR CG2 HG21 sing N N 304 
THR CG2 HG22 sing N N 305 
THR CG2 HG23 sing N N 306 
THR OXT HXT  sing N N 307 
TRP N   CA   sing N N 308 
TRP N   H    sing N N 309 
TRP N   H2   sing N N 310 
TRP CA  C    sing N N 311 
TRP CA  CB   sing N N 312 
TRP CA  HA   sing N N 313 
TRP C   O    doub N N 314 
TRP C   OXT  sing N N 315 
TRP CB  CG   sing N N 316 
TRP CB  HB2  sing N N 317 
TRP CB  HB3  sing N N 318 
TRP CG  CD1  doub Y N 319 
TRP CG  CD2  sing Y N 320 
TRP CD1 NE1  sing Y N 321 
TRP CD1 HD1  sing N N 322 
TRP CD2 CE2  doub Y N 323 
TRP CD2 CE3  sing Y N 324 
TRP NE1 CE2  sing Y N 325 
TRP NE1 HE1  sing N N 326 
TRP CE2 CZ2  sing Y N 327 
TRP CE3 CZ3  doub Y N 328 
TRP CE3 HE3  sing N N 329 
TRP CZ2 CH2  doub Y N 330 
TRP CZ2 HZ2  sing N N 331 
TRP CZ3 CH2  sing Y N 332 
TRP CZ3 HZ3  sing N N 333 
TRP CH2 HH2  sing N N 334 
TRP OXT HXT  sing N N 335 
TYR N   CA   sing N N 336 
TYR N   H    sing N N 337 
TYR N   H2   sing N N 338 
TYR CA  C    sing N N 339 
TYR CA  CB   sing N N 340 
TYR CA  HA   sing N N 341 
TYR C   O    doub N N 342 
TYR C   OXT  sing N N 343 
TYR CB  CG   sing N N 344 
TYR CB  HB2  sing N N 345 
TYR CB  HB3  sing N N 346 
TYR CG  CD1  doub Y N 347 
TYR CG  CD2  sing Y N 348 
TYR CD1 CE1  sing Y N 349 
TYR CD1 HD1  sing N N 350 
TYR CD2 CE2  doub Y N 351 
TYR CD2 HD2  sing N N 352 
TYR CE1 CZ   doub Y N 353 
TYR CE1 HE1  sing N N 354 
TYR CE2 CZ   sing Y N 355 
TYR CE2 HE2  sing N N 356 
TYR CZ  OH   sing N N 357 
TYR OH  HH   sing N N 358 
TYR OXT HXT  sing N N 359 
VAL N   CA   sing N N 360 
VAL N   H    sing N N 361 
VAL N   H2   sing N N 362 
VAL CA  C    sing N N 363 
VAL CA  CB   sing N N 364 
VAL CA  HA   sing N N 365 
VAL C   O    doub N N 366 
VAL C   OXT  sing N N 367 
VAL CB  CG1  sing N N 368 
VAL CB  CG2  sing N N 369 
VAL CB  HB   sing N N 370 
VAL CG1 HG11 sing N N 371 
VAL CG1 HG12 sing N N 372 
VAL CG1 HG13 sing N N 373 
VAL CG2 HG21 sing N N 374 
VAL CG2 HG22 sing N N 375 
VAL CG2 HG23 sing N N 376 
VAL OXT HXT  sing N N 377 
# 
loop_
_pdbx_entity_nonpoly.entity_id 
_pdbx_entity_nonpoly.name 
_pdbx_entity_nonpoly.comp_id 
2 'SULFATE ION'  SO4 
3 'CHLORIDE ION' CL  
# 
_pdbx_initial_refinement_model.id               1 
_pdbx_initial_refinement_model.entity_id_list   ? 
_pdbx_initial_refinement_model.type             'experimental model' 
_pdbx_initial_refinement_model.source_name      PDB 
_pdbx_initial_refinement_model.accession_code   1WJ1 
_pdbx_initial_refinement_model.details          'PDB ENTRY 1WJ1' 
# 
